data_1ULJ
#
_entry.id   1ULJ
#
_cell.length_a   137.834
_cell.length_b   137.834
_cell.length_c   237.960
_cell.angle_alpha   90.00
_cell.angle_beta   90.00
_cell.angle_gamma   90.00
#
_symmetry.space_group_name_H-M   'P 43 21 2'
#
loop_
_entity.id
_entity.type
_entity.pdbx_description
1 polymer 'biphenyl dioxygenase large subunit'
2 polymer 'biphenyl dioxygenase small subunit'
3 non-polymer 'FE (II) ION'
4 non-polymer 'FE2/S2 (INORGANIC) CLUSTER'
5 non-polymer BIPHENYL
6 water water
#
loop_
_entity_poly.entity_id
_entity_poly.type
_entity_poly.pdbx_seq_one_letter_code
_entity_poly.pdbx_strand_id
1 'polypeptide(L)'
;MTDVQCEPALAGRKPKWADADIAELVDERTGRLDPRIYTDEALYEQELERIFGRSWLLMGHETQIPKAGDFMTNYMGEDP
VMVVRQKNGEIRVFLNQCRHRGMRICRADGGNAKSFTCSYHGWAYDTGGNLVSVPFEEQAFPGLRKEDWGPLQARVETYK
GLIFANWDADAPDLDTYLGEAKFYMDHMLDRTEAGTEAIPGIQKWVIPCNWKFAAEQFCSDMYHAGTTSHLSGILAGLPD
GVDLSELAPPTEGIQYRATWGGHGSGFYIGDPNLLLAIMGPKVTEYWTQGPAAEKASERLGSTERGQQLMAQHMTIFPTC
SFLPGINTIRAWHPRGPNEIEVWAFTVVDADAPEEMKEEYRQQTLRTFSAGGVFEQDDGENWVEIQQVLRGHKARSRPFN
AEMGLGQTDSDNPDYPGTISYVYSEEAARGLYTQWVRMMTSPDWAALDATRPAVSESTHT
;
A,C,E
2 'polypeptide(L)'
;MIDAESPTTAFRTKPAPVDPSLQHEIEQFYYWEAKLLNDRRFQEWFDLLAEDIHYFMPIRTTRIMRETAQEYSGAREYAH
FDDNAQMMRGRLRKITSDVSWSENPASRTRHVISNVMIVDGEKPGEYHVSSVFIVYRNRLERQLDIFAGERKDILRRTGS
EAGFELAKRTILIDQSTILSNNLSFFF
;
B,D,F
#
loop_
_chem_comp.id
_chem_comp.type
_chem_comp.name
_chem_comp.formula
BNL non-polymer BIPHENYL 'C12 H10'
FE2 non-polymer 'FE (II) ION' 'Fe 2'
FES non-polymer 'FE2/S2 (INORGANIC) CLUSTER' 'Fe2 S2'
#
# COMPACT_ATOMS: atom_id res chain seq x y z
N TRP A 17 -21.87 -11.83 16.23
CA TRP A 17 -21.35 -12.02 17.62
C TRP A 17 -22.43 -11.75 18.67
N ALA A 18 -22.65 -12.74 19.54
CA ALA A 18 -23.71 -12.67 20.55
C ALA A 18 -23.17 -12.15 21.86
N ASP A 19 -24.03 -11.57 22.67
CA ASP A 19 -23.64 -10.99 23.96
C ASP A 19 -22.84 -11.97 24.82
N ALA A 20 -23.29 -13.22 24.89
CA ALA A 20 -22.64 -14.22 25.76
C ALA A 20 -21.26 -14.65 25.24
N ASP A 21 -21.16 -14.78 23.92
CA ASP A 21 -19.92 -15.09 23.23
C ASP A 21 -18.86 -14.03 23.51
N ILE A 22 -19.29 -12.76 23.57
CA ILE A 22 -18.38 -11.63 23.83
C ILE A 22 -17.88 -11.64 25.27
N ALA A 23 -18.75 -11.99 26.21
CA ALA A 23 -18.40 -12.03 27.64
C ALA A 23 -17.38 -13.10 27.97
N GLU A 24 -17.36 -14.20 27.22
CA GLU A 24 -16.35 -15.26 27.41
C GLU A 24 -14.96 -14.84 26.94
N LEU A 25 -14.90 -13.81 26.09
CA LEU A 25 -13.64 -13.28 25.60
C LEU A 25 -12.77 -12.71 26.71
N VAL A 26 -13.39 -12.21 27.78
CA VAL A 26 -12.65 -11.59 28.88
C VAL A 26 -13.07 -12.20 30.22
N ASP A 27 -12.09 -12.42 31.09
CA ASP A 27 -12.30 -13.15 32.34
C ASP A 27 -11.42 -12.52 33.41
N GLU A 28 -11.99 -11.54 34.12
CA GLU A 28 -11.27 -10.87 35.20
C GLU A 28 -11.16 -11.71 36.50
N ARG A 29 -11.92 -12.79 36.57
CA ARG A 29 -11.96 -13.69 37.72
C ARG A 29 -10.65 -14.49 37.82
N THR A 30 -10.26 -15.11 36.70
CA THR A 30 -9.00 -15.85 36.57
C THR A 30 -7.90 -15.07 35.80
N GLY A 31 -8.27 -13.91 35.26
CA GLY A 31 -7.35 -13.06 34.51
C GLY A 31 -6.89 -13.53 33.13
N ARG A 32 -7.83 -13.55 32.18
CA ARG A 32 -7.61 -14.13 30.84
C ARG A 32 -8.22 -13.25 29.76
N LEU A 33 -7.47 -13.01 28.69
CA LEU A 33 -7.93 -12.26 27.54
C LEU A 33 -7.75 -13.09 26.28
N ASP A 34 -8.82 -13.22 25.50
CA ASP A 34 -8.79 -13.86 24.21
C ASP A 34 -8.23 -12.84 23.21
N PRO A 35 -7.15 -13.18 22.51
CA PRO A 35 -6.52 -12.25 21.55
C PRO A 35 -7.38 -11.78 20.37
N ARG A 36 -8.50 -12.44 20.11
CA ARG A 36 -9.41 -12.02 19.03
C ARG A 36 -10.08 -10.68 19.31
N ILE A 37 -10.04 -10.22 20.56
CA ILE A 37 -10.59 -8.90 20.86
C ILE A 37 -9.83 -7.82 20.12
N TYR A 38 -8.59 -8.15 19.74
CA TYR A 38 -7.69 -7.20 19.07
C TYR A 38 -7.71 -7.29 17.55
N THR A 39 -8.35 -8.31 16.99
CA THR A 39 -8.26 -8.63 15.55
C THR A 39 -9.59 -8.70 14.78
N ASP A 40 -10.65 -9.14 15.44
CA ASP A 40 -11.88 -9.47 14.76
C ASP A 40 -12.62 -8.25 14.20
N GLU A 41 -12.97 -8.31 12.90
CA GLU A 41 -13.58 -7.16 12.21
C GLU A 41 -15.00 -6.89 12.72
N ALA A 42 -15.70 -7.96 13.09
CA ALA A 42 -17.10 -7.83 13.51
C ALA A 42 -17.22 -7.18 14.90
N LEU A 43 -16.30 -7.53 15.80
CA LEU A 43 -16.21 -6.87 17.10
C LEU A 43 -15.81 -5.41 16.94
N TYR A 44 -15.02 -5.11 15.91
CA TYR A 44 -14.60 -3.74 15.67
C TYR A 44 -15.79 -2.86 15.25
N GLU A 45 -16.57 -3.33 14.29
CA GLU A 45 -17.76 -2.59 13.86
C GLU A 45 -18.68 -2.32 15.06
N GLN A 46 -18.79 -3.30 15.93
CA GLN A 46 -19.59 -3.17 17.14
C GLN A 46 -18.96 -2.22 18.16
N GLU A 47 -17.63 -2.21 18.25
CA GLU A 47 -16.94 -1.22 19.08
C GLU A 47 -17.30 0.21 18.68
N LEU A 48 -17.32 0.50 17.37
CA LEU A 48 -17.66 1.84 16.91
C LEU A 48 -19.09 2.24 17.34
N GLU A 49 -20.02 1.31 17.28
CA GLU A 49 -21.39 1.59 17.68
C GLU A 49 -21.50 1.70 19.21
N ARG A 50 -21.06 0.66 19.91
CA ARG A 50 -21.33 0.49 21.33
C ARG A 50 -20.31 1.09 22.32
N ILE A 51 -19.17 1.53 21.81
CA ILE A 51 -18.15 2.20 22.60
C ILE A 51 -17.96 3.64 22.11
N PHE A 52 -17.44 3.79 20.89
CA PHE A 52 -17.12 5.12 20.36
C PHE A 52 -18.38 5.98 20.04
N GLY A 53 -19.51 5.33 19.78
CA GLY A 53 -20.73 6.02 19.46
C GLY A 53 -21.48 6.53 20.69
N ARG A 54 -21.02 6.16 21.88
CA ARG A 54 -21.68 6.59 23.09
C ARG A 54 -20.78 6.74 24.32
N SER A 55 -19.48 6.92 24.11
CA SER A 55 -18.54 7.23 25.18
C SER A 55 -18.15 8.69 25.05
N TRP A 56 -17.54 9.24 26.10
CA TRP A 56 -16.91 10.56 26.04
C TRP A 56 -15.45 10.41 25.56
N LEU A 57 -15.06 11.25 24.61
CA LEU A 57 -13.76 11.11 23.93
C LEU A 57 -13.10 12.47 23.79
N LEU A 58 -11.79 12.51 24.04
CA LEU A 58 -11.04 13.76 23.97
C LEU A 58 -11.05 14.45 22.59
N MET A 59 -11.49 15.71 22.55
CA MET A 59 -11.39 16.54 21.34
C MET A 59 -10.19 17.48 21.43
N GLY A 60 -9.68 17.66 22.65
CA GLY A 60 -8.49 18.49 22.86
C GLY A 60 -8.57 19.33 24.12
N HIS A 61 -8.14 20.59 23.98
CA HIS A 61 -8.10 21.55 25.07
C HIS A 61 -8.74 22.86 24.64
N GLU A 62 -9.38 23.54 25.60
CA GLU A 62 -10.08 24.81 25.39
C GLU A 62 -9.21 25.86 24.74
N THR A 63 -7.96 25.93 25.17
CA THR A 63 -7.06 26.99 24.71
C THR A 63 -6.50 26.75 23.31
N GLN A 64 -6.72 25.57 22.73
CA GLN A 64 -6.37 25.34 21.32
C GLN A 64 -7.31 26.10 20.38
N ILE A 65 -8.57 26.29 20.80
CA ILE A 65 -9.56 27.09 20.05
C ILE A 65 -10.13 28.21 20.93
N PRO A 66 -9.31 29.20 21.28
CA PRO A 66 -9.71 30.22 22.26
C PRO A 66 -10.63 31.33 21.72
N LYS A 67 -10.46 31.73 20.46
CA LYS A 67 -11.25 32.81 19.88
C LYS A 67 -12.42 32.31 19.06
N ALA A 68 -13.40 33.18 18.87
CA ALA A 68 -14.58 32.85 18.09
C ALA A 68 -14.20 32.58 16.62
N GLY A 69 -14.71 31.46 16.09
CA GLY A 69 -14.41 31.02 14.75
C GLY A 69 -13.29 30.00 14.73
N ASP A 70 -12.59 29.84 15.84
CA ASP A 70 -11.42 28.97 15.84
C ASP A 70 -11.86 27.52 15.79
N PHE A 71 -11.35 26.78 14.81
CA PHE A 71 -11.69 25.36 14.68
C PHE A 71 -10.44 24.47 14.61
N MET A 72 -10.65 23.22 15.01
CA MET A 72 -9.72 22.13 14.72
C MET A 72 -10.53 20.88 14.40
N THR A 73 -9.93 19.95 13.68
CA THR A 73 -10.62 18.72 13.34
C THR A 73 -10.22 17.68 14.37
N ASN A 74 -11.00 16.62 14.47
CA ASN A 74 -10.67 15.49 15.30
C ASN A 74 -11.47 14.30 14.82
N TYR A 75 -11.42 13.19 15.56
CA TYR A 75 -12.21 12.01 15.27
C TYR A 75 -12.94 11.53 16.52
N MET A 76 -14.12 10.96 16.29
CA MET A 76 -14.78 10.10 17.27
C MET A 76 -14.87 8.75 16.56
N GLY A 77 -13.97 7.85 16.89
CA GLY A 77 -13.80 6.64 16.12
C GLY A 77 -13.27 6.96 14.73
N GLU A 78 -13.99 6.51 13.71
CA GLU A 78 -13.61 6.82 12.34
C GLU A 78 -14.57 7.87 11.75
N ASP A 79 -15.28 8.58 12.63
CA ASP A 79 -16.08 9.74 12.27
C ASP A 79 -15.31 11.02 12.46
N PRO A 80 -15.03 11.75 11.37
CA PRO A 80 -14.31 13.02 11.48
C PRO A 80 -15.27 14.08 11.95
N VAL A 81 -14.81 14.98 12.80
CA VAL A 81 -15.67 15.98 13.43
C VAL A 81 -15.02 17.37 13.38
N MET A 82 -15.84 18.40 13.48
CA MET A 82 -15.33 19.76 13.63
C MET A 82 -15.55 20.22 15.06
N VAL A 83 -14.49 20.74 15.68
CA VAL A 83 -14.53 21.34 17.00
C VAL A 83 -14.37 22.85 16.81
N VAL A 84 -15.42 23.61 17.10
CA VAL A 84 -15.49 25.03 16.69
C VAL A 84 -15.99 25.97 17.79
N ARG A 85 -15.17 26.96 18.13
CA ARG A 85 -15.58 27.95 19.11
C ARG A 85 -16.60 28.93 18.53
N GLN A 86 -17.71 29.09 19.23
CA GLN A 86 -18.80 29.99 18.82
C GLN A 86 -18.64 31.42 19.38
N LYS A 87 -19.50 32.31 18.91
CA LYS A 87 -19.53 33.72 19.35
C LYS A 87 -19.93 33.88 20.83
N ASN A 88 -20.69 32.94 21.37
CA ASN A 88 -21.09 32.97 22.80
C ASN A 88 -20.14 32.19 23.73
N GLY A 89 -19.05 31.68 23.17
CA GLY A 89 -18.09 30.90 23.94
C GLY A 89 -18.36 29.41 23.91
N GLU A 90 -19.54 29.00 23.49
CA GLU A 90 -19.80 27.58 23.31
C GLU A 90 -18.71 26.93 22.40
N ILE A 91 -18.37 25.69 22.72
CA ILE A 91 -17.63 24.80 21.81
C ILE A 91 -18.61 23.78 21.23
N ARG A 92 -18.74 23.79 19.91
CA ARG A 92 -19.59 22.81 19.22
C ARG A 92 -18.77 21.73 18.55
N VAL A 93 -19.32 20.52 18.53
CA VAL A 93 -18.70 19.42 17.82
C VAL A 93 -19.73 18.83 16.85
N PHE A 94 -19.43 18.80 15.56
CA PHE A 94 -20.34 18.18 14.58
C PHE A 94 -19.61 17.38 13.52
N LEU A 95 -20.26 16.31 13.04
CA LEU A 95 -19.72 15.51 11.97
C LEU A 95 -19.29 16.41 10.81
N ASN A 96 -18.10 16.12 10.27
CA ASN A 96 -17.52 16.82 9.13
C ASN A 96 -18.04 16.16 7.83
N GLN A 97 -19.37 16.11 7.71
CA GLN A 97 -20.07 15.51 6.59
C GLN A 97 -21.29 16.33 6.26
N CYS A 98 -21.30 16.88 5.05
CA CYS A 98 -22.48 17.52 4.48
C CYS A 98 -23.52 16.44 4.25
N ARG A 99 -24.79 16.73 4.55
CA ARG A 99 -25.86 15.72 4.52
C ARG A 99 -26.43 15.53 3.14
N HIS A 100 -26.10 16.43 2.22
CA HIS A 100 -26.56 16.30 0.83
C HIS A 100 -26.02 15.03 0.21
N ARG A 101 -24.72 15.01 -0.04
CA ARG A 101 -24.09 13.87 -0.71
C ARG A 101 -22.73 13.53 -0.11
N GLY A 102 -22.53 13.87 1.17
CA GLY A 102 -21.47 13.30 1.96
C GLY A 102 -20.14 14.00 2.02
N MET A 103 -19.98 15.13 1.34
CA MET A 103 -18.66 15.75 1.24
C MET A 103 -18.19 16.18 2.63
N ARG A 104 -16.90 16.23 2.81
CA ARG A 104 -16.31 16.71 4.03
C ARG A 104 -16.40 18.21 3.99
N ILE A 105 -17.12 18.78 4.94
CA ILE A 105 -17.42 20.22 5.01
C ILE A 105 -16.18 21.11 5.04
N CYS A 106 -15.13 20.63 5.70
CA CYS A 106 -13.88 21.40 5.79
C CYS A 106 -12.65 20.48 5.84
N ARG A 107 -11.66 20.78 4.98
CA ARG A 107 -10.52 19.90 4.76
C ARG A 107 -9.20 20.38 5.36
N ALA A 108 -9.21 21.58 5.94
CA ALA A 108 -8.06 22.02 6.74
C ALA A 108 -8.12 21.44 8.14
N ASP A 109 -6.96 21.31 8.78
CA ASP A 109 -6.86 20.82 10.17
C ASP A 109 -7.35 21.84 11.19
N GLY A 110 -7.22 23.12 10.88
CA GLY A 110 -7.63 24.17 11.76
C GLY A 110 -7.42 25.57 11.18
N GLY A 111 -7.91 26.56 11.92
CA GLY A 111 -7.79 27.94 11.50
C GLY A 111 -8.87 28.76 12.14
N ASN A 112 -9.27 29.83 11.47
CA ASN A 112 -10.38 30.66 11.93
C ASN A 112 -11.30 30.92 10.75
N ALA A 113 -12.58 30.62 10.92
CA ALA A 113 -13.54 30.78 9.84
C ALA A 113 -14.82 31.47 10.33
N LYS A 114 -15.44 32.25 9.45
CA LYS A 114 -16.72 32.90 9.74
C LYS A 114 -17.89 32.02 9.30
N SER A 115 -17.60 31.08 8.41
CA SER A 115 -18.57 30.10 7.98
C SER A 115 -17.82 29.05 7.17
N PHE A 116 -18.53 27.96 6.84
CA PHE A 116 -17.97 26.89 6.03
C PHE A 116 -18.87 26.58 4.86
N THR A 117 -18.28 26.40 3.70
CA THR A 117 -19.05 26.03 2.50
C THR A 117 -18.57 24.69 1.96
N CYS A 118 -19.54 23.84 1.66
CA CYS A 118 -19.29 22.58 0.98
C CYS A 118 -18.80 22.86 -0.43
N SER A 119 -17.67 22.26 -0.79
CA SER A 119 -17.06 22.52 -2.10
C SER A 119 -17.78 21.77 -3.24
N TYR A 120 -18.68 20.83 -2.91
CA TYR A 120 -19.33 19.99 -3.92
C TYR A 120 -20.53 20.67 -4.58
N HIS A 121 -21.55 21.02 -3.79
CA HIS A 121 -22.73 21.75 -4.29
C HIS A 121 -23.05 23.05 -3.52
N GLY A 122 -22.14 23.52 -2.68
CA GLY A 122 -22.25 24.85 -2.10
C GLY A 122 -23.25 25.07 -0.97
N TRP A 123 -23.67 24.00 -0.29
CA TRP A 123 -24.49 24.14 0.92
C TRP A 123 -23.63 24.80 1.99
N ALA A 124 -24.17 25.86 2.60
CA ALA A 124 -23.41 26.71 3.49
C ALA A 124 -23.87 26.51 4.93
N TYR A 125 -22.92 26.66 5.85
CA TYR A 125 -23.14 26.41 7.28
C TYR A 125 -22.57 27.58 8.12
N ASP A 126 -23.17 27.87 9.27
CA ASP A 126 -22.51 28.78 10.23
C ASP A 126 -21.42 28.05 11.01
N THR A 127 -20.72 28.77 11.89
CA THR A 127 -19.64 28.16 12.65
C THR A 127 -20.10 27.08 13.63
N GLY A 128 -21.40 26.87 13.79
CA GLY A 128 -21.92 25.84 14.67
C GLY A 128 -22.43 24.63 13.93
N GLY A 129 -22.28 24.63 12.62
CA GLY A 129 -22.74 23.54 11.78
C GLY A 129 -24.24 23.51 11.52
N ASN A 130 -24.89 24.67 11.62
CA ASN A 130 -26.28 24.82 11.20
C ASN A 130 -26.26 25.14 9.73
N LEU A 131 -27.12 24.46 8.97
CA LEU A 131 -27.31 24.74 7.54
C LEU A 131 -28.07 26.06 7.36
N VAL A 132 -27.38 27.08 6.83
CA VAL A 132 -27.94 28.42 6.67
C VAL A 132 -28.34 28.79 5.23
N SER A 133 -27.77 28.14 4.21
CA SER A 133 -28.26 28.34 2.83
C SER A 133 -27.93 27.21 1.85
N VAL A 134 -28.76 27.11 0.82
CA VAL A 134 -28.71 26.06 -0.18
C VAL A 134 -28.89 26.76 -1.51
N PRO A 135 -27.92 26.68 -2.43
CA PRO A 135 -28.06 27.37 -3.72
C PRO A 135 -29.35 27.01 -4.45
N PHE A 136 -30.04 28.02 -5.01
CA PHE A 136 -31.30 27.81 -5.73
C PHE A 136 -32.31 27.05 -4.86
N GLU A 137 -32.49 27.54 -3.63
CA GLU A 137 -33.42 26.91 -2.68
C GLU A 137 -34.87 27.02 -3.15
N GLU A 138 -35.20 28.16 -3.75
CA GLU A 138 -36.60 28.52 -4.02
C GLU A 138 -37.25 27.52 -4.98
N GLN A 139 -36.62 27.35 -6.15
CA GLN A 139 -37.09 26.44 -7.20
C GLN A 139 -36.78 24.95 -6.94
N ALA A 140 -35.54 24.68 -6.55
CA ALA A 140 -35.04 23.31 -6.42
C ALA A 140 -35.49 22.62 -5.12
N PHE A 141 -35.46 23.37 -4.01
CA PHE A 141 -35.79 22.83 -2.67
C PHE A 141 -36.90 23.65 -2.00
N PRO A 142 -38.13 23.59 -2.51
CA PRO A 142 -39.22 24.39 -1.95
C PRO A 142 -39.59 24.02 -0.50
N GLY A 143 -39.80 22.73 -0.22
CA GLY A 143 -40.21 22.30 1.12
C GLY A 143 -39.16 22.41 2.21
N LEU A 144 -37.88 22.41 1.81
CA LEU A 144 -36.72 22.18 2.69
C LEU A 144 -36.67 22.93 4.01
N ARG A 145 -36.72 22.14 5.09
CA ARG A 145 -36.50 22.65 6.44
C ARG A 145 -35.02 22.53 6.75
N LYS A 146 -34.24 23.56 6.40
CA LYS A 146 -32.78 23.58 6.55
C LYS A 146 -32.28 23.22 7.95
N GLU A 147 -33.10 23.46 8.96
CA GLU A 147 -32.72 23.20 10.35
C GLU A 147 -32.86 21.71 10.77
N ASP A 148 -33.34 20.87 9.87
CA ASP A 148 -33.37 19.42 10.08
C ASP A 148 -32.24 18.69 9.30
N TRP A 149 -31.46 19.42 8.49
CA TRP A 149 -30.51 18.81 7.55
C TRP A 149 -29.05 19.23 7.74
N GLY A 150 -28.74 19.76 8.93
CA GLY A 150 -27.37 20.07 9.32
C GLY A 150 -26.72 18.85 9.93
N PRO A 151 -25.39 18.77 9.90
CA PRO A 151 -24.69 17.57 10.36
C PRO A 151 -24.91 17.21 11.83
N LEU A 152 -24.84 15.91 12.13
CA LEU A 152 -25.04 15.39 13.48
C LEU A 152 -24.17 16.14 14.49
N GLN A 153 -24.75 16.52 15.63
CA GLN A 153 -24.08 17.31 16.67
C GLN A 153 -23.80 16.41 17.86
N ALA A 154 -22.61 16.55 18.43
CA ALA A 154 -22.26 15.85 19.64
C ALA A 154 -22.46 16.76 20.84
N ARG A 155 -22.63 16.15 22.00
CA ARG A 155 -22.64 16.87 23.25
C ARG A 155 -21.20 17.21 23.59
N VAL A 156 -20.99 18.44 24.05
CA VAL A 156 -19.66 18.87 24.44
C VAL A 156 -19.68 19.28 25.91
N GLU A 157 -18.61 18.91 26.61
CA GLU A 157 -18.44 19.19 28.02
C GLU A 157 -16.94 19.23 28.33
N THR A 158 -16.52 20.16 29.19
CA THR A 158 -15.12 20.28 29.56
C THR A 158 -14.89 19.77 30.96
N TYR A 159 -13.62 19.53 31.24
CA TYR A 159 -13.17 19.30 32.59
C TYR A 159 -11.77 19.92 32.69
N LYS A 160 -11.70 21.11 33.29
CA LYS A 160 -10.42 21.73 33.68
C LYS A 160 -9.50 21.91 32.46
N GLY A 161 -10.09 22.41 31.37
CA GLY A 161 -9.37 22.62 30.12
C GLY A 161 -9.65 21.60 29.02
N LEU A 162 -9.81 20.34 29.39
CA LEU A 162 -10.00 19.28 28.40
C LEU A 162 -11.40 19.36 27.80
N ILE A 163 -11.50 19.23 26.47
CA ILE A 163 -12.78 19.13 25.79
C ILE A 163 -13.12 17.67 25.53
N PHE A 164 -14.37 17.28 25.76
CA PHE A 164 -14.80 15.90 25.50
C PHE A 164 -16.10 15.94 24.69
N ALA A 165 -16.34 14.87 23.91
CA ALA A 165 -17.57 14.76 23.12
C ALA A 165 -18.20 13.38 23.22
N ASN A 166 -19.51 13.33 22.98
CA ASN A 166 -20.30 12.10 23.11
C ASN A 166 -21.59 12.28 22.31
N TRP A 167 -21.80 11.44 21.30
CA TRP A 167 -23.05 11.50 20.51
C TRP A 167 -24.34 11.27 21.33
N ASP A 168 -24.27 10.37 22.32
CA ASP A 168 -25.46 9.83 22.99
C ASP A 168 -26.13 10.79 24.00
N ALA A 169 -27.37 11.16 23.75
CA ALA A 169 -28.17 11.99 24.66
C ALA A 169 -28.41 11.27 25.99
N ASP A 170 -28.49 9.94 25.94
CA ASP A 170 -28.77 9.13 27.12
C ASP A 170 -27.56 8.84 28.01
N ALA A 171 -26.36 9.14 27.55
CA ALA A 171 -25.16 8.90 28.36
C ALA A 171 -25.17 9.83 29.56
N PRO A 172 -24.47 9.49 30.63
CA PRO A 172 -24.37 10.39 31.78
C PRO A 172 -23.59 11.65 31.38
N ASP A 173 -23.57 12.63 32.25
CA ASP A 173 -22.82 13.84 31.97
C ASP A 173 -21.33 13.52 32.18
N LEU A 174 -20.44 14.39 31.70
CA LEU A 174 -18.99 14.13 31.77
C LEU A 174 -18.46 13.96 33.18
N ASP A 175 -19.00 14.72 34.12
CA ASP A 175 -18.67 14.60 35.55
C ASP A 175 -18.84 13.18 36.08
N THR A 176 -19.98 12.59 35.76
CA THR A 176 -20.39 11.28 36.23
C THR A 176 -19.62 10.19 35.49
N TYR A 177 -19.42 10.37 34.19
CA TYR A 177 -18.68 9.42 33.37
C TYR A 177 -17.25 9.32 33.89
N LEU A 178 -16.67 10.48 34.20
CA LEU A 178 -15.39 10.50 34.92
C LEU A 178 -15.50 9.93 36.35
N GLY A 179 -16.50 10.35 37.12
CA GLY A 179 -16.68 9.89 38.49
C GLY A 179 -15.46 10.17 39.34
N GLU A 180 -14.95 9.14 40.01
CA GLU A 180 -13.82 9.29 40.94
C GLU A 180 -12.45 9.29 40.25
N ALA A 181 -12.45 9.11 38.92
CA ALA A 181 -11.23 9.32 38.13
C ALA A 181 -10.85 10.81 38.08
N LYS A 182 -11.80 11.68 38.40
CA LYS A 182 -11.52 13.12 38.55
C LYS A 182 -10.35 13.38 39.50
N PHE A 183 -10.36 12.66 40.62
CA PHE A 183 -9.30 12.71 41.64
C PHE A 183 -7.92 12.58 41.01
N TYR A 184 -7.71 11.54 40.20
CA TYR A 184 -6.38 11.26 39.64
C TYR A 184 -6.02 12.16 38.45
N MET A 185 -7.03 12.68 37.77
CA MET A 185 -6.83 13.62 36.67
C MET A 185 -6.30 14.92 37.21
N ASP A 186 -6.71 15.21 38.46
CA ASP A 186 -6.45 16.49 39.09
C ASP A 186 -4.98 16.68 39.39
N HIS A 187 -4.23 15.59 39.51
CA HIS A 187 -2.79 15.71 39.70
C HIS A 187 -2.10 16.47 38.56
N MET A 188 -2.77 16.58 37.42
CA MET A 188 -2.31 17.31 36.23
C MET A 188 -3.13 18.60 35.97
N LEU A 189 -4.44 18.53 36.12
CA LEU A 189 -5.33 19.60 35.62
C LEU A 189 -5.64 20.72 36.60
N ASP A 190 -5.46 20.47 37.90
CA ASP A 190 -5.91 21.38 38.96
C ASP A 190 -4.83 21.74 39.96
N ARG A 191 -3.60 21.85 39.50
CA ARG A 191 -2.45 22.17 40.36
C ARG A 191 -2.33 23.66 40.67
N THR A 192 -3.11 24.49 39.99
CA THR A 192 -3.13 25.93 40.23
C THR A 192 -4.48 26.52 39.83
N GLU A 193 -4.83 27.66 40.43
CA GLU A 193 -6.08 28.37 40.09
C GLU A 193 -6.14 28.86 38.64
N ALA A 194 -5.01 29.11 38.01
CA ALA A 194 -5.00 29.59 36.63
C ALA A 194 -5.41 28.51 35.62
N GLY A 195 -5.30 27.23 36.03
CA GLY A 195 -5.58 26.09 35.17
C GLY A 195 -4.41 25.75 34.24
N THR A 196 -4.62 24.81 33.32
CA THR A 196 -3.59 24.51 32.30
C THR A 196 -3.94 25.15 30.98
N GLU A 197 -2.94 25.19 30.10
CA GLU A 197 -3.10 25.47 28.68
C GLU A 197 -2.33 24.43 27.85
N ALA A 198 -2.69 24.33 26.58
CA ALA A 198 -1.97 23.52 25.62
C ALA A 198 -0.87 24.33 25.04
N ILE A 199 0.31 23.74 24.94
CA ILE A 199 1.30 24.21 23.98
C ILE A 199 0.72 23.99 22.57
N PRO A 200 0.83 24.97 21.69
CA PRO A 200 0.31 24.79 20.34
C PRO A 200 1.08 23.68 19.63
N GLY A 201 0.42 22.96 18.73
CA GLY A 201 1.08 21.90 17.99
C GLY A 201 0.58 20.54 18.43
N ILE A 202 0.10 19.75 17.47
CA ILE A 202 -0.38 18.39 17.74
C ILE A 202 0.33 17.44 16.80
N GLN A 203 1.07 16.49 17.35
CA GLN A 203 1.69 15.45 16.55
C GLN A 203 0.72 14.29 16.31
N LYS A 204 0.65 13.85 15.06
CA LYS A 204 -0.20 12.76 14.66
C LYS A 204 0.63 11.74 13.91
N TRP A 205 0.51 10.46 14.29
CA TRP A 205 1.17 9.39 13.56
C TRP A 205 0.40 8.07 13.54
N VAL A 206 0.84 7.15 12.68
CA VAL A 206 0.10 5.90 12.40
C VAL A 206 0.86 4.71 12.95
N ILE A 207 0.23 3.97 13.86
CA ILE A 207 0.79 2.74 14.41
C ILE A 207 -0.13 1.59 14.09
N PRO A 208 0.28 0.64 13.25
CA PRO A 208 -0.52 -0.57 12.99
C PRO A 208 -0.70 -1.49 14.23
N CYS A 209 -1.56 -1.10 15.14
CA CYS A 209 -1.95 -1.97 16.25
C CYS A 209 -3.34 -1.60 16.74
N ASN A 210 -3.92 -2.50 17.52
CA ASN A 210 -5.24 -2.28 18.08
C ASN A 210 -5.20 -1.20 19.15
N TRP A 211 -6.29 -0.42 19.23
CA TRP A 211 -6.36 0.71 20.12
C TRP A 211 -6.30 0.29 21.59
N LYS A 212 -6.82 -0.89 21.90
CA LYS A 212 -6.85 -1.39 23.27
C LYS A 212 -5.48 -1.66 23.88
N PHE A 213 -4.45 -1.86 23.06
CA PHE A 213 -3.10 -2.10 23.58
C PHE A 213 -2.59 -0.79 24.19
N ALA A 214 -2.81 0.30 23.45
CA ALA A 214 -2.45 1.63 23.90
C ALA A 214 -3.32 2.08 25.05
N ALA A 215 -4.63 1.98 24.92
CA ALA A 215 -5.52 2.36 26.01
C ALA A 215 -5.18 1.63 27.33
N GLU A 216 -4.91 0.34 27.21
CA GLU A 216 -4.54 -0.49 28.34
C GLU A 216 -3.20 -0.14 28.93
N GLN A 217 -2.24 0.19 28.08
CA GLN A 217 -0.91 0.49 28.59
C GLN A 217 -0.99 1.69 29.53
N PHE A 218 -1.67 2.74 29.09
CA PHE A 218 -1.72 3.97 29.88
C PHE A 218 -2.64 3.83 31.11
N CYS A 219 -3.53 2.82 31.07
CA CYS A 219 -4.46 2.52 32.17
C CYS A 219 -3.74 1.85 33.35
N SER A 220 -2.87 0.88 33.04
CA SER A 220 -2.46 -0.14 34.02
C SER A 220 -1.02 -0.64 33.94
N ASP A 221 -0.24 -0.15 32.99
CA ASP A 221 1.02 -0.77 32.64
C ASP A 221 2.27 0.05 33.04
N MET A 222 2.43 0.30 34.32
CA MET A 222 3.73 0.76 34.82
C MET A 222 4.77 -0.34 34.71
N TYR A 223 4.31 -1.59 34.80
CA TYR A 223 5.13 -2.81 34.68
C TYR A 223 6.09 -2.79 33.50
N HIS A 224 5.58 -2.38 32.33
CA HIS A 224 6.43 -2.24 31.14
C HIS A 224 7.50 -1.15 31.30
N ALA A 225 7.17 -0.07 32.02
CA ALA A 225 8.13 1.01 32.29
C ALA A 225 9.24 0.57 33.25
N GLY A 226 8.86 -0.18 34.28
CA GLY A 226 9.80 -0.67 35.29
C GLY A 226 10.56 -1.94 34.94
N THR A 227 10.51 -2.35 33.67
CA THR A 227 11.23 -3.55 33.22
C THR A 227 12.12 -3.27 31.99
N THR A 228 11.73 -3.73 30.81
CA THR A 228 12.61 -3.76 29.64
C THR A 228 12.26 -2.73 28.56
N SER A 229 10.99 -2.32 28.51
CA SER A 229 10.51 -1.57 27.35
C SER A 229 11.36 -0.35 27.10
N HIS A 230 11.68 0.36 28.18
CA HIS A 230 12.41 1.63 28.13
C HIS A 230 13.77 1.64 28.82
N LEU A 231 14.49 0.52 28.86
CA LEU A 231 15.87 0.56 29.39
C LEU A 231 16.69 1.60 28.65
N SER A 232 16.55 1.65 27.32
CA SER A 232 17.31 2.59 26.50
C SER A 232 16.90 4.06 26.68
N GLY A 233 15.62 4.29 26.99
CA GLY A 233 15.11 5.65 27.12
C GLY A 233 15.54 6.32 28.40
N ILE A 234 15.62 5.53 29.47
CA ILE A 234 16.17 5.94 30.75
C ILE A 234 17.65 6.27 30.60
N LEU A 235 18.37 5.37 29.95
CA LEU A 235 19.79 5.57 29.61
C LEU A 235 20.06 6.91 28.93
N ALA A 236 19.18 7.29 28.01
CA ALA A 236 19.37 8.50 27.21
C ALA A 236 19.34 9.78 28.05
N GLY A 237 18.53 9.78 29.09
CA GLY A 237 18.40 10.93 29.97
C GLY A 237 19.39 10.94 31.13
N LEU A 238 20.21 9.90 31.27
CA LEU A 238 21.31 9.84 32.25
C LEU A 238 22.55 10.60 31.74
N PRO A 239 23.50 10.94 32.63
CA PRO A 239 24.80 11.51 32.23
C PRO A 239 25.66 10.62 31.30
N PRO A 250 12.90 1.78 40.79
CA PRO A 250 11.89 2.45 41.63
C PRO A 250 10.89 1.44 42.14
N THR A 251 10.38 1.58 43.37
CA THR A 251 9.74 0.45 44.07
C THR A 251 8.38 0.64 44.78
N GLU A 252 8.16 1.80 45.39
CA GLU A 252 6.88 2.08 46.04
C GLU A 252 5.97 2.79 45.04
N GLY A 253 4.68 2.53 45.14
CA GLY A 253 3.69 3.07 44.22
C GLY A 253 2.39 2.31 44.35
N ILE A 254 1.30 2.94 43.93
CA ILE A 254 -0.03 2.32 43.93
C ILE A 254 -0.70 2.47 42.57
N GLN A 255 -1.80 1.75 42.36
CA GLN A 255 -2.56 1.79 41.11
C GLN A 255 -4.04 1.85 41.39
N TYR A 256 -4.73 2.65 40.58
CA TYR A 256 -6.14 2.91 40.78
C TYR A 256 -6.91 2.20 39.67
N ARG A 257 -7.86 1.35 40.06
CA ARG A 257 -8.91 0.89 39.16
C ARG A 257 -10.24 1.57 39.55
N ALA A 258 -10.95 2.08 38.56
CA ALA A 258 -12.22 2.73 38.78
C ALA A 258 -13.25 1.74 39.33
N THR A 259 -13.99 2.18 40.34
CA THR A 259 -15.10 1.40 40.89
C THR A 259 -15.97 0.94 39.71
N TRP A 260 -16.14 1.82 38.73
CA TRP A 260 -16.86 1.48 37.51
C TRP A 260 -16.33 2.35 36.35
N GLY A 261 -16.45 1.84 35.12
CA GLY A 261 -16.34 2.69 33.94
C GLY A 261 -15.07 2.57 33.13
N GLY A 262 -14.13 1.76 33.64
CA GLY A 262 -12.96 1.32 32.90
C GLY A 262 -11.74 2.23 32.94
N HIS A 263 -11.75 3.25 33.79
CA HIS A 263 -10.63 4.18 33.87
C HIS A 263 -9.61 3.56 34.82
N GLY A 264 -8.36 3.97 34.69
CA GLY A 264 -7.32 3.54 35.61
C GLY A 264 -6.13 4.49 35.63
N SER A 265 -5.36 4.50 36.71
CA SER A 265 -4.11 5.26 36.79
C SER A 265 -3.15 4.63 37.79
N GLY A 266 -1.87 4.61 37.44
CA GLY A 266 -0.82 4.15 38.33
C GLY A 266 0.23 5.23 38.52
N PHE A 267 0.97 5.15 39.63
CA PHE A 267 2.09 6.06 39.89
C PHE A 267 3.04 5.56 40.98
N TYR A 268 4.29 5.97 40.87
CA TYR A 268 5.28 5.81 41.92
C TYR A 268 5.18 6.89 43.00
N ILE A 269 5.53 6.52 44.24
CA ILE A 269 5.58 7.43 45.38
C ILE A 269 6.99 7.45 45.96
N GLY A 270 7.54 8.64 46.11
CA GLY A 270 8.74 8.85 46.90
C GLY A 270 10.02 9.09 46.12
N ASP A 271 10.20 8.36 45.04
CA ASP A 271 11.50 8.25 44.39
C ASP A 271 11.61 9.08 43.09
N PRO A 272 12.17 10.29 43.15
CA PRO A 272 12.30 11.14 41.94
C PRO A 272 13.47 10.75 41.00
N ASN A 273 13.98 9.53 41.08
CA ASN A 273 15.06 9.09 40.19
C ASN A 273 14.50 8.93 38.78
N LEU A 274 13.46 8.11 38.63
CA LEU A 274 12.95 7.81 37.28
C LEU A 274 12.43 9.05 36.58
N LEU A 275 11.67 9.90 37.29
CA LEU A 275 11.19 11.17 36.71
C LEU A 275 12.36 12.05 36.21
N LEU A 276 13.47 12.04 36.94
CA LEU A 276 14.68 12.81 36.57
C LEU A 276 15.20 12.40 35.19
N ALA A 277 15.28 11.10 34.94
CA ALA A 277 15.89 10.57 33.71
C ALA A 277 14.95 10.66 32.51
N ILE A 278 13.66 10.92 32.77
CA ILE A 278 12.65 11.08 31.73
C ILE A 278 12.54 12.53 31.29
N MET A 279 12.33 13.41 32.28
CA MET A 279 11.97 14.81 32.06
C MET A 279 13.06 15.79 32.50
N GLY A 280 14.17 15.28 33.00
CA GLY A 280 15.27 16.11 33.44
C GLY A 280 15.02 16.81 34.74
N PRO A 281 16.03 17.55 35.21
CA PRO A 281 16.02 18.17 36.55
C PRO A 281 15.12 19.39 36.73
N LYS A 282 14.96 20.24 35.72
CA LYS A 282 14.14 21.44 35.89
C LYS A 282 12.67 21.07 36.16
N VAL A 283 12.15 20.14 35.36
CA VAL A 283 10.76 19.68 35.49
C VAL A 283 10.57 18.89 36.77
N THR A 284 11.54 18.04 37.11
CA THR A 284 11.53 17.33 38.40
C THR A 284 11.43 18.31 39.58
N GLU A 285 12.24 19.36 39.56
CA GLU A 285 12.22 20.36 40.61
C GLU A 285 10.85 21.05 40.64
N TYR A 286 10.39 21.56 39.50
CA TYR A 286 9.08 22.20 39.44
C TYR A 286 7.95 21.32 39.99
N TRP A 287 8.05 20.00 39.79
CA TRP A 287 6.98 19.07 40.14
C TRP A 287 6.96 18.73 41.63
N THR A 288 8.11 18.85 42.30
CA THR A 288 8.29 18.27 43.65
C THR A 288 8.76 19.22 44.78
N GLN A 289 9.45 20.29 44.43
CA GLN A 289 9.92 21.32 45.36
C GLN A 289 9.50 22.73 44.90
N GLY A 290 9.47 23.67 45.83
CA GLY A 290 9.31 25.07 45.48
C GLY A 290 7.87 25.50 45.64
N PRO A 291 7.57 26.75 45.31
CA PRO A 291 6.22 27.31 45.47
C PRO A 291 5.11 26.63 44.62
N ALA A 292 5.39 26.31 43.35
CA ALA A 292 4.35 25.76 42.49
C ALA A 292 3.89 24.36 42.94
N ALA A 293 4.83 23.51 43.36
CA ALA A 293 4.49 22.18 43.93
C ALA A 293 3.82 22.31 45.29
N GLU A 294 4.31 23.23 46.11
CA GLU A 294 3.69 23.52 47.41
C GLU A 294 2.24 23.93 47.26
N LYS A 295 1.91 24.65 46.19
CA LYS A 295 0.55 25.10 45.93
C LYS A 295 -0.34 23.95 45.47
N ALA A 296 0.25 23.05 44.69
CA ALA A 296 -0.43 21.83 44.26
C ALA A 296 -0.86 20.99 45.46
N SER A 297 0.07 20.79 46.40
CA SER A 297 -0.23 20.06 47.64
C SER A 297 -1.40 20.67 48.44
N GLU A 298 -1.48 22.01 48.42
CA GLU A 298 -2.53 22.77 49.09
C GLU A 298 -3.91 22.55 48.44
N ARG A 299 -3.99 22.67 47.12
CA ARG A 299 -5.26 22.47 46.36
C ARG A 299 -5.75 21.00 46.36
N LEU A 300 -4.83 20.06 46.55
CA LEU A 300 -5.16 18.64 46.58
C LEU A 300 -5.23 18.06 47.99
N GLY A 301 -4.98 18.88 49.01
CA GLY A 301 -5.05 18.46 50.39
C GLY A 301 -4.11 17.32 50.75
N SER A 302 -2.96 17.23 50.10
CA SER A 302 -1.96 16.23 50.45
C SER A 302 -0.59 16.60 49.90
N THR A 303 0.43 16.52 50.75
CA THR A 303 1.80 16.72 50.33
C THR A 303 2.24 15.56 49.44
N GLU A 304 1.70 14.37 49.71
CA GLU A 304 1.97 13.21 48.86
C GLU A 304 1.45 13.42 47.44
N ARG A 305 0.20 13.85 47.32
CA ARG A 305 -0.47 14.02 46.01
C ARG A 305 0.28 15.01 45.15
N GLY A 306 0.78 16.08 45.77
CA GLY A 306 1.31 17.22 45.05
C GLY A 306 2.79 17.17 44.78
N GLN A 307 3.54 16.48 45.62
CA GLN A 307 4.99 16.59 45.59
C GLN A 307 5.75 15.26 45.57
N GLN A 308 5.06 14.15 45.84
CA GLN A 308 5.66 12.81 45.93
C GLN A 308 5.13 11.82 44.87
N LEU A 309 4.42 12.32 43.85
CA LEU A 309 3.96 11.47 42.74
C LEU A 309 4.91 11.57 41.53
N MET A 310 5.39 10.41 41.11
CA MET A 310 6.44 10.25 40.11
C MET A 310 5.89 9.43 38.93
N ALA A 311 5.91 10.00 37.73
CA ALA A 311 5.55 9.26 36.50
C ALA A 311 4.17 8.59 36.53
N GLN A 312 3.14 9.39 36.71
CA GLN A 312 1.79 8.89 36.70
C GLN A 312 1.38 8.63 35.24
N HIS A 313 0.67 7.52 35.03
CA HIS A 313 0.05 7.20 33.75
C HIS A 313 -1.45 7.08 33.98
N MET A 314 -2.26 7.46 33.00
CA MET A 314 -3.70 7.39 33.17
C MET A 314 -4.46 7.23 31.85
N THR A 315 -5.52 6.43 31.89
CA THR A 315 -6.48 6.34 30.80
C THR A 315 -7.89 6.62 31.33
N ILE A 316 -8.56 7.61 30.75
CA ILE A 316 -10.01 7.75 30.81
C ILE A 316 -10.61 6.92 29.66
N PHE A 317 -11.28 5.83 29.99
CA PHE A 317 -11.87 4.90 29.02
C PHE A 317 -12.74 5.64 28.01
N PRO A 318 -12.74 5.22 26.74
CA PRO A 318 -11.85 4.18 26.20
C PRO A 318 -10.48 4.66 25.70
N THR A 319 -10.38 5.87 25.16
CA THR A 319 -9.20 6.26 24.38
C THR A 319 -8.54 7.63 24.73
N CYS A 320 -8.73 8.10 25.95
CA CYS A 320 -8.04 9.31 26.43
C CYS A 320 -6.93 8.91 27.42
N SER A 321 -5.69 9.21 27.08
CA SER A 321 -4.54 8.80 27.88
C SER A 321 -3.56 9.96 28.10
N PHE A 322 -2.91 9.96 29.26
CA PHE A 322 -1.98 11.05 29.62
C PHE A 322 -1.07 10.65 30.77
N LEU A 323 0.01 11.40 30.91
CA LEU A 323 1.01 11.13 31.95
C LEU A 323 1.20 12.37 32.84
N PRO A 324 0.39 12.52 33.89
CA PRO A 324 0.53 13.68 34.78
C PRO A 324 1.97 13.80 35.27
N GLY A 325 2.61 14.95 35.03
CA GLY A 325 3.99 15.20 35.41
C GLY A 325 4.87 15.35 34.20
N ILE A 326 4.90 14.29 33.37
CA ILE A 326 5.45 14.37 32.02
C ILE A 326 4.61 15.39 31.22
N ASN A 327 3.29 15.34 31.45
CA ASN A 327 2.29 16.25 30.88
C ASN A 327 1.98 16.08 29.40
N THR A 328 2.23 14.89 28.86
CA THR A 328 1.74 14.57 27.52
C THR A 328 0.31 14.00 27.63
N ILE A 329 -0.55 14.41 26.70
CA ILE A 329 -1.93 13.88 26.64
C ILE A 329 -2.23 13.51 25.19
N ARG A 330 -3.10 12.53 25.00
CA ARG A 330 -3.44 12.06 23.67
C ARG A 330 -4.75 11.28 23.60
N ALA A 331 -5.29 11.31 22.38
CA ALA A 331 -6.43 10.54 21.99
C ALA A 331 -5.90 9.50 21.02
N TRP A 332 -6.32 8.26 21.20
CA TRP A 332 -6.02 7.23 20.24
C TRP A 332 -7.26 7.20 19.35
N HIS A 333 -7.06 7.08 18.04
CA HIS A 333 -8.15 6.92 17.11
C HIS A 333 -8.11 5.54 16.42
N PRO A 334 -9.18 4.77 16.51
CA PRO A 334 -9.21 3.48 15.83
C PRO A 334 -9.27 3.64 14.32
N ARG A 335 -8.65 2.69 13.62
CA ARG A 335 -8.62 2.62 12.15
C ARG A 335 -8.75 1.15 11.73
N GLY A 336 -9.83 0.53 12.16
CA GLY A 336 -9.97 -0.93 12.13
C GLY A 336 -9.20 -1.56 13.28
N PRO A 337 -9.32 -2.87 13.41
CA PRO A 337 -8.70 -3.57 14.55
C PRO A 337 -7.15 -3.61 14.47
N ASN A 338 -6.60 -3.42 13.28
CA ASN A 338 -5.16 -3.55 13.07
C ASN A 338 -4.38 -2.24 12.98
N GLU A 339 -5.01 -1.12 13.34
CA GLU A 339 -4.38 0.19 13.23
C GLU A 339 -4.95 1.25 14.15
N ILE A 340 -4.09 2.16 14.61
CA ILE A 340 -4.53 3.41 15.21
C ILE A 340 -3.75 4.62 14.69
N GLU A 341 -4.32 5.80 14.94
CA GLU A 341 -3.60 7.07 14.94
C GLU A 341 -3.45 7.54 16.39
N VAL A 342 -2.30 8.13 16.71
CA VAL A 342 -2.08 8.77 18.00
C VAL A 342 -2.04 10.27 17.75
N TRP A 343 -2.84 11.04 18.48
CA TRP A 343 -2.86 12.49 18.32
C TRP A 343 -2.42 13.06 19.68
N ALA A 344 -1.23 13.64 19.72
CA ALA A 344 -0.59 13.92 20.99
C ALA A 344 -0.25 15.39 21.12
N PHE A 345 -0.39 15.93 22.31
CA PHE A 345 0.04 17.28 22.58
C PHE A 345 0.36 17.46 24.05
N THR A 346 0.99 18.59 24.35
CA THR A 346 1.49 18.85 25.69
C THR A 346 0.73 19.98 26.36
N VAL A 347 0.39 19.78 27.63
CA VAL A 347 -0.23 20.80 28.47
C VAL A 347 0.74 21.25 29.55
N VAL A 348 0.73 22.56 29.80
CA VAL A 348 1.47 23.17 30.92
C VAL A 348 0.52 23.98 31.83
N ASP A 349 0.94 24.18 33.08
CA ASP A 349 0.29 25.15 33.96
C ASP A 349 0.39 26.50 33.27
N ALA A 350 -0.71 27.24 33.22
CA ALA A 350 -0.75 28.48 32.45
C ALA A 350 0.09 29.58 33.11
N ASP A 351 0.21 29.52 34.43
CA ASP A 351 0.95 30.52 35.19
C ASP A 351 2.41 30.13 35.42
N ALA A 352 2.87 29.05 34.81
CA ALA A 352 4.27 28.63 34.97
C ALA A 352 5.18 29.56 34.21
N PRO A 353 6.40 29.76 34.71
CA PRO A 353 7.38 30.62 34.03
C PRO A 353 7.62 30.20 32.58
N GLU A 354 7.95 31.15 31.71
CA GLU A 354 8.12 30.84 30.30
C GLU A 354 9.27 29.85 30.05
N GLU A 355 10.24 29.79 30.98
CA GLU A 355 11.36 28.83 30.91
C GLU A 355 10.91 27.38 31.18
N MET A 356 9.93 27.23 32.06
CA MET A 356 9.33 25.94 32.37
C MET A 356 8.36 25.48 31.26
N LYS A 357 7.57 26.40 30.70
CA LYS A 357 6.77 26.07 29.51
C LYS A 357 7.64 25.59 28.35
N GLU A 358 8.82 26.18 28.20
CA GLU A 358 9.76 25.82 27.16
C GLU A 358 10.37 24.45 27.43
N GLU A 359 10.67 24.17 28.69
CA GLU A 359 11.33 22.92 29.09
C GLU A 359 10.40 21.73 28.96
N TYR A 360 9.14 21.94 29.33
CA TYR A 360 8.09 20.97 29.13
C TYR A 360 7.95 20.65 27.65
N ARG A 361 8.14 21.65 26.79
CA ARG A 361 8.02 21.49 25.34
C ARG A 361 9.12 20.60 24.76
N GLN A 362 10.38 20.84 25.14
CA GLN A 362 11.51 20.08 24.62
C GLN A 362 11.56 18.65 25.15
N GLN A 363 11.26 18.48 26.44
CA GLN A 363 11.51 17.20 27.12
C GLN A 363 10.44 16.20 26.74
N THR A 364 9.27 16.76 26.45
CA THR A 364 8.07 16.02 26.13
C THR A 364 8.16 15.49 24.70
N LEU A 365 8.65 16.29 23.76
CA LEU A 365 8.83 15.83 22.37
C LEU A 365 10.08 14.95 22.24
N ARG A 366 10.98 15.08 23.19
CA ARG A 366 12.19 14.25 23.26
C ARG A 366 11.85 12.85 23.76
N THR A 367 10.75 12.73 24.50
CA THR A 367 10.44 11.48 25.20
C THR A 367 9.18 10.79 24.67
N PHE A 368 8.05 11.47 24.76
CA PHE A 368 6.77 10.84 24.47
C PHE A 368 6.16 11.35 23.17
N SER A 369 6.84 10.97 22.09
CA SER A 369 6.43 11.29 20.72
C SER A 369 6.92 10.22 19.72
N ALA A 370 6.50 10.34 18.46
CA ALA A 370 6.86 9.36 17.43
C ALA A 370 8.36 9.15 17.42
N GLY A 371 9.10 10.24 17.56
CA GLY A 371 10.55 10.21 17.51
C GLY A 371 11.22 10.21 18.87
N GLY A 372 10.43 10.29 19.93
CA GLY A 372 10.96 10.39 21.28
C GLY A 372 11.66 9.14 21.78
N VAL A 373 12.56 9.29 22.74
CA VAL A 373 13.42 8.18 23.17
C VAL A 373 12.69 7.13 23.97
N PHE A 374 11.50 7.48 24.43
CA PHE A 374 10.63 6.52 25.08
C PHE A 374 9.65 5.92 24.05
N GLU A 375 8.81 6.75 23.45
CA GLU A 375 7.66 6.23 22.69
C GLU A 375 8.04 5.54 21.36
N GLN A 376 9.23 5.83 20.84
CA GLN A 376 9.85 5.07 19.76
C GLN A 376 9.66 3.57 19.91
N ASP A 377 9.98 3.11 21.13
CA ASP A 377 9.99 1.69 21.46
C ASP A 377 8.61 1.09 21.69
N ASP A 378 7.66 1.87 22.20
CA ASP A 378 6.27 1.41 22.28
C ASP A 378 5.72 1.16 20.86
N GLY A 379 6.11 1.99 19.90
CA GLY A 379 5.62 1.86 18.54
C GLY A 379 6.07 0.58 17.88
N GLU A 380 7.32 0.22 18.13
CA GLU A 380 7.93 -1.00 17.62
C GLU A 380 7.31 -2.27 18.26
N ASN A 381 7.05 -2.22 19.57
CA ASN A 381 6.48 -3.37 20.28
C ASN A 381 5.06 -3.66 19.85
N TRP A 382 4.21 -2.64 19.89
CA TRP A 382 2.80 -2.74 19.47
C TRP A 382 2.63 -3.30 18.04
N VAL A 383 3.48 -2.83 17.13
CA VAL A 383 3.35 -3.20 15.73
C VAL A 383 3.62 -4.70 15.54
N GLU A 384 4.56 -5.23 16.31
CA GLU A 384 4.92 -6.63 16.22
C GLU A 384 3.87 -7.51 16.88
N ILE A 385 3.28 -7.04 17.97
CA ILE A 385 2.18 -7.78 18.60
C ILE A 385 1.07 -8.07 17.59
N GLN A 386 0.69 -7.06 16.83
CA GLN A 386 -0.46 -7.13 15.92
C GLN A 386 -0.18 -8.05 14.73
N GLN A 387 1.00 -7.93 14.10
CA GLN A 387 1.40 -8.81 12.99
C GLN A 387 1.44 -10.29 13.40
N VAL A 388 1.94 -10.57 14.61
CA VAL A 388 1.99 -11.94 15.12
C VAL A 388 0.58 -12.54 15.18
N LEU A 389 -0.41 -11.71 15.51
CA LEU A 389 -1.82 -12.12 15.61
C LEU A 389 -2.51 -12.32 14.26
N ARG A 390 -1.77 -12.25 13.17
CA ARG A 390 -2.29 -12.73 11.90
C ARG A 390 -2.40 -14.25 11.94
N GLY A 391 -1.63 -14.88 12.83
CA GLY A 391 -1.57 -16.32 12.93
C GLY A 391 -2.78 -16.91 13.62
N HIS A 392 -3.05 -18.16 13.30
CA HIS A 392 -4.22 -18.85 13.82
C HIS A 392 -4.01 -19.36 15.26
N LYS A 393 -2.90 -20.04 15.49
CA LYS A 393 -2.54 -20.46 16.84
C LYS A 393 -2.26 -19.27 17.74
N ALA A 394 -1.80 -18.17 17.13
CA ALA A 394 -1.49 -16.96 17.87
C ALA A 394 -2.76 -16.37 18.48
N ARG A 395 -3.91 -16.58 17.81
CA ARG A 395 -5.21 -16.12 18.29
C ARG A 395 -6.05 -17.17 19.04
N SER A 396 -5.49 -18.36 19.25
CA SER A 396 -6.25 -19.49 19.78
C SER A 396 -5.97 -19.79 21.25
N ARG A 397 -5.16 -18.97 21.91
CA ARG A 397 -4.88 -19.14 23.36
C ARG A 397 -4.86 -17.77 24.08
N PRO A 398 -5.41 -17.71 25.30
CA PRO A 398 -5.55 -16.42 26.01
C PRO A 398 -4.23 -15.83 26.49
N PHE A 399 -4.14 -14.51 26.46
CA PHE A 399 -3.08 -13.78 27.13
C PHE A 399 -3.29 -13.79 28.63
N ASN A 400 -2.17 -13.65 29.35
CA ASN A 400 -2.17 -13.66 30.81
C ASN A 400 -2.44 -12.27 31.39
N ALA A 401 -3.65 -12.08 31.89
CA ALA A 401 -4.03 -10.87 32.60
C ALA A 401 -4.26 -11.16 34.08
N GLU A 402 -3.30 -11.85 34.73
CA GLU A 402 -3.50 -12.34 36.11
C GLU A 402 -2.70 -11.60 37.18
N MET A 403 -1.81 -10.70 36.76
CA MET A 403 -0.95 -9.95 37.67
C MET A 403 -1.78 -9.20 38.70
N GLY A 404 -1.47 -9.43 39.97
CA GLY A 404 -2.12 -8.71 41.06
C GLY A 404 -3.52 -9.18 41.44
N LEU A 405 -3.93 -10.35 40.95
CA LEU A 405 -5.26 -10.89 41.30
C LEU A 405 -5.43 -10.98 42.82
N GLY A 406 -6.48 -10.33 43.31
CA GLY A 406 -6.89 -10.44 44.69
C GLY A 406 -6.17 -9.50 45.66
N GLN A 407 -5.04 -8.94 45.24
CA GLN A 407 -4.26 -8.02 46.07
C GLN A 407 -4.73 -6.55 45.90
N THR A 408 -5.99 -6.30 46.28
CA THR A 408 -6.61 -4.99 46.19
C THR A 408 -7.12 -4.49 47.54
N ASP A 409 -7.72 -3.30 47.52
CA ASP A 409 -8.21 -2.61 48.71
C ASP A 409 -9.17 -1.52 48.20
N SER A 410 -10.46 -1.73 48.38
CA SER A 410 -11.47 -0.76 47.93
C SER A 410 -11.84 0.29 48.99
N ASP A 411 -11.27 0.18 50.19
CA ASP A 411 -11.48 1.17 51.26
C ASP A 411 -10.15 1.75 51.81
N ASN A 412 -9.28 2.15 50.90
CA ASN A 412 -8.11 2.98 51.20
C ASN A 412 -8.58 4.37 51.59
N PRO A 413 -8.11 4.90 52.72
CA PRO A 413 -8.56 6.23 53.21
C PRO A 413 -8.11 7.42 52.35
N ASP A 414 -6.94 7.33 51.74
CA ASP A 414 -6.37 8.46 50.98
C ASP A 414 -6.67 8.46 49.49
N TYR A 415 -6.94 7.30 48.91
CA TYR A 415 -7.13 7.16 47.46
C TYR A 415 -8.41 6.40 47.13
N PRO A 416 -9.34 7.04 46.42
CA PRO A 416 -10.63 6.44 46.13
C PRO A 416 -10.49 5.38 45.07
N GLY A 417 -11.44 4.45 45.03
CA GLY A 417 -11.48 3.40 44.04
C GLY A 417 -10.86 2.11 44.56
N THR A 418 -10.56 1.21 43.64
CA THR A 418 -9.86 -0.02 43.97
C THR A 418 -8.36 0.18 43.77
N ILE A 419 -7.61 0.00 44.86
CA ILE A 419 -6.21 0.34 44.91
C ILE A 419 -5.40 -0.92 44.99
N SER A 420 -4.33 -0.97 44.22
CA SER A 420 -3.43 -2.11 44.15
C SER A 420 -2.01 -1.57 44.25
N TYR A 421 -1.05 -2.48 44.30
CA TYR A 421 0.34 -2.13 44.05
C TYR A 421 0.48 -1.57 42.63
N VAL A 422 1.50 -0.74 42.40
CA VAL A 422 1.73 -0.08 41.10
C VAL A 422 1.98 -1.08 39.94
N TYR A 423 2.59 -2.23 40.26
CA TYR A 423 2.72 -3.33 39.32
C TYR A 423 1.54 -4.24 39.56
N SER A 424 0.60 -4.19 38.61
CA SER A 424 -0.66 -4.91 38.67
C SER A 424 -1.42 -4.72 37.35
N GLU A 425 -2.23 -5.70 36.99
CA GLU A 425 -3.15 -5.58 35.86
C GLU A 425 -4.59 -5.48 36.32
N GLU A 426 -4.81 -4.96 37.53
CA GLU A 426 -6.17 -4.79 38.04
C GLU A 426 -6.88 -3.73 37.21
N ALA A 427 -6.24 -2.59 37.06
CA ALA A 427 -6.78 -1.53 36.22
C ALA A 427 -7.08 -2.04 34.81
N ALA A 428 -6.23 -2.89 34.26
CA ALA A 428 -6.43 -3.40 32.89
C ALA A 428 -7.66 -4.28 32.83
N ARG A 429 -7.81 -5.17 33.81
CA ARG A 429 -8.98 -6.03 33.90
C ARG A 429 -10.25 -5.19 33.93
N GLY A 430 -10.20 -4.07 34.64
CA GLY A 430 -11.33 -3.16 34.73
C GLY A 430 -11.63 -2.53 33.39
N LEU A 431 -10.59 -2.21 32.63
CA LEU A 431 -10.75 -1.66 31.31
C LEU A 431 -11.46 -2.66 30.39
N TYR A 432 -11.00 -3.92 30.41
CA TYR A 432 -11.58 -4.92 29.52
C TYR A 432 -12.97 -5.37 30.01
N THR A 433 -13.20 -5.32 31.32
CA THR A 433 -14.53 -5.61 31.88
C THR A 433 -15.51 -4.52 31.47
N GLN A 434 -15.04 -3.28 31.35
CA GLN A 434 -15.87 -2.19 30.87
C GLN A 434 -16.08 -2.32 29.36
N TRP A 435 -15.08 -2.79 28.64
CA TRP A 435 -15.25 -3.17 27.24
C TRP A 435 -16.41 -4.17 27.10
N VAL A 436 -16.39 -5.23 27.88
CA VAL A 436 -17.44 -6.25 27.84
C VAL A 436 -18.81 -5.61 28.05
N ARG A 437 -18.88 -4.71 29.03
CA ARG A 437 -20.16 -4.10 29.43
C ARG A 437 -20.75 -3.23 28.34
N MET A 438 -19.94 -2.35 27.77
CA MET A 438 -20.39 -1.48 26.71
C MET A 438 -20.76 -2.29 25.46
N MET A 439 -19.99 -3.35 25.21
CA MET A 439 -20.13 -4.14 23.98
C MET A 439 -21.36 -5.01 24.03
N THR A 440 -21.85 -5.30 25.25
CA THR A 440 -23.01 -6.17 25.44
C THR A 440 -24.24 -5.43 25.98
N SER A 441 -24.20 -4.10 25.98
CA SER A 441 -25.35 -3.29 26.39
C SER A 441 -25.94 -2.51 25.21
N PRO A 442 -27.22 -2.76 24.89
CA PRO A 442 -27.86 -2.12 23.71
C PRO A 442 -28.03 -0.58 23.81
N ASP A 443 -28.06 -0.07 25.04
CA ASP A 443 -28.14 1.36 25.32
C ASP A 443 -27.57 1.64 26.71
N TRP A 444 -27.59 2.91 27.10
CA TRP A 444 -27.04 3.29 28.40
C TRP A 444 -27.89 2.82 29.59
N ALA A 445 -29.18 2.60 29.39
CA ALA A 445 -30.03 2.07 30.47
C ALA A 445 -29.50 0.72 30.93
N ALA A 446 -29.16 -0.15 29.97
CA ALA A 446 -28.64 -1.48 30.29
C ALA A 446 -27.20 -1.43 30.78
N LEU A 447 -26.48 -0.37 30.41
CA LEU A 447 -25.12 -0.14 30.88
C LEU A 447 -25.13 0.30 32.34
N ASP A 448 -26.05 1.20 32.69
CA ASP A 448 -26.27 1.62 34.09
C ASP A 448 -26.71 0.42 34.96
N ALA A 449 -27.33 -0.59 34.34
CA ALA A 449 -27.80 -1.77 35.07
C ALA A 449 -26.67 -2.66 35.59
N THR A 450 -25.43 -2.43 35.14
CA THR A 450 -24.24 -3.16 35.61
C THR A 450 -23.44 -2.47 36.73
N ARG A 451 -23.94 -1.34 37.21
CA ARG A 451 -23.18 -0.49 38.16
C ARG A 451 -23.04 -1.07 39.57
N PHE B 11 17.31 31.84 0.56
CA PHE B 11 16.66 31.16 -0.62
C PHE B 11 15.39 31.79 -1.16
N ARG B 12 15.10 33.03 -0.78
CA ARG B 12 13.90 33.70 -1.24
C ARG B 12 14.08 34.26 -2.69
N THR B 13 15.33 34.42 -3.12
CA THR B 13 15.66 34.59 -4.54
C THR B 13 16.65 33.53 -4.95
N LYS B 14 16.78 33.27 -6.26
CA LYS B 14 17.68 32.22 -6.74
C LYS B 14 19.08 32.45 -6.21
N PRO B 15 19.71 31.42 -5.67
CA PRO B 15 21.10 31.54 -5.20
C PRO B 15 22.02 32.07 -6.30
N ALA B 16 22.99 32.89 -5.90
CA ALA B 16 24.02 33.41 -6.81
C ALA B 16 24.91 32.26 -7.21
N PRO B 17 25.43 32.23 -8.45
CA PRO B 17 26.27 31.09 -8.86
C PRO B 17 27.43 30.90 -7.87
N VAL B 18 27.90 29.66 -7.74
CA VAL B 18 29.00 29.33 -6.84
C VAL B 18 30.03 28.55 -7.63
N ASP B 19 31.26 28.54 -7.15
CA ASP B 19 32.32 27.76 -7.80
C ASP B 19 31.90 26.28 -7.74
N PRO B 20 31.93 25.55 -8.86
CA PRO B 20 31.59 24.13 -8.86
C PRO B 20 32.43 23.30 -7.87
N SER B 21 33.64 23.76 -7.59
CA SER B 21 34.48 23.16 -6.55
C SER B 21 33.83 23.23 -5.19
N LEU B 22 33.09 24.31 -4.93
CA LEU B 22 32.27 24.40 -3.73
C LEU B 22 31.05 23.46 -3.78
N GLN B 23 30.31 23.43 -4.89
CA GLN B 23 29.18 22.49 -5.06
C GLN B 23 29.63 21.09 -4.77
N HIS B 24 30.75 20.68 -5.34
CA HIS B 24 31.22 19.30 -5.28
C HIS B 24 31.58 18.96 -3.82
N GLU B 25 32.23 19.89 -3.14
CA GLU B 25 32.66 19.72 -1.75
C GLU B 25 31.51 19.47 -0.78
N ILE B 26 30.46 20.28 -0.89
CA ILE B 26 29.31 20.17 0.01
C ILE B 26 28.45 18.96 -0.38
N GLU B 27 28.40 18.65 -1.67
CA GLU B 27 27.71 17.45 -2.12
C GLU B 27 28.41 16.25 -1.50
N GLN B 28 29.73 16.17 -1.65
CA GLN B 28 30.51 15.12 -1.01
C GLN B 28 30.30 15.02 0.51
N PHE B 29 30.08 16.15 1.16
CA PHE B 29 29.82 16.15 2.60
C PHE B 29 28.51 15.44 2.91
N TYR B 30 27.47 15.75 2.12
CA TYR B 30 26.15 15.13 2.28
C TYR B 30 26.15 13.65 1.88
N TYR B 31 26.86 13.30 0.81
CA TYR B 31 26.94 11.91 0.38
C TYR B 31 27.60 11.07 1.46
N TRP B 32 28.65 11.63 2.07
CA TRP B 32 29.30 10.98 3.19
C TRP B 32 28.39 10.91 4.43
N GLU B 33 27.67 11.99 4.72
CA GLU B 33 26.67 11.97 5.80
C GLU B 33 25.68 10.82 5.59
N ALA B 34 25.20 10.67 4.37
CA ALA B 34 24.22 9.63 4.07
C ALA B 34 24.79 8.26 4.30
N LYS B 35 26.04 8.05 3.93
CA LYS B 35 26.66 6.74 4.14
C LYS B 35 26.80 6.42 5.63
N LEU B 36 27.18 7.41 6.44
CA LEU B 36 27.29 7.18 7.88
C LEU B 36 25.95 6.74 8.48
N LEU B 37 24.90 7.53 8.23
CA LEU B 37 23.56 7.19 8.71
C LEU B 37 23.10 5.81 8.23
N ASN B 38 23.18 5.61 6.92
CA ASN B 38 22.73 4.37 6.28
C ASN B 38 23.50 3.14 6.71
N ASP B 39 24.78 3.31 7.06
CA ASP B 39 25.64 2.19 7.48
C ASP B 39 25.78 2.08 9.00
N ARG B 40 24.98 2.85 9.73
CA ARG B 40 24.86 2.76 11.19
C ARG B 40 26.08 3.22 11.97
N ARG B 41 26.90 4.05 11.32
CA ARG B 41 28.07 4.65 11.93
C ARG B 41 27.63 5.88 12.68
N PHE B 42 26.92 5.67 13.78
CA PHE B 42 26.25 6.77 14.43
C PHE B 42 27.20 7.61 15.24
N GLN B 43 28.23 7.01 15.83
CA GLN B 43 29.19 7.81 16.57
C GLN B 43 29.78 8.87 15.63
N GLU B 44 30.30 8.44 14.48
CA GLU B 44 30.84 9.41 13.50
C GLU B 44 29.85 10.44 13.01
N TRP B 45 28.58 10.07 12.87
CA TRP B 45 27.56 11.02 12.40
C TRP B 45 27.34 12.11 13.45
N PHE B 46 27.24 11.72 14.71
CA PHE B 46 27.03 12.68 15.81
C PHE B 46 28.23 13.60 15.97
N ASP B 47 29.41 13.14 15.53
CA ASP B 47 30.62 13.96 15.61
C ASP B 47 30.60 15.07 14.59
N LEU B 48 29.83 14.92 13.52
CA LEU B 48 29.59 16.00 12.58
C LEU B 48 28.80 17.15 13.19
N LEU B 49 28.16 16.94 14.33
CA LEU B 49 27.27 17.96 14.89
C LEU B 49 28.01 18.99 15.71
N ALA B 50 27.61 20.24 15.60
CA ALA B 50 28.26 21.35 16.32
C ALA B 50 27.82 21.41 17.78
N GLU B 51 28.57 22.14 18.62
CA GLU B 51 28.14 22.38 20.01
C GLU B 51 26.79 23.09 20.04
N ASP B 52 26.56 23.94 19.04
CA ASP B 52 25.36 24.77 18.99
C ASP B 52 24.27 24.21 18.05
N ILE B 53 24.37 22.94 17.70
CA ILE B 53 23.40 22.29 16.81
C ILE B 53 21.98 22.55 17.29
N HIS B 54 21.15 23.02 16.37
CA HIS B 54 19.69 23.02 16.54
C HIS B 54 19.13 22.08 15.46
N TYR B 55 18.68 20.90 15.88
CA TYR B 55 18.09 19.87 15.00
C TYR B 55 16.58 19.98 15.11
N PHE B 56 15.94 20.48 14.06
CA PHE B 56 14.57 20.97 14.09
C PHE B 56 13.73 20.30 13.01
N MET B 57 12.58 19.78 13.38
CA MET B 57 11.64 19.17 12.44
C MET B 57 10.20 19.52 12.87
N PRO B 58 9.66 20.60 12.31
CA PRO B 58 8.36 21.10 12.75
C PRO B 58 7.21 20.27 12.25
N ILE B 59 6.11 20.33 12.97
CA ILE B 59 4.86 19.67 12.56
C ILE B 59 4.17 20.44 11.46
N ARG B 60 3.77 19.73 10.43
CA ARG B 60 3.16 20.34 9.27
C ARG B 60 1.66 20.05 9.32
N THR B 61 0.88 21.03 8.88
CA THR B 61 -0.57 20.92 8.88
C THR B 61 -1.12 21.31 7.53
N THR B 62 -2.33 20.87 7.28
CA THR B 62 -3.03 21.13 6.02
C THR B 62 -3.85 22.38 6.23
N ARG B 63 -3.68 23.33 5.32
CA ARG B 63 -4.30 24.64 5.43
C ARG B 63 -4.86 25.08 4.12
N ILE B 64 -5.98 25.81 4.18
CA ILE B 64 -6.50 26.53 3.02
C ILE B 64 -5.47 27.59 2.59
N MET B 65 -5.41 27.86 1.28
CA MET B 65 -4.50 28.86 0.69
C MET B 65 -4.37 30.14 1.53
N ARG B 66 -5.49 30.72 1.95
CA ARG B 66 -5.45 32.01 2.70
C ARG B 66 -4.83 31.90 4.12
N GLU B 67 -4.33 30.71 4.47
CA GLU B 67 -3.79 30.44 5.81
C GLU B 67 -2.51 29.58 5.78
N THR B 68 -1.80 29.50 4.65
CA THR B 68 -0.61 28.62 4.59
C THR B 68 0.57 29.17 5.42
N ALA B 69 0.42 30.36 5.98
CA ALA B 69 1.41 30.94 6.90
C ALA B 69 1.56 30.09 8.18
N GLN B 70 0.46 29.53 8.65
CA GLN B 70 0.48 28.64 9.81
C GLN B 70 0.67 27.15 9.46
N GLU B 71 1.18 26.89 8.26
CA GLU B 71 1.37 25.51 7.82
C GLU B 71 2.37 24.74 8.68
N TYR B 72 3.42 25.41 9.13
CA TYR B 72 4.43 24.78 9.97
C TYR B 72 4.35 25.31 11.39
N SER B 73 4.67 24.45 12.35
CA SER B 73 4.79 24.88 13.73
C SER B 73 6.02 25.80 13.87
N GLY B 74 5.85 26.89 14.62
CA GLY B 74 6.90 27.88 14.79
C GLY B 74 7.72 27.63 16.02
N ALA B 75 8.41 28.67 16.48
CA ALA B 75 9.55 28.51 17.39
C ALA B 75 9.18 27.97 18.79
N ARG B 76 8.12 28.50 19.40
CA ARG B 76 7.71 28.09 20.75
C ARG B 76 6.53 27.13 20.69
N GLU B 77 6.60 26.17 19.78
CA GLU B 77 5.51 25.23 19.57
C GLU B 77 6.01 23.80 19.40
N TYR B 78 5.10 22.84 19.57
CA TYR B 78 5.43 21.42 19.54
C TYR B 78 6.01 21.02 18.19
N ALA B 79 6.80 19.95 18.18
CA ALA B 79 7.50 19.52 16.98
C ALA B 79 7.93 18.05 17.05
N HIS B 80 8.24 17.49 15.88
CA HIS B 80 8.74 16.12 15.77
C HIS B 80 10.17 16.00 16.34
N PHE B 81 11.00 16.99 16.03
CA PHE B 81 12.33 17.18 16.64
C PHE B 81 12.54 18.67 16.90
N ASP B 82 13.26 19.00 17.98
CA ASP B 82 13.73 20.37 18.24
C ASP B 82 14.80 20.36 19.31
N ASP B 83 15.93 19.74 18.96
CA ASP B 83 16.96 19.33 19.91
C ASP B 83 18.24 20.13 19.83
N ASN B 84 18.93 20.20 20.98
CA ASN B 84 20.23 20.83 21.10
C ASN B 84 21.27 19.75 21.32
N ALA B 85 22.54 20.14 21.43
CA ALA B 85 23.65 19.18 21.52
C ALA B 85 23.47 18.14 22.64
N GLN B 86 23.01 18.57 23.81
CA GLN B 86 22.80 17.67 24.95
C GLN B 86 21.76 16.60 24.66
N MET B 87 20.62 17.02 24.09
CA MET B 87 19.53 16.12 23.74
C MET B 87 19.91 15.15 22.61
N MET B 88 20.65 15.64 21.62
CA MET B 88 21.20 14.77 20.58
C MET B 88 22.20 13.77 21.16
N ARG B 89 22.94 14.15 22.20
CA ARG B 89 23.86 13.21 22.86
C ARG B 89 23.13 12.08 23.60
N GLY B 90 21.92 12.35 24.08
CA GLY B 90 21.10 11.32 24.70
C GLY B 90 20.59 10.32 23.68
N ARG B 91 20.22 10.83 22.51
CA ARG B 91 19.76 10.01 21.39
C ARG B 91 20.85 9.07 20.87
N LEU B 92 22.10 9.49 21.00
CA LEU B 92 23.23 8.67 20.54
C LEU B 92 23.51 7.53 21.52
N ARG B 93 23.40 7.84 22.82
CA ARG B 93 23.47 6.80 23.84
C ARG B 93 22.41 5.73 23.53
N LYS B 94 21.19 6.17 23.29
CA LYS B 94 20.07 5.27 23.06
C LYS B 94 20.33 4.39 21.84
N ILE B 95 20.62 5.03 20.70
CA ILE B 95 20.68 4.28 19.44
C ILE B 95 21.88 3.33 19.31
N THR B 96 22.86 3.41 20.22
CA THR B 96 23.99 2.44 20.24
C THR B 96 23.86 1.47 21.42
N SER B 97 22.61 1.22 21.82
CA SER B 97 22.33 0.44 23.02
C SER B 97 21.84 -0.94 22.58
N ASP B 98 22.29 -1.97 23.30
CA ASP B 98 21.82 -3.34 23.02
C ASP B 98 20.36 -3.54 23.45
N VAL B 99 19.80 -2.57 24.16
CA VAL B 99 18.43 -2.63 24.67
C VAL B 99 17.55 -1.51 24.08
N SER B 100 17.97 -0.97 22.93
CA SER B 100 17.22 0.04 22.19
C SER B 100 16.40 -0.67 21.10
N TRP B 101 15.14 -0.96 21.39
CA TRP B 101 14.38 -1.91 20.56
C TRP B 101 13.99 -1.36 19.17
N SER B 102 13.64 -0.08 19.09
CA SER B 102 13.39 0.57 17.80
C SER B 102 14.53 0.37 16.77
N GLU B 103 15.79 0.34 17.25
CA GLU B 103 16.95 0.14 16.36
C GLU B 103 17.88 -1.04 16.75
N ASN B 104 17.29 -2.06 17.39
CA ASN B 104 17.94 -3.34 17.62
C ASN B 104 16.89 -4.46 17.70
N PRO B 105 16.66 -5.16 16.59
CA PRO B 105 17.44 -5.01 15.35
C PRO B 105 17.34 -3.67 14.65
N ALA B 106 18.35 -3.38 13.83
CA ALA B 106 18.51 -2.07 13.24
C ALA B 106 17.69 -1.96 11.97
N SER B 107 17.15 -0.77 11.72
CA SER B 107 16.46 -0.43 10.48
C SER B 107 17.46 -0.37 9.33
N ARG B 108 16.97 -0.53 8.11
CA ARG B 108 17.78 -0.33 6.93
C ARG B 108 17.27 0.94 6.28
N THR B 109 18.13 1.94 6.19
CA THR B 109 17.76 3.26 5.68
C THR B 109 18.59 3.59 4.47
N ARG B 110 18.00 4.37 3.56
CA ARG B 110 18.72 4.97 2.45
C ARG B 110 18.35 6.45 2.31
N HIS B 111 19.36 7.31 2.36
CA HIS B 111 19.17 8.75 2.25
C HIS B 111 19.61 9.15 0.89
N VAL B 112 18.67 9.26 -0.05
CA VAL B 112 18.96 9.70 -1.41
C VAL B 112 18.92 11.22 -1.44
N ILE B 113 20.09 11.84 -1.60
CA ILE B 113 20.20 13.30 -1.52
C ILE B 113 20.37 13.93 -2.89
N SER B 114 19.53 14.90 -3.22
CA SER B 114 19.67 15.68 -4.45
C SER B 114 19.33 17.17 -4.26
N ASN B 115 19.33 17.91 -5.37
CA ASN B 115 18.92 19.31 -5.44
C ASN B 115 19.71 20.25 -4.53
N VAL B 116 21.01 20.01 -4.36
CA VAL B 116 21.82 20.87 -3.47
C VAL B 116 22.04 22.30 -4.03
N MET B 117 21.59 23.28 -3.27
CA MET B 117 21.72 24.71 -3.58
C MET B 117 22.41 25.42 -2.41
N ILE B 118 23.49 26.16 -2.71
CA ILE B 118 24.32 26.78 -1.68
C ILE B 118 24.33 28.32 -1.78
N VAL B 119 24.27 28.96 -0.62
CA VAL B 119 24.29 30.42 -0.50
C VAL B 119 25.27 30.74 0.65
N ASP B 120 26.10 31.75 0.45
CA ASP B 120 27.05 32.17 1.50
C ASP B 120 26.30 32.55 2.76
N GLY B 121 26.94 32.33 3.90
CA GLY B 121 26.35 32.70 5.17
C GLY B 121 26.62 34.16 5.51
N GLU B 122 26.14 34.56 6.68
CA GLU B 122 26.39 35.90 7.21
C GLU B 122 27.83 35.97 7.75
N LYS B 123 28.21 34.99 8.57
CA LYS B 123 29.61 34.79 8.96
C LYS B 123 30.33 34.02 7.85
N PRO B 124 31.64 34.24 7.68
CA PRO B 124 32.39 33.46 6.68
C PRO B 124 32.74 32.06 7.20
N GLY B 125 32.93 31.11 6.29
CA GLY B 125 33.05 29.70 6.64
C GLY B 125 31.70 29.04 6.95
N GLU B 126 30.61 29.81 6.92
CA GLU B 126 29.25 29.28 7.09
C GLU B 126 28.51 29.31 5.76
N TYR B 127 27.56 28.39 5.61
CA TYR B 127 26.83 28.21 4.35
C TYR B 127 25.40 27.82 4.62
N HIS B 128 24.48 28.46 3.94
CA HIS B 128 23.08 28.04 3.94
C HIS B 128 22.90 27.05 2.81
N VAL B 129 22.40 25.86 3.13
CA VAL B 129 22.14 24.84 2.12
C VAL B 129 20.70 24.35 2.12
N SER B 130 20.14 24.23 0.94
CA SER B 130 18.86 23.57 0.76
C SER B 130 19.10 22.35 -0.08
N SER B 131 18.64 21.19 0.39
CA SER B 131 18.61 19.99 -0.42
C SER B 131 17.29 19.26 -0.24
N VAL B 132 17.03 18.28 -1.09
CA VAL B 132 15.86 17.43 -0.97
C VAL B 132 16.35 16.02 -0.70
N PHE B 133 15.42 15.16 -0.29
CA PHE B 133 15.73 13.78 0.03
C PHE B 133 14.58 12.82 -0.25
N ILE B 134 14.93 11.56 -0.46
CA ILE B 134 14.03 10.44 -0.23
C ILE B 134 14.68 9.64 0.87
N VAL B 135 14.00 9.42 1.98
CA VAL B 135 14.44 8.47 2.98
C VAL B 135 13.57 7.22 2.90
N TYR B 136 14.24 6.08 2.69
CA TYR B 136 13.62 4.80 2.49
C TYR B 136 13.99 3.98 3.70
N ARG B 137 12.99 3.67 4.54
CA ARG B 137 13.23 2.86 5.72
C ARG B 137 12.52 1.52 5.60
N ASN B 138 13.31 0.46 5.57
CA ASN B 138 12.82 -0.91 5.58
C ASN B 138 13.30 -1.56 6.86
N ARG B 139 12.40 -2.27 7.56
CA ARG B 139 12.84 -3.02 8.74
C ARG B 139 12.02 -4.29 9.01
N LEU B 140 12.56 -5.14 9.89
CA LEU B 140 11.96 -6.42 10.24
C LEU B 140 11.71 -7.22 8.95
N GLU B 141 10.56 -7.85 8.81
CA GLU B 141 10.31 -8.66 7.62
C GLU B 141 9.94 -7.78 6.42
N ARG B 142 9.00 -6.87 6.61
CA ARG B 142 8.27 -6.25 5.49
C ARG B 142 7.89 -4.77 5.66
N GLN B 143 8.25 -4.15 6.77
CA GLN B 143 7.94 -2.75 6.98
C GLN B 143 8.64 -1.82 5.97
N LEU B 144 7.87 -0.95 5.34
CA LEU B 144 8.42 -0.03 4.37
C LEU B 144 7.76 1.33 4.55
N ASP B 145 8.54 2.27 5.06
CA ASP B 145 8.18 3.66 5.22
C ASP B 145 9.02 4.56 4.28
N ILE B 146 8.37 5.27 3.36
CA ILE B 146 9.08 6.12 2.41
C ILE B 146 8.75 7.58 2.68
N PHE B 147 9.78 8.35 3.04
CA PHE B 147 9.66 9.76 3.38
C PHE B 147 10.29 10.64 2.30
N ALA B 148 9.88 11.92 2.28
CA ALA B 148 10.52 12.89 1.42
C ALA B 148 10.41 14.28 2.02
N GLY B 149 11.27 15.19 1.57
CA GLY B 149 11.29 16.53 2.11
C GLY B 149 12.46 17.39 1.71
N GLU B 150 12.62 18.49 2.44
CA GLU B 150 13.72 19.41 2.28
C GLU B 150 14.46 19.54 3.60
N ARG B 151 15.79 19.54 3.53
CA ARG B 151 16.63 19.89 4.65
C ARG B 151 17.26 21.25 4.36
N LYS B 152 16.86 22.26 5.15
CA LYS B 152 17.51 23.59 5.13
C LYS B 152 18.60 23.60 6.21
N ASP B 153 19.85 23.56 5.79
CA ASP B 153 20.98 23.49 6.72
C ASP B 153 21.75 24.80 6.86
N ILE B 154 22.58 24.84 7.90
CA ILE B 154 23.67 25.80 8.01
C ILE B 154 24.91 24.96 8.30
N LEU B 155 25.81 24.87 7.34
CA LEU B 155 27.08 24.17 7.52
C LEU B 155 28.15 25.20 7.89
N ARG B 156 29.07 24.80 8.76
CA ARG B 156 30.19 25.66 9.19
C ARG B 156 31.52 24.94 9.02
N ARG B 157 32.51 25.65 8.49
CA ARG B 157 33.79 25.04 8.16
C ARG B 157 34.58 24.74 9.44
N THR B 158 35.42 23.72 9.34
CA THR B 158 36.05 23.09 10.51
C THR B 158 37.33 22.43 10.02
N GLY B 159 38.26 22.16 10.92
CA GLY B 159 39.54 21.57 10.55
C GLY B 159 39.61 20.06 10.50
N SER B 160 38.46 19.41 10.33
CA SER B 160 38.37 17.94 10.39
C SER B 160 38.42 17.31 9.00
N GLU B 161 38.41 15.98 8.96
CA GLU B 161 38.36 15.24 7.70
C GLU B 161 37.05 15.57 6.99
N ALA B 162 35.94 15.59 7.74
CA ALA B 162 34.64 15.92 7.14
C ALA B 162 34.62 17.31 6.49
N GLY B 163 35.39 18.25 7.05
CA GLY B 163 35.54 19.59 6.50
C GLY B 163 34.51 20.58 7.02
N PHE B 164 33.35 20.08 7.45
CA PHE B 164 32.29 20.91 8.04
C PHE B 164 31.71 20.28 9.30
N GLU B 165 30.91 21.07 10.01
CA GLU B 165 30.05 20.58 11.08
C GLU B 165 28.65 21.11 10.81
N LEU B 166 27.62 20.39 11.26
CA LEU B 166 26.25 20.84 11.05
C LEU B 166 25.88 21.73 12.23
N ALA B 167 25.56 22.99 11.95
CA ALA B 167 25.20 23.95 12.99
C ALA B 167 23.70 24.11 13.18
N LYS B 168 22.95 23.90 12.11
CA LYS B 168 21.50 24.04 12.13
C LYS B 168 20.88 23.15 11.05
N ARG B 169 19.80 22.46 11.39
CA ARG B 169 19.04 21.70 10.39
C ARG B 169 17.54 21.84 10.65
N THR B 170 16.80 22.20 9.62
CA THR B 170 15.34 22.23 9.65
C THR B 170 14.86 21.24 8.60
N ILE B 171 14.23 20.16 9.04
CA ILE B 171 13.65 19.20 8.13
C ILE B 171 12.21 19.57 7.87
N LEU B 172 11.93 19.98 6.65
CA LEU B 172 10.58 20.17 6.19
C LEU B 172 10.09 18.86 5.60
N ILE B 173 9.18 18.20 6.28
CA ILE B 173 8.73 16.88 5.88
C ILE B 173 7.49 17.00 5.02
N ASP B 174 7.40 16.22 3.95
CA ASP B 174 6.21 16.21 3.08
C ASP B 174 5.13 15.26 3.58
N GLN B 175 4.70 15.50 4.83
CA GLN B 175 3.66 14.73 5.48
C GLN B 175 2.94 15.65 6.48
N SER B 176 1.64 15.39 6.71
CA SER B 176 0.91 16.02 7.80
C SER B 176 0.97 15.04 8.94
N THR B 177 0.08 14.07 8.91
CA THR B 177 0.16 12.90 9.75
C THR B 177 1.38 12.12 9.33
N ILE B 178 2.23 11.76 10.28
CA ILE B 178 3.39 10.93 10.00
C ILE B 178 2.94 9.51 9.65
N LEU B 179 3.38 9.03 8.48
CA LEU B 179 3.03 7.72 7.98
C LEU B 179 4.08 6.71 8.37
N SER B 180 4.26 6.56 9.67
CA SER B 180 5.27 5.69 10.23
C SER B 180 4.96 5.50 11.71
N ASN B 181 5.20 4.32 12.21
CA ASN B 181 4.92 4.00 13.60
C ASN B 181 5.86 4.70 14.56
N ASN B 182 6.95 5.24 14.02
CA ASN B 182 7.92 6.03 14.80
C ASN B 182 8.87 6.81 13.89
N LEU B 183 9.78 7.57 14.51
CA LEU B 183 10.83 8.28 13.81
C LEU B 183 12.14 7.99 14.54
N SER B 184 12.57 6.74 14.45
CA SER B 184 13.70 6.23 15.24
C SER B 184 15.04 6.37 14.53
N PHE B 185 15.07 7.08 13.41
CA PHE B 185 16.30 7.30 12.65
C PHE B 185 16.53 8.81 12.57
N PHE B 186 17.53 9.25 11.79
CA PHE B 186 17.82 10.69 11.63
C PHE B 186 17.78 11.07 10.18
N PHE B 187 17.12 12.20 9.93
CA PHE B 187 17.11 12.82 8.61
C PHE B 187 18.37 13.65 8.46
N TRP C 17 -28.09 -10.18 2.82
CA TRP C 17 -29.00 -9.04 2.51
C TRP C 17 -30.22 -9.54 1.79
N ALA C 18 -31.39 -9.50 2.45
CA ALA C 18 -32.65 -9.88 1.81
C ALA C 18 -33.10 -8.77 0.87
N ASP C 19 -33.88 -9.13 -0.14
CA ASP C 19 -34.44 -8.14 -1.06
C ASP C 19 -35.19 -6.99 -0.35
N ALA C 20 -36.02 -7.30 0.64
CA ALA C 20 -36.77 -6.28 1.36
C ALA C 20 -35.86 -5.26 2.08
N ASP C 21 -34.75 -5.74 2.65
CA ASP C 21 -33.77 -4.89 3.30
C ASP C 21 -33.07 -3.95 2.30
N ILE C 22 -32.80 -4.45 1.09
CA ILE C 22 -32.19 -3.64 0.03
C ILE C 22 -33.11 -2.50 -0.46
N ALA C 23 -34.41 -2.78 -0.57
CA ALA C 23 -35.37 -1.80 -1.08
C ALA C 23 -35.49 -0.59 -0.16
N GLU C 24 -35.35 -0.84 1.15
CA GLU C 24 -35.40 0.20 2.19
C GLU C 24 -34.17 1.12 2.19
N LEU C 25 -33.13 0.76 1.46
CA LEU C 25 -31.93 1.60 1.36
C LEU C 25 -32.14 2.83 0.47
N VAL C 26 -33.13 2.77 -0.42
CA VAL C 26 -33.46 3.87 -1.33
C VAL C 26 -34.97 4.13 -1.29
N ASP C 27 -35.33 5.41 -1.16
CA ASP C 27 -36.73 5.82 -1.13
C ASP C 27 -36.95 6.98 -2.13
N GLU C 28 -37.57 6.64 -3.26
CA GLU C 28 -37.78 7.59 -4.35
C GLU C 28 -38.87 8.62 -4.01
N ARG C 29 -39.81 8.18 -3.18
CA ARG C 29 -40.96 8.97 -2.73
C ARG C 29 -40.51 10.17 -1.86
N THR C 30 -39.71 9.86 -0.84
CA THR C 30 -39.28 10.82 0.15
C THR C 30 -38.00 11.53 -0.27
N GLY C 31 -37.14 10.80 -0.98
CA GLY C 31 -35.86 11.32 -1.45
C GLY C 31 -34.77 11.11 -0.42
N ARG C 32 -34.45 9.83 -0.17
CA ARG C 32 -33.46 9.43 0.83
C ARG C 32 -32.57 8.34 0.25
N LEU C 33 -31.27 8.43 0.52
CA LEU C 33 -30.29 7.42 0.14
C LEU C 33 -29.48 7.00 1.38
N ASP C 34 -29.63 5.76 1.82
CA ASP C 34 -28.76 5.19 2.85
C ASP C 34 -27.30 5.16 2.36
N PRO C 35 -26.36 5.77 3.08
CA PRO C 35 -24.96 5.82 2.62
C PRO C 35 -24.27 4.45 2.54
N ARG C 36 -24.78 3.42 3.23
CA ARG C 36 -24.18 2.09 3.15
C ARG C 36 -24.18 1.46 1.76
N ILE C 37 -24.94 2.02 0.82
CA ILE C 37 -24.92 1.49 -0.54
C ILE C 37 -23.52 1.66 -1.16
N TYR C 38 -22.82 2.69 -0.72
CA TYR C 38 -21.47 3.02 -1.19
C TYR C 38 -20.29 2.33 -0.46
N THR C 39 -20.56 1.49 0.54
CA THR C 39 -19.48 0.91 1.40
C THR C 39 -19.56 -0.60 1.67
N ASP C 40 -20.78 -1.12 1.83
CA ASP C 40 -21.00 -2.52 2.21
C ASP C 40 -20.39 -3.51 1.20
N GLU C 41 -19.51 -4.40 1.68
CA GLU C 41 -18.87 -5.36 0.80
C GLU C 41 -19.86 -6.33 0.19
N ALA C 42 -20.84 -6.77 0.98
CA ALA C 42 -21.84 -7.74 0.51
C ALA C 42 -22.75 -7.20 -0.61
N LEU C 43 -23.10 -5.92 -0.52
CA LEU C 43 -23.82 -5.26 -1.62
C LEU C 43 -22.96 -5.26 -2.87
N TYR C 44 -21.72 -4.79 -2.72
CA TYR C 44 -20.79 -4.75 -3.83
C TYR C 44 -20.76 -6.07 -4.61
N GLU C 45 -20.68 -7.20 -3.90
CA GLU C 45 -20.58 -8.52 -4.54
C GLU C 45 -21.87 -8.84 -5.33
N GLN C 46 -23.00 -8.48 -4.75
CA GLN C 46 -24.28 -8.61 -5.40
C GLN C 46 -24.44 -7.65 -6.60
N GLU C 47 -23.80 -6.47 -6.55
CA GLU C 47 -23.76 -5.57 -7.71
C GLU C 47 -23.00 -6.22 -8.87
N LEU C 48 -21.94 -6.97 -8.57
CA LEU C 48 -21.20 -7.64 -9.62
C LEU C 48 -22.04 -8.71 -10.29
N GLU C 49 -22.86 -9.42 -9.51
CA GLU C 49 -23.72 -10.45 -10.06
C GLU C 49 -24.87 -9.84 -10.83
N ARG C 50 -25.56 -8.92 -10.18
CA ARG C 50 -26.90 -8.53 -10.59
C ARG C 50 -26.93 -7.25 -11.39
N ILE C 51 -25.88 -6.46 -11.30
CA ILE C 51 -25.77 -5.26 -12.15
C ILE C 51 -24.78 -5.50 -13.29
N PHE C 52 -23.52 -5.66 -12.94
CA PHE C 52 -22.46 -5.79 -13.94
C PHE C 52 -22.51 -7.12 -14.72
N GLY C 53 -23.09 -8.15 -14.14
CA GLY C 53 -23.19 -9.46 -14.79
C GLY C 53 -24.31 -9.55 -15.83
N ARG C 54 -25.17 -8.54 -15.87
CA ARG C 54 -26.22 -8.55 -16.86
C ARG C 54 -26.62 -7.19 -17.43
N SER C 55 -25.78 -6.17 -17.27
CA SER C 55 -26.05 -4.85 -17.84
C SER C 55 -25.27 -4.67 -19.13
N TRP C 56 -25.65 -3.70 -19.93
CA TRP C 56 -24.87 -3.35 -21.10
C TRP C 56 -23.81 -2.34 -20.68
N LEU C 57 -22.55 -2.65 -20.99
CA LEU C 57 -21.39 -1.86 -20.54
C LEU C 57 -20.52 -1.39 -21.70
N LEU C 58 -19.98 -0.19 -21.57
CA LEU C 58 -19.19 0.45 -22.63
C LEU C 58 -17.85 -0.19 -22.83
N MET C 59 -17.65 -0.77 -24.00
CA MET C 59 -16.34 -1.32 -24.39
C MET C 59 -15.44 -0.33 -25.14
N GLY C 60 -15.99 0.75 -25.65
CA GLY C 60 -15.22 1.71 -26.42
C GLY C 60 -15.92 2.09 -27.72
N HIS C 61 -15.15 2.23 -28.79
CA HIS C 61 -15.62 2.78 -30.06
C HIS C 61 -15.10 1.94 -31.23
N GLU C 62 -16.00 1.54 -32.12
CA GLU C 62 -15.66 0.87 -33.37
C GLU C 62 -14.31 1.25 -33.95
N THR C 63 -14.04 2.56 -34.06
CA THR C 63 -12.83 3.07 -34.74
C THR C 63 -11.53 2.93 -33.93
N GLN C 64 -11.62 2.58 -32.65
CA GLN C 64 -10.43 2.24 -31.86
C GLN C 64 -9.84 0.89 -32.30
N ILE C 65 -10.68 0.03 -32.90
CA ILE C 65 -10.25 -1.28 -33.40
C ILE C 65 -10.77 -1.55 -34.83
N PRO C 66 -10.28 -0.80 -35.82
CA PRO C 66 -10.82 -0.86 -37.19
C PRO C 66 -10.45 -2.09 -38.05
N LYS C 67 -9.20 -2.54 -38.02
CA LYS C 67 -8.76 -3.65 -38.87
C LYS C 67 -8.91 -5.03 -38.20
N ALA C 68 -9.05 -6.07 -39.02
CA ALA C 68 -9.06 -7.46 -38.53
C ALA C 68 -7.83 -7.71 -37.69
N GLY C 69 -8.03 -8.24 -36.48
CA GLY C 69 -6.94 -8.56 -35.58
C GLY C 69 -6.66 -7.53 -34.50
N ASP C 70 -7.20 -6.32 -34.66
CA ASP C 70 -7.04 -5.26 -33.68
C ASP C 70 -7.78 -5.60 -32.42
N PHE C 71 -7.16 -5.31 -31.28
CA PHE C 71 -7.76 -5.61 -30.00
C PHE C 71 -7.38 -4.55 -28.99
N MET C 72 -8.26 -4.42 -28.00
CA MET C 72 -8.02 -3.63 -26.83
C MET C 72 -8.68 -4.35 -25.66
N THR C 73 -8.11 -4.24 -24.46
CA THR C 73 -8.72 -4.83 -23.27
C THR C 73 -9.68 -3.82 -22.68
N ASN C 74 -10.63 -4.31 -21.91
CA ASN C 74 -11.48 -3.43 -21.13
C ASN C 74 -11.90 -4.21 -19.90
N TYR C 75 -12.96 -3.78 -19.23
CA TYR C 75 -13.49 -4.48 -18.08
C TYR C 75 -15.01 -4.45 -18.09
N MET C 76 -15.60 -5.56 -17.64
CA MET C 76 -16.99 -5.59 -17.21
C MET C 76 -16.93 -5.95 -15.74
N GLY C 77 -17.08 -4.96 -14.89
CA GLY C 77 -16.87 -5.14 -13.46
C GLY C 77 -15.39 -5.26 -13.22
N GLU C 78 -15.01 -6.28 -12.47
CA GLU C 78 -13.61 -6.65 -12.32
C GLU C 78 -13.26 -7.85 -13.17
N ASP C 79 -14.13 -8.24 -14.09
CA ASP C 79 -13.77 -9.24 -15.09
C ASP C 79 -13.02 -8.58 -16.22
N PRO C 80 -11.77 -8.98 -16.46
CA PRO C 80 -11.00 -8.43 -17.57
C PRO C 80 -11.48 -9.08 -18.87
N VAL C 81 -11.61 -8.29 -19.93
CA VAL C 81 -12.11 -8.79 -21.20
C VAL C 81 -11.24 -8.33 -22.33
N MET C 82 -11.19 -9.16 -23.37
CA MET C 82 -10.59 -8.81 -24.65
C MET C 82 -11.71 -8.36 -25.56
N VAL C 83 -11.44 -7.32 -26.36
CA VAL C 83 -12.38 -6.75 -27.32
C VAL C 83 -11.68 -6.74 -28.67
N VAL C 84 -12.09 -7.63 -29.60
CA VAL C 84 -11.31 -7.98 -30.79
C VAL C 84 -12.10 -7.92 -32.12
N ARG C 85 -11.57 -7.19 -33.09
CA ARG C 85 -12.07 -7.24 -34.45
C ARG C 85 -11.75 -8.55 -35.16
N GLN C 86 -12.78 -9.18 -35.72
CA GLN C 86 -12.63 -10.44 -36.43
C GLN C 86 -12.39 -10.21 -37.94
N LYS C 87 -12.12 -11.31 -38.65
CA LYS C 87 -11.92 -11.26 -40.10
C LYS C 87 -13.20 -10.87 -40.84
N ASN C 88 -14.37 -11.21 -40.27
CA ASN C 88 -15.65 -10.87 -40.89
C ASN C 88 -16.24 -9.55 -40.42
N GLY C 89 -15.42 -8.69 -39.82
CA GLY C 89 -15.85 -7.40 -39.32
C GLY C 89 -16.50 -7.39 -37.94
N GLU C 90 -16.92 -8.55 -37.47
CA GLU C 90 -17.53 -8.73 -36.15
C GLU C 90 -16.60 -8.28 -35.03
N ILE C 91 -17.20 -7.73 -33.99
CA ILE C 91 -16.48 -7.40 -32.77
C ILE C 91 -16.91 -8.44 -31.74
N ARG C 92 -15.94 -9.18 -31.23
CA ARG C 92 -16.16 -10.09 -30.12
C ARG C 92 -15.56 -9.56 -28.83
N VAL C 93 -16.14 -10.02 -27.73
CA VAL C 93 -15.68 -9.72 -26.40
C VAL C 93 -15.70 -10.98 -25.59
N PHE C 94 -14.54 -11.37 -25.06
CA PHE C 94 -14.40 -12.56 -24.23
C PHE C 94 -13.56 -12.33 -23.00
N LEU C 95 -13.81 -13.11 -21.96
CA LEU C 95 -13.04 -13.06 -20.71
C LEU C 95 -11.57 -13.25 -21.06
N ASN C 96 -10.72 -12.40 -20.49
CA ASN C 96 -9.27 -12.56 -20.60
C ASN C 96 -8.78 -13.53 -19.53
N GLN C 97 -9.34 -14.73 -19.55
CA GLN C 97 -9.00 -15.80 -18.62
C GLN C 97 -8.98 -17.15 -19.32
N CYS C 98 -7.85 -17.85 -19.20
CA CYS C 98 -7.70 -19.20 -19.73
C CYS C 98 -8.40 -20.22 -18.79
N ARG C 99 -9.24 -21.09 -19.34
CA ARG C 99 -10.05 -22.00 -18.51
C ARG C 99 -9.23 -23.14 -17.93
N HIS C 100 -7.97 -23.29 -18.36
CA HIS C 100 -7.14 -24.32 -17.76
C HIS C 100 -6.89 -24.00 -16.30
N ARG C 101 -6.12 -22.93 -16.05
CA ARG C 101 -5.75 -22.52 -14.69
C ARG C 101 -5.76 -20.99 -14.49
N GLY C 102 -6.54 -20.27 -15.30
CA GLY C 102 -6.88 -18.90 -15.03
C GLY C 102 -5.92 -17.81 -15.50
N MET C 103 -4.88 -18.18 -16.21
CA MET C 103 -3.89 -17.21 -16.66
C MET C 103 -4.55 -16.18 -17.59
N ARG C 104 -4.12 -14.93 -17.46
CA ARG C 104 -4.60 -13.87 -18.34
C ARG C 104 -4.10 -14.17 -19.74
N ILE C 105 -5.00 -14.34 -20.70
CA ILE C 105 -4.61 -14.81 -22.02
C ILE C 105 -3.66 -13.82 -22.70
N CYS C 106 -3.91 -12.52 -22.54
CA CYS C 106 -3.13 -11.49 -23.20
C CYS C 106 -2.90 -10.33 -22.23
N ARG C 107 -1.63 -10.03 -21.97
CA ARG C 107 -1.25 -9.02 -21.00
C ARG C 107 -1.00 -7.64 -21.60
N ALA C 108 -1.14 -7.49 -22.92
CA ALA C 108 -0.97 -6.17 -23.55
C ALA C 108 -2.30 -5.42 -23.51
N ASP C 109 -2.21 -4.08 -23.57
CA ASP C 109 -3.39 -3.22 -23.47
C ASP C 109 -4.16 -3.26 -24.78
N GLY C 110 -3.47 -3.66 -25.83
CA GLY C 110 -4.00 -3.61 -27.18
C GLY C 110 -2.89 -3.82 -28.20
N GLY C 111 -3.30 -4.12 -29.43
CA GLY C 111 -2.38 -4.28 -30.55
C GLY C 111 -3.10 -4.88 -31.74
N ASN C 112 -2.34 -5.58 -32.59
CA ASN C 112 -2.90 -6.39 -33.66
C ASN C 112 -2.31 -7.77 -33.52
N ALA C 113 -3.16 -8.79 -33.52
CA ALA C 113 -2.68 -10.18 -33.49
C ALA C 113 -3.46 -11.08 -34.44
N LYS C 114 -2.81 -12.18 -34.86
CA LYS C 114 -3.46 -13.23 -35.67
C LYS C 114 -3.91 -14.40 -34.80
N SER C 115 -3.38 -14.47 -33.57
CA SER C 115 -3.80 -15.46 -32.58
C SER C 115 -3.38 -14.99 -31.17
N PHE C 116 -3.81 -15.73 -30.13
CA PHE C 116 -3.45 -15.43 -28.73
C PHE C 116 -3.04 -16.69 -28.01
N THR C 117 -1.80 -16.74 -27.54
CA THR C 117 -1.31 -17.94 -26.86
C THR C 117 -1.08 -17.67 -25.37
N CYS C 118 -1.70 -18.52 -24.55
CA CYS C 118 -1.51 -18.50 -23.10
C CYS C 118 -0.07 -18.83 -22.77
N SER C 119 0.53 -18.03 -21.89
CA SER C 119 1.95 -18.18 -21.55
C SER C 119 2.21 -19.24 -20.46
N TYR C 120 1.16 -19.75 -19.82
CA TYR C 120 1.36 -20.72 -18.75
C TYR C 120 1.64 -22.12 -19.33
N HIS C 121 0.66 -22.71 -20.02
CA HIS C 121 0.84 -24.03 -20.61
C HIS C 121 0.52 -24.08 -22.12
N GLY C 122 0.41 -22.92 -22.76
CA GLY C 122 0.37 -22.86 -24.22
C GLY C 122 -0.94 -23.24 -24.90
N TRP C 123 -2.05 -23.09 -24.20
CA TRP C 123 -3.34 -23.25 -24.87
C TRP C 123 -3.49 -22.09 -25.86
N ALA C 124 -3.83 -22.41 -27.11
CA ALA C 124 -3.79 -21.44 -28.19
C ALA C 124 -5.19 -21.11 -28.66
N TYR C 125 -5.43 -19.83 -28.86
CA TYR C 125 -6.72 -19.31 -29.22
C TYR C 125 -6.65 -18.53 -30.55
N ASP C 126 -7.67 -18.63 -31.38
CA ASP C 126 -7.78 -17.75 -32.54
C ASP C 126 -8.31 -16.40 -32.06
N THR C 127 -8.40 -15.42 -32.95
CA THR C 127 -8.75 -14.05 -32.55
C THR C 127 -10.20 -13.87 -32.01
N GLY C 128 -11.05 -14.88 -32.21
CA GLY C 128 -12.40 -14.88 -31.65
C GLY C 128 -12.51 -15.45 -30.25
N GLY C 129 -11.41 -16.00 -29.73
CA GLY C 129 -11.37 -16.57 -28.40
C GLY C 129 -11.71 -18.05 -28.35
N ASN C 130 -11.68 -18.73 -29.48
CA ASN C 130 -11.91 -20.17 -29.52
C ASN C 130 -10.62 -20.90 -29.21
N LEU C 131 -10.70 -21.93 -28.38
CA LEU C 131 -9.56 -22.79 -28.18
C LEU C 131 -9.37 -23.64 -29.43
N VAL C 132 -8.27 -23.42 -30.15
CA VAL C 132 -8.02 -24.15 -31.41
C VAL C 132 -6.99 -25.27 -31.28
N SER C 133 -6.12 -25.20 -30.27
CA SER C 133 -5.19 -26.30 -30.00
C SER C 133 -4.69 -26.30 -28.56
N VAL C 134 -4.23 -27.49 -28.14
CA VAL C 134 -3.69 -27.71 -26.81
C VAL C 134 -2.44 -28.60 -26.92
N PRO C 135 -1.28 -28.19 -26.41
CA PRO C 135 -0.05 -28.99 -26.55
C PRO C 135 -0.24 -30.43 -26.06
N PHE C 136 0.35 -31.39 -26.77
CA PHE C 136 0.28 -32.80 -26.40
C PHE C 136 -1.17 -33.27 -26.21
N GLU C 137 -2.08 -32.85 -27.09
CA GLU C 137 -3.52 -33.11 -26.90
C GLU C 137 -3.87 -34.59 -26.99
N GLU C 138 -3.25 -35.29 -27.94
CA GLU C 138 -3.58 -36.68 -28.21
C GLU C 138 -3.12 -37.61 -27.08
N GLN C 139 -1.92 -37.39 -26.55
CA GLN C 139 -1.39 -38.24 -25.46
C GLN C 139 -1.84 -37.83 -24.04
N ALA C 140 -2.48 -36.65 -23.91
CA ALA C 140 -2.82 -36.10 -22.59
C ALA C 140 -4.24 -35.53 -22.43
N PHE C 141 -5.01 -35.44 -23.51
CA PHE C 141 -6.35 -34.84 -23.45
C PHE C 141 -7.30 -35.52 -24.47
N PRO C 142 -7.34 -36.86 -24.48
CA PRO C 142 -8.10 -37.59 -25.49
C PRO C 142 -9.56 -37.17 -25.58
N GLY C 143 -10.27 -37.10 -24.45
CA GLY C 143 -11.69 -36.76 -24.47
C GLY C 143 -11.97 -35.36 -25.02
N LEU C 144 -11.10 -34.41 -24.66
CA LEU C 144 -11.33 -32.95 -24.78
C LEU C 144 -12.13 -32.47 -25.99
N ARG C 145 -13.23 -31.79 -25.70
CA ARG C 145 -13.96 -31.00 -26.69
C ARG C 145 -13.52 -29.54 -26.56
N LYS C 146 -12.66 -29.10 -27.48
CA LYS C 146 -12.06 -27.76 -27.44
C LYS C 146 -13.09 -26.63 -27.54
N GLU C 147 -14.20 -26.91 -28.19
CA GLU C 147 -15.24 -25.91 -28.45
C GLU C 147 -16.07 -25.59 -27.19
N ASP C 148 -15.96 -26.43 -26.17
CA ASP C 148 -16.64 -26.23 -24.88
C ASP C 148 -15.77 -25.47 -23.88
N TRP C 149 -14.48 -25.33 -24.19
CA TRP C 149 -13.51 -24.91 -23.18
C TRP C 149 -12.80 -23.59 -23.48
N GLY C 150 -13.44 -22.74 -24.25
CA GLY C 150 -12.97 -21.39 -24.48
C GLY C 150 -13.52 -20.41 -23.47
N PRO C 151 -12.86 -19.27 -23.34
CA PRO C 151 -13.30 -18.23 -22.41
C PRO C 151 -14.70 -17.72 -22.72
N LEU C 152 -15.42 -17.37 -21.66
CA LEU C 152 -16.78 -16.89 -21.75
C LEU C 152 -16.93 -15.73 -22.75
N GLN C 153 -18.03 -15.75 -23.50
CA GLN C 153 -18.26 -14.76 -24.55
C GLN C 153 -19.39 -13.82 -24.13
N ALA C 154 -19.21 -12.53 -24.39
CA ALA C 154 -20.27 -11.56 -24.13
C ALA C 154 -20.98 -11.25 -25.43
N ARG C 155 -22.26 -10.90 -25.31
CA ARG C 155 -22.99 -10.32 -26.42
C ARG C 155 -22.45 -8.93 -26.69
N VAL C 156 -22.15 -8.65 -27.96
CA VAL C 156 -21.70 -7.33 -28.38
C VAL C 156 -22.75 -6.72 -29.30
N GLU C 157 -23.15 -5.50 -28.99
CA GLU C 157 -23.92 -4.69 -29.92
C GLU C 157 -23.38 -3.27 -29.92
N THR C 158 -23.59 -2.55 -31.00
CA THR C 158 -23.10 -1.17 -31.10
C THR C 158 -24.25 -0.18 -31.12
N TYR C 159 -23.92 1.09 -30.92
CA TYR C 159 -24.86 2.15 -31.16
C TYR C 159 -24.13 3.38 -31.69
N LYS C 160 -24.32 3.66 -32.99
CA LYS C 160 -23.73 4.83 -33.65
C LYS C 160 -22.26 5.08 -33.27
N GLY C 161 -21.48 4.00 -33.25
CA GLY C 161 -20.06 4.06 -32.93
C GLY C 161 -19.67 3.37 -31.63
N LEU C 162 -20.51 3.49 -30.61
CA LEU C 162 -20.18 2.99 -29.28
C LEU C 162 -20.35 1.47 -29.19
N ILE C 163 -19.37 0.78 -28.58
CA ILE C 163 -19.43 -0.66 -28.38
C ILE C 163 -19.88 -0.94 -26.97
N PHE C 164 -20.87 -1.80 -26.82
CA PHE C 164 -21.34 -2.25 -25.51
C PHE C 164 -21.30 -3.78 -25.46
N ALA C 165 -21.14 -4.35 -24.27
CA ALA C 165 -21.20 -5.80 -24.09
C ALA C 165 -22.09 -6.17 -22.90
N ASN C 166 -22.51 -7.42 -22.84
CA ASN C 166 -23.47 -7.89 -21.84
C ASN C 166 -23.43 -9.40 -21.82
N TRP C 167 -23.19 -9.99 -20.66
CA TRP C 167 -23.00 -11.44 -20.58
C TRP C 167 -24.29 -12.23 -20.79
N ASP C 168 -25.42 -11.58 -20.54
CA ASP C 168 -26.67 -12.29 -20.22
C ASP C 168 -27.56 -12.46 -21.46
N ALA C 169 -27.78 -13.71 -21.85
CA ALA C 169 -28.59 -14.02 -23.03
C ALA C 169 -30.07 -13.56 -22.93
N ASP C 170 -30.59 -13.42 -21.71
CA ASP C 170 -31.98 -13.00 -21.49
C ASP C 170 -32.20 -11.47 -21.33
N ALA C 171 -31.09 -10.72 -21.34
CA ALA C 171 -31.17 -9.27 -21.30
C ALA C 171 -31.76 -8.72 -22.59
N PRO C 172 -32.40 -7.57 -22.54
CA PRO C 172 -32.90 -6.95 -23.77
C PRO C 172 -31.73 -6.65 -24.71
N ASP C 173 -31.99 -6.40 -25.99
CA ASP C 173 -30.91 -5.95 -26.87
C ASP C 173 -30.57 -4.51 -26.48
N LEU C 174 -29.45 -4.03 -27.01
CA LEU C 174 -28.91 -2.75 -26.64
C LEU C 174 -29.92 -1.66 -26.93
N ASP C 175 -30.56 -1.76 -28.08
CA ASP C 175 -31.56 -0.81 -28.52
C ASP C 175 -32.72 -0.67 -27.51
N THR C 176 -33.21 -1.78 -26.99
CA THR C 176 -34.27 -1.75 -26.00
C THR C 176 -33.78 -1.17 -24.66
N TYR C 177 -32.64 -1.68 -24.20
CA TYR C 177 -31.97 -1.19 -22.99
C TYR C 177 -31.81 0.33 -22.98
N LEU C 178 -31.27 0.88 -24.05
CA LEU C 178 -31.12 2.33 -24.21
C LEU C 178 -32.49 3.01 -24.26
N GLY C 179 -33.46 2.37 -24.92
CA GLY C 179 -34.83 2.86 -24.97
C GLY C 179 -34.91 4.28 -25.51
N GLU C 180 -35.52 5.18 -24.73
CA GLU C 180 -35.69 6.58 -25.16
C GLU C 180 -34.46 7.46 -24.88
N ALA C 181 -33.51 6.94 -24.12
CA ALA C 181 -32.23 7.62 -23.96
C ALA C 181 -31.46 7.75 -25.30
N LYS C 182 -31.74 6.89 -26.28
CA LYS C 182 -31.14 7.06 -27.63
C LYS C 182 -31.29 8.51 -28.14
N PHE C 183 -32.47 9.09 -27.92
CA PHE C 183 -32.77 10.48 -28.24
C PHE C 183 -31.66 11.41 -27.72
N TYR C 184 -31.25 11.25 -26.46
CA TYR C 184 -30.22 12.13 -25.86
C TYR C 184 -28.78 11.80 -26.29
N MET C 185 -28.51 10.54 -26.57
CA MET C 185 -27.20 10.11 -27.04
C MET C 185 -26.90 10.71 -28.42
N ASP C 186 -27.96 10.91 -29.22
CA ASP C 186 -27.85 11.38 -30.60
C ASP C 186 -27.36 12.84 -30.70
N HIS C 187 -27.46 13.60 -29.61
CA HIS C 187 -26.90 14.96 -29.60
C HIS C 187 -25.38 14.95 -29.76
N MET C 188 -24.75 13.81 -29.44
CA MET C 188 -23.31 13.61 -29.64
C MET C 188 -22.98 12.69 -30.81
N LEU C 189 -23.82 11.67 -31.03
CA LEU C 189 -23.50 10.56 -31.93
C LEU C 189 -24.11 10.57 -33.34
N ASP C 190 -24.98 11.55 -33.65
CA ASP C 190 -25.74 11.56 -34.91
C ASP C 190 -25.92 12.94 -35.52
N ARG C 191 -24.92 13.79 -35.34
CA ARG C 191 -24.90 15.16 -35.87
C ARG C 191 -24.48 15.20 -37.35
N THR C 192 -24.07 14.05 -37.87
CA THR C 192 -23.72 13.93 -39.29
C THR C 192 -23.85 12.49 -39.82
N GLU C 193 -24.00 12.37 -41.14
CA GLU C 193 -24.12 11.05 -41.77
C GLU C 193 -22.80 10.27 -41.71
N ALA C 194 -21.69 10.98 -41.51
CA ALA C 194 -20.34 10.39 -41.42
C ALA C 194 -20.09 9.63 -40.12
N GLY C 195 -20.84 9.94 -39.07
CA GLY C 195 -20.66 9.31 -37.77
C GLY C 195 -19.51 9.95 -37.01
N THR C 196 -19.29 9.48 -35.77
CA THR C 196 -18.15 9.92 -34.97
C THR C 196 -16.98 8.94 -35.08
N GLU C 197 -15.79 9.42 -34.76
CA GLU C 197 -14.62 8.58 -34.59
C GLU C 197 -13.94 8.88 -33.26
N ALA C 198 -13.28 7.89 -32.69
CA ALA C 198 -12.54 8.11 -31.46
C ALA C 198 -11.16 8.64 -31.77
N ILE C 199 -10.79 9.74 -31.14
CA ILE C 199 -9.39 10.16 -31.16
C ILE C 199 -8.58 9.08 -30.44
N PRO C 200 -7.48 8.62 -31.02
CA PRO C 200 -6.72 7.52 -30.41
C PRO C 200 -6.21 7.90 -29.01
N GLY C 201 -6.23 6.96 -28.08
CA GLY C 201 -5.68 7.18 -26.76
C GLY C 201 -6.77 7.18 -25.72
N ILE C 202 -6.56 6.40 -24.66
CA ILE C 202 -7.48 6.23 -23.56
C ILE C 202 -6.73 6.54 -22.26
N GLN C 203 -7.20 7.51 -21.49
CA GLN C 203 -6.59 7.83 -20.19
C GLN C 203 -7.27 7.02 -19.11
N LYS C 204 -6.46 6.29 -18.35
CA LYS C 204 -6.94 5.49 -17.22
C LYS C 204 -6.27 6.01 -15.97
N TRP C 205 -7.08 6.21 -14.93
CA TRP C 205 -6.59 6.57 -13.61
C TRP C 205 -7.51 6.03 -12.51
N VAL C 206 -7.01 6.06 -11.27
CA VAL C 206 -7.63 5.41 -10.12
C VAL C 206 -8.17 6.46 -9.17
N ILE C 207 -9.45 6.37 -8.82
CA ILE C 207 -10.09 7.28 -7.84
C ILE C 207 -10.69 6.47 -6.72
N PRO C 208 -10.19 6.59 -5.48
CA PRO C 208 -10.74 5.84 -4.34
C PRO C 208 -12.11 6.31 -3.86
N CYS C 209 -13.13 5.99 -4.64
CA CYS C 209 -14.52 6.33 -4.36
C CYS C 209 -15.45 5.29 -5.01
N ASN C 210 -16.71 5.31 -4.59
CA ASN C 210 -17.69 4.38 -5.10
C ASN C 210 -18.14 4.78 -6.51
N TRP C 211 -18.46 3.78 -7.31
CA TRP C 211 -18.82 4.02 -8.69
C TRP C 211 -20.10 4.83 -8.82
N LYS C 212 -20.98 4.68 -7.83
CA LYS C 212 -22.28 5.32 -7.90
C LYS C 212 -22.20 6.85 -7.83
N PHE C 213 -21.24 7.40 -7.09
CA PHE C 213 -21.03 8.85 -7.07
C PHE C 213 -20.71 9.39 -8.45
N ALA C 214 -19.89 8.66 -9.22
CA ALA C 214 -19.53 9.08 -10.59
C ALA C 214 -20.65 8.88 -11.60
N ALA C 215 -21.26 7.70 -11.60
CA ALA C 215 -22.44 7.40 -12.44
C ALA C 215 -23.57 8.41 -12.20
N GLU C 216 -23.89 8.62 -10.93
CA GLU C 216 -24.87 9.62 -10.54
C GLU C 216 -24.54 11.04 -10.99
N GLN C 217 -23.28 11.42 -10.92
CA GLN C 217 -22.96 12.81 -11.23
C GLN C 217 -23.24 13.14 -12.67
N PHE C 218 -22.78 12.30 -13.59
CA PHE C 218 -23.00 12.55 -15.02
C PHE C 218 -24.47 12.29 -15.40
N CYS C 219 -25.22 11.65 -14.49
CA CYS C 219 -26.63 11.31 -14.71
C CYS C 219 -27.58 12.43 -14.36
N SER C 220 -27.24 13.21 -13.34
CA SER C 220 -28.24 14.04 -12.66
C SER C 220 -27.77 15.40 -12.17
N ASP C 221 -26.48 15.66 -12.22
CA ASP C 221 -25.84 16.61 -11.32
C ASP C 221 -25.21 17.79 -12.08
N MET C 222 -26.06 18.62 -12.67
CA MET C 222 -25.65 19.91 -13.20
C MET C 222 -25.50 20.92 -12.07
N TYR C 223 -26.28 20.73 -11.01
CA TYR C 223 -26.18 21.49 -9.77
C TYR C 223 -24.73 21.78 -9.31
N HIS C 224 -23.85 20.79 -9.37
CA HIS C 224 -22.46 20.96 -8.94
C HIS C 224 -21.67 21.87 -9.88
N ALA C 225 -22.01 21.83 -11.17
CA ALA C 225 -21.40 22.71 -12.17
C ALA C 225 -21.83 24.15 -11.98
N GLY C 226 -23.11 24.34 -11.70
CA GLY C 226 -23.68 25.67 -11.53
C GLY C 226 -23.59 26.23 -10.11
N THR C 227 -22.78 25.59 -9.26
CA THR C 227 -22.53 26.04 -7.90
C THR C 227 -21.04 26.28 -7.68
N THR C 228 -20.38 25.43 -6.87
CA THR C 228 -19.02 25.72 -6.36
C THR C 228 -17.91 24.78 -6.86
N SER C 229 -18.24 23.57 -7.29
CA SER C 229 -17.21 22.58 -7.66
C SER C 229 -16.23 23.10 -8.71
N HIS C 230 -16.74 23.80 -9.73
CA HIS C 230 -15.96 24.14 -10.92
C HIS C 230 -15.78 25.63 -11.14
N LEU C 231 -15.90 26.44 -10.09
CA LEU C 231 -15.62 27.88 -10.20
C LEU C 231 -14.22 28.15 -10.76
N SER C 232 -13.23 27.41 -10.27
CA SER C 232 -11.83 27.58 -10.67
C SER C 232 -11.52 27.19 -12.14
N GLY C 233 -12.15 26.12 -12.62
CA GLY C 233 -11.99 25.67 -14.00
C GLY C 233 -12.65 26.59 -15.03
N ILE C 234 -13.72 27.25 -14.61
CA ILE C 234 -14.38 28.32 -15.39
C ILE C 234 -13.45 29.53 -15.53
N LEU C 235 -12.78 29.90 -14.45
CA LEU C 235 -11.82 31.02 -14.50
C LEU C 235 -10.66 30.71 -15.44
N ALA C 236 -10.22 29.45 -15.50
CA ALA C 236 -9.19 29.01 -16.45
C ALA C 236 -9.61 29.19 -17.92
N GLY C 237 -10.91 29.41 -18.15
CA GLY C 237 -11.47 29.58 -19.48
C GLY C 237 -11.70 31.00 -20.00
N LEU C 238 -11.54 32.02 -19.16
CA LEU C 238 -11.67 33.43 -19.59
C LEU C 238 -10.64 33.82 -20.65
N THR C 251 -28.73 29.46 -16.31
CA THR C 251 -30.08 29.65 -15.78
C THR C 251 -31.09 28.59 -16.25
N GLU C 252 -31.49 28.64 -17.53
CA GLU C 252 -32.53 27.75 -18.08
C GLU C 252 -31.97 26.44 -18.65
N GLY C 253 -32.77 25.38 -18.53
CA GLY C 253 -32.43 24.06 -19.02
C GLY C 253 -33.41 23.00 -18.56
N ILE C 254 -33.22 21.76 -19.05
CA ILE C 254 -34.04 20.64 -18.62
C ILE C 254 -33.21 19.40 -18.29
N GLN C 255 -33.80 18.47 -17.54
CA GLN C 255 -33.16 17.22 -17.18
C GLN C 255 -34.06 16.09 -17.60
N TYR C 256 -33.46 15.05 -18.16
CA TYR C 256 -34.16 13.83 -18.56
C TYR C 256 -33.91 12.71 -17.55
N ARG C 257 -34.97 11.97 -17.24
CA ARG C 257 -34.86 10.76 -16.44
C ARG C 257 -35.62 9.66 -17.14
N ALA C 258 -34.94 8.60 -17.54
CA ALA C 258 -35.59 7.54 -18.30
C ALA C 258 -36.82 7.02 -17.58
N THR C 259 -37.80 6.59 -18.37
CA THR C 259 -39.06 6.07 -17.85
C THR C 259 -38.80 4.74 -17.12
N TRP C 260 -37.82 4.01 -17.64
CA TRP C 260 -37.28 2.82 -16.97
C TRP C 260 -35.81 2.60 -17.38
N GLY C 261 -34.98 2.15 -16.44
CA GLY C 261 -33.63 1.75 -16.75
C GLY C 261 -32.52 2.56 -16.12
N GLY C 262 -32.86 3.74 -15.58
CA GLY C 262 -31.94 4.52 -14.78
C GLY C 262 -30.91 5.34 -15.55
N HIS C 263 -31.17 5.62 -16.81
CA HIS C 263 -30.33 6.52 -17.58
C HIS C 263 -30.75 7.96 -17.22
N GLY C 264 -29.89 8.92 -17.49
CA GLY C 264 -30.21 10.31 -17.23
C GLY C 264 -29.39 11.28 -18.06
N SER C 265 -29.92 12.49 -18.28
CA SER C 265 -29.15 13.57 -18.93
C SER C 265 -29.72 14.95 -18.62
N GLY C 266 -28.86 15.93 -18.47
CA GLY C 266 -29.28 17.30 -18.26
C GLY C 266 -28.51 18.23 -19.17
N PHE C 267 -29.07 19.40 -19.45
CA PHE C 267 -28.41 20.38 -20.33
C PHE C 267 -29.01 21.76 -20.20
N TYR C 268 -28.17 22.76 -20.40
CA TYR C 268 -28.61 24.14 -20.46
C TYR C 268 -29.14 24.44 -21.86
N ILE C 269 -30.07 25.39 -21.94
CA ILE C 269 -30.61 25.83 -23.24
C ILE C 269 -30.30 27.31 -23.50
N GLY C 270 -29.66 27.57 -24.65
CA GLY C 270 -29.52 28.89 -25.22
C GLY C 270 -28.51 29.85 -24.60
N ASP C 271 -27.57 29.33 -23.82
CA ASP C 271 -26.60 30.17 -23.09
C ASP C 271 -25.16 29.75 -23.41
N PRO C 272 -24.61 30.23 -24.53
CA PRO C 272 -23.20 29.98 -24.89
C PRO C 272 -22.24 30.23 -23.73
N ASN C 273 -22.34 31.39 -23.07
CA ASN C 273 -21.48 31.74 -21.95
C ASN C 273 -20.67 30.56 -21.34
N LEU C 274 -21.35 29.56 -20.79
CA LEU C 274 -20.67 28.48 -20.04
C LEU C 274 -19.83 27.55 -20.91
N LEU C 275 -20.37 27.14 -22.05
CA LEU C 275 -19.63 26.25 -22.97
C LEU C 275 -18.39 26.92 -23.57
N LEU C 276 -18.35 28.25 -23.59
CA LEU C 276 -17.17 28.99 -24.05
C LEU C 276 -16.05 28.92 -23.01
N ALA C 277 -16.44 28.90 -21.73
CA ALA C 277 -15.50 28.80 -20.61
C ALA C 277 -14.88 27.41 -20.49
N ILE C 278 -15.61 26.38 -20.90
CA ILE C 278 -15.11 25.02 -20.83
C ILE C 278 -14.27 24.65 -22.06
N MET C 279 -14.81 24.89 -23.24
CA MET C 279 -14.23 24.40 -24.49
C MET C 279 -13.58 25.47 -25.36
N GLY C 280 -13.84 26.74 -25.09
CA GLY C 280 -13.27 27.81 -25.88
C GLY C 280 -14.11 28.22 -27.08
N PRO C 281 -13.63 29.22 -27.82
CA PRO C 281 -14.42 29.87 -28.87
C PRO C 281 -14.62 29.07 -30.18
N LYS C 282 -13.67 28.22 -30.54
CA LYS C 282 -13.72 27.50 -31.82
C LYS C 282 -14.66 26.31 -31.74
N VAL C 283 -14.61 25.60 -30.61
CA VAL C 283 -15.52 24.48 -30.35
C VAL C 283 -16.96 24.97 -30.18
N THR C 284 -17.11 26.04 -29.39
CA THR C 284 -18.42 26.65 -29.13
C THR C 284 -19.12 27.10 -30.43
N GLU C 285 -18.33 27.61 -31.36
CA GLU C 285 -18.83 28.09 -32.64
C GLU C 285 -19.20 26.91 -33.55
N TYR C 286 -18.35 25.89 -33.60
CA TYR C 286 -18.67 24.65 -34.33
C TYR C 286 -19.96 23.96 -33.84
N TRP C 287 -20.28 24.10 -32.55
CA TRP C 287 -21.42 23.41 -31.93
C TRP C 287 -22.73 24.15 -32.14
N THR C 288 -22.65 25.48 -32.34
CA THR C 288 -23.83 26.37 -32.40
C THR C 288 -24.10 27.14 -33.73
N GLN C 289 -23.09 27.34 -34.57
CA GLN C 289 -23.24 28.06 -35.86
C GLN C 289 -22.44 27.45 -37.03
N GLY C 290 -22.91 27.72 -38.25
CA GLY C 290 -22.22 27.30 -39.46
C GLY C 290 -22.82 26.01 -39.99
N PRO C 291 -22.33 25.53 -41.13
CA PRO C 291 -22.93 24.38 -41.82
C PRO C 291 -23.11 23.14 -40.94
N ALA C 292 -22.10 22.83 -40.13
CA ALA C 292 -22.07 21.56 -39.38
C ALA C 292 -23.10 21.56 -38.27
N ALA C 293 -23.37 22.73 -37.70
CA ALA C 293 -24.44 22.89 -36.70
C ALA C 293 -25.83 22.98 -37.33
N GLU C 294 -25.92 23.43 -38.58
CA GLU C 294 -27.17 23.39 -39.33
C GLU C 294 -27.53 21.94 -39.62
N LYS C 295 -26.53 21.13 -39.97
CA LYS C 295 -26.72 19.71 -40.34
C LYS C 295 -27.27 18.94 -39.16
N ALA C 296 -26.74 19.28 -37.98
CA ALA C 296 -27.15 18.69 -36.72
C ALA C 296 -28.64 18.95 -36.43
N SER C 297 -29.09 20.19 -36.63
CA SER C 297 -30.50 20.53 -36.41
C SER C 297 -31.44 19.79 -37.38
N GLU C 298 -31.06 19.79 -38.66
CA GLU C 298 -31.74 19.02 -39.71
C GLU C 298 -31.92 17.57 -39.30
N ARG C 299 -30.83 16.95 -38.86
CA ARG C 299 -30.80 15.50 -38.56
C ARG C 299 -31.53 15.13 -37.26
N LEU C 300 -31.65 16.08 -36.33
CA LEU C 300 -32.39 15.90 -35.09
C LEU C 300 -33.76 16.58 -35.11
N GLY C 301 -34.20 16.98 -36.30
CA GLY C 301 -35.47 17.65 -36.50
C GLY C 301 -35.77 18.80 -35.55
N SER C 302 -34.75 19.59 -35.18
CA SER C 302 -34.96 20.70 -34.25
C SER C 302 -33.73 21.58 -34.09
N THR C 303 -33.95 22.88 -34.14
CA THR C 303 -32.88 23.86 -33.96
C THR C 303 -32.42 23.89 -32.53
N GLU C 304 -33.36 23.66 -31.61
CA GLU C 304 -33.04 23.70 -30.19
C GLU C 304 -32.02 22.61 -29.88
N ARG C 305 -32.32 21.39 -30.34
CA ARG C 305 -31.46 20.23 -30.15
C ARG C 305 -30.04 20.41 -30.70
N GLY C 306 -29.94 20.90 -31.93
CA GLY C 306 -28.68 20.92 -32.64
C GLY C 306 -27.77 22.05 -32.25
N GLN C 307 -28.33 23.25 -32.07
CA GLN C 307 -27.54 24.46 -31.93
C GLN C 307 -27.66 25.15 -30.59
N GLN C 308 -28.59 24.71 -29.75
CA GLN C 308 -28.92 25.44 -28.52
C GLN C 308 -28.61 24.69 -27.22
N LEU C 309 -28.37 23.38 -27.30
CA LEU C 309 -27.94 22.58 -26.15
C LEU C 309 -26.48 22.87 -25.74
N MET C 310 -26.29 23.30 -24.50
CA MET C 310 -25.00 23.76 -24.00
C MET C 310 -24.59 22.97 -22.77
N ALA C 311 -23.45 22.27 -22.88
CA ALA C 311 -22.92 21.46 -21.77
C ALA C 311 -23.93 20.42 -21.28
N GLN C 312 -24.13 19.42 -22.12
CA GLN C 312 -24.93 18.28 -21.75
C GLN C 312 -24.07 17.25 -20.98
N HIS C 313 -24.68 16.60 -20.00
CA HIS C 313 -24.07 15.49 -19.28
C HIS C 313 -25.03 14.31 -19.36
N MET C 314 -24.52 13.09 -19.21
CA MET C 314 -25.36 11.91 -19.36
C MET C 314 -24.72 10.60 -18.84
N THR C 315 -25.55 9.70 -18.37
CA THR C 315 -25.15 8.37 -17.98
C THR C 315 -26.13 7.35 -18.59
N ILE C 316 -25.58 6.35 -19.28
CA ILE C 316 -26.28 5.14 -19.60
C ILE C 316 -26.00 4.15 -18.49
N PHE C 317 -27.03 3.86 -17.70
CA PHE C 317 -26.85 3.02 -16.52
C PHE C 317 -26.22 1.67 -16.92
N PRO C 318 -25.32 1.15 -16.08
CA PRO C 318 -24.87 1.78 -14.85
C PRO C 318 -23.64 2.69 -14.93
N THR C 319 -22.66 2.35 -15.77
CA THR C 319 -21.34 2.98 -15.71
C THR C 319 -20.80 3.57 -17.01
N CYS C 320 -21.67 3.89 -17.96
CA CYS C 320 -21.24 4.57 -19.18
C CYS C 320 -21.68 6.04 -19.15
N SER C 321 -20.73 6.97 -19.23
CA SER C 321 -21.02 8.38 -19.01
C SER C 321 -20.30 9.28 -20.00
N PHE C 322 -20.93 10.40 -20.32
CA PHE C 322 -20.37 11.32 -21.30
C PHE C 322 -21.02 12.69 -21.26
N LEU C 323 -20.34 13.65 -21.90
CA LEU C 323 -20.82 15.00 -21.99
C LEU C 323 -20.90 15.47 -23.44
N PRO C 324 -22.05 15.35 -24.10
CA PRO C 324 -22.22 15.89 -25.45
C PRO C 324 -21.85 17.37 -25.57
N GLY C 325 -21.06 17.70 -26.58
CA GLY C 325 -20.55 19.05 -26.78
C GLY C 325 -19.07 19.11 -26.47
N ILE C 326 -18.73 18.72 -25.25
CA ILE C 326 -17.35 18.58 -24.81
C ILE C 326 -16.78 17.32 -25.47
N ASN C 327 -17.63 16.30 -25.55
CA ASN C 327 -17.36 15.04 -26.26
C ASN C 327 -16.33 14.12 -25.58
N THR C 328 -16.16 14.27 -24.27
CA THR C 328 -15.53 13.22 -23.49
C THR C 328 -16.57 12.13 -23.21
N ILE C 329 -16.10 10.89 -23.21
CA ILE C 329 -16.90 9.73 -22.87
C ILE C 329 -16.02 8.82 -22.01
N ARG C 330 -16.64 8.04 -21.13
CA ARG C 330 -15.89 7.17 -20.24
C ARG C 330 -16.69 6.01 -19.64
N ALA C 331 -15.97 5.00 -19.17
CA ALA C 331 -16.55 3.92 -18.42
C ALA C 331 -15.94 4.00 -17.03
N TRP C 332 -16.78 3.82 -16.01
CA TRP C 332 -16.30 3.74 -14.63
C TRP C 332 -16.17 2.26 -14.36
N HIS C 333 -15.04 1.86 -13.79
CA HIS C 333 -14.80 0.46 -13.51
C HIS C 333 -14.72 0.21 -12.00
N PRO C 334 -15.64 -0.56 -11.44
CA PRO C 334 -15.59 -0.84 -10.01
C PRO C 334 -14.35 -1.63 -9.58
N ARG C 335 -13.87 -1.33 -8.38
CA ARG C 335 -12.67 -1.91 -7.79
C ARG C 335 -12.93 -2.08 -6.29
N GLY C 336 -14.00 -2.78 -5.98
CA GLY C 336 -14.58 -2.77 -4.66
C GLY C 336 -15.45 -1.53 -4.49
N PRO C 337 -16.12 -1.42 -3.35
CA PRO C 337 -16.98 -0.26 -3.08
C PRO C 337 -16.23 1.05 -2.81
N ASN C 338 -14.91 0.98 -2.58
CA ASN C 338 -14.15 2.16 -2.17
C ASN C 338 -13.23 2.68 -3.25
N GLU C 339 -13.31 2.08 -4.43
CA GLU C 339 -12.40 2.46 -5.52
C GLU C 339 -13.00 2.28 -6.91
N ILE C 340 -12.59 3.13 -7.84
CA ILE C 340 -12.87 2.90 -9.24
C ILE C 340 -11.68 3.28 -10.08
N GLU C 341 -11.67 2.81 -11.32
CA GLU C 341 -10.84 3.36 -12.36
C GLU C 341 -11.75 4.11 -13.30
N VAL C 342 -11.21 5.17 -13.90
CA VAL C 342 -11.90 5.93 -14.93
C VAL C 342 -11.11 5.70 -16.21
N TRP C 343 -11.77 5.20 -17.23
CA TRP C 343 -11.17 5.01 -18.56
C TRP C 343 -11.89 5.96 -19.51
N ALA C 344 -11.22 7.03 -19.91
CA ALA C 344 -11.86 8.08 -20.69
C ALA C 344 -11.19 8.29 -22.05
N PHE C 345 -12.03 8.61 -23.04
CA PHE C 345 -11.57 9.09 -24.35
C PHE C 345 -12.46 10.18 -24.91
N THR C 346 -12.05 10.73 -26.04
CA THR C 346 -12.79 11.78 -26.72
C THR C 346 -13.24 11.34 -28.11
N VAL C 347 -14.44 11.73 -28.50
CA VAL C 347 -14.96 11.48 -29.84
C VAL C 347 -15.22 12.79 -30.62
N VAL C 348 -14.95 12.74 -31.91
CA VAL C 348 -15.17 13.88 -32.80
C VAL C 348 -16.04 13.42 -33.94
N ASP C 349 -16.73 14.38 -34.57
CA ASP C 349 -17.44 14.09 -35.82
C ASP C 349 -16.37 13.71 -36.86
N ALA C 350 -16.56 12.59 -37.55
CA ALA C 350 -15.54 12.03 -38.45
C ALA C 350 -15.25 12.91 -39.66
N ASP C 351 -16.22 13.73 -40.05
CA ASP C 351 -16.05 14.69 -41.16
C ASP C 351 -15.71 16.10 -40.68
N ALA C 352 -15.41 16.26 -39.40
CA ALA C 352 -14.94 17.53 -38.90
C ALA C 352 -13.58 17.86 -39.52
N PRO C 353 -13.31 19.14 -39.82
CA PRO C 353 -11.98 19.55 -40.30
C PRO C 353 -10.87 19.12 -39.35
N GLU C 354 -9.66 18.90 -39.85
CA GLU C 354 -8.56 18.44 -38.99
C GLU C 354 -8.20 19.45 -37.89
N GLU C 355 -8.46 20.75 -38.10
CA GLU C 355 -8.19 21.77 -37.05
C GLU C 355 -9.17 21.66 -35.90
N MET C 356 -10.37 21.17 -36.18
CA MET C 356 -11.42 20.94 -35.16
C MET C 356 -11.23 19.64 -34.39
N LYS C 357 -10.69 18.62 -35.02
CA LYS C 357 -10.37 17.39 -34.33
C LYS C 357 -9.27 17.70 -33.31
N GLU C 358 -8.29 18.50 -33.74
CA GLU C 358 -7.17 18.93 -32.88
C GLU C 358 -7.62 19.83 -31.71
N GLU C 359 -8.62 20.66 -31.93
CA GLU C 359 -9.07 21.57 -30.90
C GLU C 359 -9.83 20.75 -29.86
N TYR C 360 -10.75 19.91 -30.30
CA TYR C 360 -11.44 18.97 -29.40
C TYR C 360 -10.45 18.18 -28.53
N ARG C 361 -9.33 17.78 -29.14
CA ARG C 361 -8.37 16.91 -28.48
C ARG C 361 -7.71 17.63 -27.32
N GLN C 362 -7.28 18.85 -27.57
CA GLN C 362 -6.55 19.63 -26.60
C GLN C 362 -7.46 20.12 -25.48
N GLN C 363 -8.70 20.49 -25.83
CA GLN C 363 -9.59 21.10 -24.85
C GLN C 363 -10.16 20.09 -23.86
N THR C 364 -10.55 18.91 -24.35
CA THR C 364 -11.01 17.83 -23.45
C THR C 364 -9.91 17.43 -22.48
N LEU C 365 -8.71 17.39 -23.01
CA LEU C 365 -7.51 17.00 -22.30
C LEU C 365 -7.20 18.06 -21.24
N ARG C 366 -7.45 19.32 -21.60
CA ARG C 366 -7.29 20.44 -20.70
C ARG C 366 -8.38 20.46 -19.64
N THR C 367 -9.53 19.83 -19.89
CA THR C 367 -10.67 19.96 -18.98
C THR C 367 -11.08 18.68 -18.27
N PHE C 368 -11.55 17.68 -18.99
CA PHE C 368 -12.13 16.50 -18.37
C PHE C 368 -11.20 15.30 -18.43
N SER C 369 -10.11 15.42 -17.67
CA SER C 369 -9.05 14.43 -17.58
C SER C 369 -8.46 14.44 -16.17
N ALA C 370 -7.59 13.48 -15.87
CA ALA C 370 -6.98 13.39 -14.54
C ALA C 370 -6.28 14.71 -14.19
N GLY C 371 -5.56 15.29 -15.14
CA GLY C 371 -4.92 16.58 -14.92
C GLY C 371 -5.71 17.81 -15.34
N GLY C 372 -6.88 17.60 -15.93
CA GLY C 372 -7.68 18.68 -16.49
C GLY C 372 -8.24 19.61 -15.43
N VAL C 373 -8.59 20.81 -15.83
CA VAL C 373 -8.88 21.89 -14.87
C VAL C 373 -10.27 21.84 -14.31
N PHE C 374 -11.11 20.96 -14.85
CA PHE C 374 -12.40 20.66 -14.27
C PHE C 374 -12.32 19.37 -13.48
N GLU C 375 -12.00 18.27 -14.16
CA GLU C 375 -12.04 16.96 -13.53
C GLU C 375 -11.08 16.74 -12.33
N GLN C 376 -9.92 17.41 -12.34
CA GLN C 376 -9.07 17.56 -11.14
C GLN C 376 -9.86 17.54 -9.83
N ASP C 377 -10.85 18.44 -9.75
CA ASP C 377 -11.57 18.75 -8.52
C ASP C 377 -12.69 17.76 -8.16
N ASP C 378 -13.32 17.13 -9.17
CA ASP C 378 -14.28 16.05 -8.94
C ASP C 378 -13.56 14.88 -8.22
N GLY C 379 -12.32 14.61 -8.64
CA GLY C 379 -11.54 13.55 -8.03
C GLY C 379 -11.37 13.76 -6.53
N GLU C 380 -10.93 14.96 -6.17
CA GLU C 380 -10.72 15.31 -4.76
C GLU C 380 -12.04 15.23 -3.96
N ASN C 381 -13.15 15.64 -4.55
CA ASN C 381 -14.42 15.61 -3.84
C ASN C 381 -14.87 14.18 -3.51
N TRP C 382 -14.97 13.32 -4.53
CA TRP C 382 -15.42 11.94 -4.37
C TRP C 382 -14.56 11.14 -3.37
N VAL C 383 -13.25 11.26 -3.53
CA VAL C 383 -12.25 10.78 -2.56
C VAL C 383 -12.52 11.12 -1.08
N GLU C 384 -12.89 12.37 -0.81
CA GLU C 384 -13.16 12.78 0.56
C GLU C 384 -14.53 12.30 1.02
N ILE C 385 -15.50 12.22 0.12
CA ILE C 385 -16.78 11.63 0.51
C ILE C 385 -16.57 10.21 1.03
N GLN C 386 -15.73 9.43 0.36
CA GLN C 386 -15.60 7.99 0.61
C GLN C 386 -14.81 7.70 1.88
N GLN C 387 -13.75 8.45 2.11
CA GLN C 387 -12.99 8.38 3.36
C GLN C 387 -13.91 8.69 4.55
N VAL C 388 -14.73 9.73 4.44
CA VAL C 388 -15.62 10.09 5.54
C VAL C 388 -16.57 8.94 5.90
N LEU C 389 -16.96 8.13 4.91
CA LEU C 389 -17.91 7.04 5.12
C LEU C 389 -17.33 5.80 5.85
N ARG C 390 -16.05 5.84 6.18
CA ARG C 390 -15.47 4.88 7.11
C ARG C 390 -16.15 4.98 8.49
N GLY C 391 -16.64 6.19 8.82
CA GLY C 391 -17.32 6.45 10.07
C GLY C 391 -18.67 5.77 10.26
N HIS C 392 -18.96 5.39 11.50
CA HIS C 392 -20.19 4.69 11.86
C HIS C 392 -21.38 5.63 11.84
N LYS C 393 -21.22 6.80 12.45
CA LYS C 393 -22.29 7.80 12.42
C LYS C 393 -22.50 8.32 11.00
N ALA C 394 -21.39 8.51 10.27
CA ALA C 394 -21.41 8.93 8.86
C ALA C 394 -22.29 8.07 7.96
N ARG C 395 -22.45 6.80 8.32
CA ARG C 395 -23.25 5.80 7.60
C ARG C 395 -24.65 5.55 8.21
N SER C 396 -24.95 6.26 9.30
CA SER C 396 -26.16 5.98 10.09
C SER C 396 -27.37 6.88 9.76
N ARG C 397 -27.28 7.74 8.75
CA ARG C 397 -28.40 8.61 8.38
C ARG C 397 -28.44 8.89 6.88
N PRO C 398 -29.63 8.92 6.32
CA PRO C 398 -29.75 9.03 4.86
C PRO C 398 -29.22 10.34 4.33
N PHE C 399 -28.69 10.32 3.11
CA PHE C 399 -28.39 11.54 2.37
C PHE C 399 -29.68 12.10 1.82
N ASN C 400 -29.65 13.40 1.57
CA ASN C 400 -30.78 14.10 1.04
C ASN C 400 -30.84 14.04 -0.50
N ALA C 401 -31.82 13.30 -1.03
CA ALA C 401 -32.11 13.29 -2.47
C ALA C 401 -33.56 13.76 -2.80
N GLU C 402 -33.95 14.92 -2.28
CA GLU C 402 -35.32 15.43 -2.45
C GLU C 402 -35.40 16.61 -3.43
N MET C 403 -34.27 16.99 -4.02
CA MET C 403 -34.25 18.11 -4.96
C MET C 403 -35.23 17.85 -6.11
N GLY C 404 -36.14 18.80 -6.34
CA GLY C 404 -37.06 18.75 -7.48
C GLY C 404 -38.13 17.68 -7.37
N LEU C 405 -38.41 17.20 -6.15
CA LEU C 405 -39.43 16.15 -5.93
C LEU C 405 -40.83 16.59 -6.37
N GLY C 406 -41.45 15.80 -7.25
CA GLY C 406 -42.79 16.09 -7.74
C GLY C 406 -42.86 17.26 -8.72
N GLN C 407 -41.70 17.77 -9.14
CA GLN C 407 -41.62 18.87 -10.09
C GLN C 407 -41.23 18.27 -11.43
N THR C 408 -42.12 17.42 -11.94
CA THR C 408 -41.91 16.62 -13.15
C THR C 408 -43.02 16.76 -14.20
N ASP C 409 -42.71 16.27 -15.40
CA ASP C 409 -43.57 16.38 -16.58
C ASP C 409 -43.17 15.28 -17.56
N SER C 410 -43.94 14.21 -17.62
CA SER C 410 -43.60 13.10 -18.52
C SER C 410 -44.42 13.08 -19.83
N ASP C 411 -45.19 14.13 -20.10
CA ASP C 411 -45.90 14.28 -21.38
C ASP C 411 -45.41 15.53 -22.13
N ASN C 412 -44.08 15.67 -22.18
CA ASN C 412 -43.42 16.77 -22.87
C ASN C 412 -43.33 16.44 -24.36
N PRO C 413 -43.84 17.33 -25.23
CA PRO C 413 -43.95 17.00 -26.67
C PRO C 413 -42.60 16.99 -27.42
N ASP C 414 -41.62 17.78 -26.95
CA ASP C 414 -40.31 17.84 -27.60
C ASP C 414 -39.24 16.90 -27.03
N TYR C 415 -39.42 16.42 -25.79
CA TYR C 415 -38.39 15.62 -25.09
C TYR C 415 -39.02 14.40 -24.40
N PRO C 416 -38.60 13.19 -24.79
CA PRO C 416 -39.20 11.96 -24.22
C PRO C 416 -38.75 11.67 -22.79
N GLY C 417 -39.57 10.91 -22.08
CA GLY C 417 -39.30 10.52 -20.72
C GLY C 417 -39.81 11.51 -19.68
N THR C 418 -39.25 11.42 -18.47
CA THR C 418 -39.68 12.21 -17.31
C THR C 418 -38.81 13.45 -17.16
N ILE C 419 -39.34 14.59 -17.62
CA ILE C 419 -38.59 15.84 -17.69
C ILE C 419 -38.71 16.68 -16.41
N SER C 420 -37.59 17.28 -16.02
CA SER C 420 -37.49 18.15 -14.86
C SER C 420 -36.71 19.40 -15.26
N TYR C 421 -36.60 20.38 -14.38
CA TYR C 421 -35.70 21.51 -14.56
C TYR C 421 -34.25 21.01 -14.42
N VAL C 422 -33.30 21.69 -15.05
CA VAL C 422 -31.92 21.19 -15.12
C VAL C 422 -31.25 20.96 -13.75
N TYR C 423 -31.68 21.70 -12.74
CA TYR C 423 -31.22 21.47 -11.37
C TYR C 423 -32.27 20.68 -10.64
N SER C 424 -32.08 19.36 -10.61
CA SER C 424 -32.99 18.44 -9.92
C SER C 424 -32.28 17.10 -9.72
N GLU C 425 -32.77 16.30 -8.79
CA GLU C 425 -32.23 14.97 -8.56
C GLU C 425 -33.24 13.85 -8.87
N GLU C 426 -34.13 14.09 -9.84
CA GLU C 426 -35.01 13.05 -10.39
C GLU C 426 -34.25 11.92 -11.05
N ALA C 427 -33.32 12.28 -11.93
CA ALA C 427 -32.53 11.28 -12.64
C ALA C 427 -31.76 10.46 -11.62
N ALA C 428 -31.22 11.16 -10.62
CA ALA C 428 -30.49 10.51 -9.55
C ALA C 428 -31.38 9.47 -8.89
N ARG C 429 -32.58 9.90 -8.49
CA ARG C 429 -33.53 8.98 -7.87
C ARG C 429 -33.93 7.83 -8.80
N GLY C 430 -33.93 8.10 -10.11
CA GLY C 430 -34.20 7.06 -11.09
C GLY C 430 -33.07 6.04 -11.21
N LEU C 431 -31.83 6.52 -11.14
CA LEU C 431 -30.62 5.67 -11.15
C LEU C 431 -30.54 4.79 -9.90
N TYR C 432 -30.88 5.33 -8.75
CA TYR C 432 -30.85 4.51 -7.53
C TYR C 432 -32.07 3.54 -7.45
N THR C 433 -33.13 3.82 -8.20
CA THR C 433 -34.28 2.93 -8.24
C THR C 433 -34.00 1.80 -9.21
N GLN C 434 -33.36 2.11 -10.33
CA GLN C 434 -32.90 1.05 -11.21
C GLN C 434 -31.87 0.18 -10.49
N TRP C 435 -31.01 0.79 -9.68
CA TRP C 435 -30.14 0.04 -8.74
C TRP C 435 -30.97 -0.94 -7.89
N VAL C 436 -32.04 -0.47 -7.25
CA VAL C 436 -32.89 -1.32 -6.41
C VAL C 436 -33.46 -2.49 -7.23
N ARG C 437 -33.95 -2.20 -8.41
CA ARG C 437 -34.68 -3.19 -9.20
C ARG C 437 -33.76 -4.33 -9.66
N MET C 438 -32.54 -3.97 -10.05
CA MET C 438 -31.55 -4.95 -10.50
C MET C 438 -31.01 -5.76 -9.30
N MET C 439 -30.84 -5.09 -8.15
CA MET C 439 -30.33 -5.73 -6.94
C MET C 439 -31.35 -6.69 -6.33
N THR C 440 -32.63 -6.46 -6.59
CA THR C 440 -33.70 -7.29 -6.03
C THR C 440 -34.35 -8.26 -7.02
N SER C 441 -33.88 -8.29 -8.26
CA SER C 441 -34.36 -9.24 -9.25
C SER C 441 -33.42 -10.44 -9.39
N PRO C 442 -33.90 -11.67 -9.21
CA PRO C 442 -33.09 -12.88 -9.48
C PRO C 442 -32.69 -13.05 -10.96
N ASP C 443 -33.48 -12.51 -11.87
CA ASP C 443 -33.16 -12.62 -13.30
C ASP C 443 -33.82 -11.51 -14.12
N TRP C 444 -33.62 -11.53 -15.43
CA TRP C 444 -34.19 -10.48 -16.28
C TRP C 444 -35.72 -10.57 -16.37
N ALA C 445 -36.31 -11.76 -16.21
CA ALA C 445 -37.77 -11.88 -16.17
C ALA C 445 -38.36 -11.08 -15.00
N ALA C 446 -37.83 -11.27 -13.79
CA ALA C 446 -38.26 -10.50 -12.64
C ALA C 446 -38.06 -8.99 -12.84
N LEU C 447 -37.01 -8.62 -13.57
CA LEU C 447 -36.69 -7.21 -13.84
C LEU C 447 -37.64 -6.57 -14.86
N ASP C 448 -38.01 -7.32 -15.88
CA ASP C 448 -38.99 -6.86 -16.87
C ASP C 448 -40.35 -6.58 -16.22
N ALA C 449 -40.68 -7.32 -15.16
CA ALA C 449 -41.92 -7.10 -14.42
C ALA C 449 -41.93 -5.88 -13.48
N THR C 450 -40.88 -5.07 -13.44
CA THR C 450 -40.95 -3.81 -12.70
C THR C 450 -41.22 -2.63 -13.65
N ARG C 451 -41.26 -2.94 -14.95
CA ARG C 451 -41.59 -1.95 -15.98
C ARG C 451 -43.01 -1.39 -15.80
N PRO C 452 -43.27 -0.17 -16.24
CA PRO C 452 -44.65 0.35 -16.28
C PRO C 452 -45.31 -0.20 -17.54
N ALA C 453 -46.63 -0.36 -17.55
CA ALA C 453 -47.32 -0.84 -18.77
C ALA C 453 -47.23 0.22 -19.89
N ALA D 10 19.74 12.42 -30.68
CA ALA D 10 19.41 13.28 -29.49
C ALA D 10 20.12 12.73 -28.23
N PHE D 11 19.53 11.71 -27.61
CA PHE D 11 20.27 10.83 -26.69
C PHE D 11 20.30 9.44 -27.29
N ARG D 12 20.54 9.40 -28.60
CA ARG D 12 20.60 8.17 -29.37
C ARG D 12 21.93 7.50 -29.09
N THR D 13 23.00 8.30 -29.09
CA THR D 13 24.30 7.84 -28.61
C THR D 13 24.67 8.67 -27.39
N LYS D 14 25.68 8.21 -26.65
CA LYS D 14 26.11 8.85 -25.41
C LYS D 14 26.50 10.31 -25.60
N PRO D 15 25.87 11.22 -24.85
CA PRO D 15 26.18 12.65 -24.94
C PRO D 15 27.67 12.96 -24.86
N ALA D 16 28.13 13.79 -25.79
CA ALA D 16 29.49 14.28 -25.79
C ALA D 16 29.70 15.00 -24.48
N PRO D 17 30.86 14.80 -23.86
CA PRO D 17 31.24 15.54 -22.65
C PRO D 17 31.01 17.05 -22.74
N VAL D 18 30.57 17.64 -21.63
CA VAL D 18 30.38 19.08 -21.58
C VAL D 18 31.10 19.71 -20.40
N ASP D 19 31.26 21.03 -20.49
CA ASP D 19 31.94 21.79 -19.47
C ASP D 19 31.20 21.58 -18.13
N PRO D 20 31.92 21.17 -17.08
CA PRO D 20 31.30 21.09 -15.75
C PRO D 20 30.57 22.36 -15.28
N SER D 21 30.93 23.54 -15.77
CA SER D 21 30.19 24.77 -15.46
C SER D 21 28.80 24.82 -16.12
N LEU D 22 28.67 24.21 -17.29
CA LEU D 22 27.37 24.04 -17.93
C LEU D 22 26.51 22.99 -17.22
N GLN D 23 27.15 21.93 -16.73
CA GLN D 23 26.41 20.91 -15.98
C GLN D 23 25.85 21.56 -14.72
N HIS D 24 26.70 22.29 -14.00
CA HIS D 24 26.33 22.85 -12.70
C HIS D 24 25.17 23.84 -12.86
N GLU D 25 25.20 24.59 -13.94
CA GLU D 25 24.30 25.71 -14.14
C GLU D 25 22.89 25.27 -14.56
N ILE D 26 22.81 24.24 -15.41
CA ILE D 26 21.54 23.61 -15.77
C ILE D 26 20.99 22.82 -14.57
N GLU D 27 21.88 22.19 -13.80
CA GLU D 27 21.47 21.46 -12.62
C GLU D 27 20.78 22.42 -11.63
N GLN D 28 21.40 23.58 -11.42
CA GLN D 28 20.89 24.56 -10.47
C GLN D 28 19.56 25.11 -10.94
N PHE D 29 19.35 25.15 -12.26
CA PHE D 29 18.07 25.56 -12.81
C PHE D 29 16.97 24.60 -12.34
N TYR D 30 17.25 23.30 -12.39
CA TYR D 30 16.28 22.27 -12.07
C TYR D 30 16.03 22.22 -10.57
N TYR D 31 17.08 22.50 -9.81
CA TYR D 31 16.98 22.48 -8.36
C TYR D 31 16.09 23.64 -7.89
N TRP D 32 16.32 24.81 -8.46
CA TRP D 32 15.49 26.00 -8.23
C TRP D 32 14.09 25.79 -8.78
N GLU D 33 13.97 25.17 -9.95
CA GLU D 33 12.65 24.87 -10.49
C GLU D 33 11.82 24.08 -9.50
N ALA D 34 12.43 23.03 -8.96
CA ALA D 34 11.76 22.14 -8.02
C ALA D 34 11.35 22.90 -6.77
N LYS D 35 12.21 23.82 -6.32
CA LYS D 35 11.85 24.63 -5.16
C LYS D 35 10.61 25.47 -5.46
N LEU D 36 10.53 26.06 -6.64
CA LEU D 36 9.35 26.85 -6.96
C LEU D 36 8.08 26.02 -6.90
N LEU D 37 8.08 24.87 -7.57
CA LEU D 37 6.93 23.97 -7.57
C LEU D 37 6.60 23.46 -6.17
N ASN D 38 7.62 22.97 -5.45
CA ASN D 38 7.40 22.35 -4.15
C ASN D 38 6.96 23.31 -3.07
N ASP D 39 7.41 24.56 -3.17
CA ASP D 39 7.08 25.61 -2.21
C ASP D 39 5.93 26.48 -2.73
N ARG D 40 5.26 26.01 -3.79
CA ARG D 40 4.09 26.67 -4.38
C ARG D 40 4.28 28.10 -4.86
N ARG D 41 5.48 28.41 -5.32
CA ARG D 41 5.77 29.67 -5.98
C ARG D 41 5.41 29.58 -7.47
N PHE D 42 4.13 29.36 -7.74
CA PHE D 42 3.67 29.06 -9.08
C PHE D 42 3.77 30.23 -10.02
N GLN D 43 3.74 31.44 -9.51
CA GLN D 43 3.86 32.63 -10.37
C GLN D 43 5.22 32.63 -11.03
N GLU D 44 6.25 32.41 -10.23
CA GLU D 44 7.59 32.29 -10.72
C GLU D 44 7.79 31.09 -11.62
N TRP D 45 7.14 29.96 -11.33
CA TRP D 45 7.32 28.75 -12.14
C TRP D 45 6.80 28.99 -13.55
N PHE D 46 5.62 29.59 -13.65
CA PHE D 46 4.98 29.82 -14.93
C PHE D 46 5.70 30.90 -15.72
N ASP D 47 6.51 31.68 -15.02
CA ASP D 47 7.35 32.66 -15.66
C ASP D 47 8.59 32.05 -16.31
N LEU D 48 9.02 30.90 -15.81
CA LEU D 48 10.07 30.13 -16.45
C LEU D 48 9.65 29.62 -17.80
N LEU D 49 8.36 29.62 -18.11
CA LEU D 49 7.88 28.97 -19.33
C LEU D 49 8.05 29.89 -20.54
N ALA D 50 8.55 29.32 -21.63
CA ALA D 50 8.75 30.05 -22.87
C ALA D 50 7.41 30.35 -23.53
N GLU D 51 7.38 31.37 -24.39
CA GLU D 51 6.16 31.75 -25.10
C GLU D 51 5.75 30.64 -26.10
N ASP D 52 6.72 29.85 -26.52
CA ASP D 52 6.48 28.67 -27.37
C ASP D 52 6.55 27.36 -26.56
N ILE D 53 6.17 27.43 -25.28
CA ILE D 53 6.17 26.23 -24.44
C ILE D 53 5.34 25.16 -25.12
N HIS D 54 5.87 23.94 -25.13
CA HIS D 54 5.09 22.74 -25.41
C HIS D 54 5.28 21.79 -24.23
N TYR D 55 4.19 21.51 -23.52
CA TYR D 55 4.24 20.76 -22.26
C TYR D 55 3.47 19.48 -22.49
N PHE D 56 4.20 18.38 -22.63
CA PHE D 56 3.69 17.14 -23.17
C PHE D 56 3.90 16.02 -22.16
N MET D 57 2.85 15.25 -21.88
CA MET D 57 2.95 14.03 -21.08
C MET D 57 2.17 12.93 -21.75
N PRO D 58 2.80 12.16 -22.64
CA PRO D 58 2.04 11.14 -23.39
C PRO D 58 1.47 10.05 -22.50
N ILE D 59 0.32 9.51 -22.90
CA ILE D 59 -0.24 8.31 -22.29
C ILE D 59 0.62 7.11 -22.65
N ARG D 60 1.08 6.38 -21.63
CA ARG D 60 1.92 5.21 -21.81
C ARG D 60 1.10 3.94 -21.65
N THR D 61 1.57 2.90 -22.29
CA THR D 61 0.72 1.76 -22.52
C THR D 61 1.56 0.46 -22.54
N THR D 62 0.97 -0.64 -22.11
CA THR D 62 1.67 -1.92 -21.99
C THR D 62 1.61 -2.68 -23.30
N ARG D 63 2.76 -3.00 -23.87
CA ARG D 63 2.82 -3.66 -25.16
C ARG D 63 3.76 -4.84 -25.10
N ILE D 64 3.57 -5.79 -26.00
CA ILE D 64 4.57 -6.85 -26.22
C ILE D 64 5.79 -6.27 -26.96
N MET D 65 7.00 -6.77 -26.67
CA MET D 65 8.26 -6.45 -27.39
C MET D 65 8.08 -5.93 -28.85
N ARG D 66 7.50 -6.77 -29.70
CA ARG D 66 7.35 -6.47 -31.12
C ARG D 66 6.50 -5.20 -31.39
N GLU D 67 5.81 -4.69 -30.36
CA GLU D 67 5.01 -3.48 -30.52
C GLU D 67 5.39 -2.29 -29.61
N THR D 68 6.58 -2.30 -29.00
CA THR D 68 7.01 -1.19 -28.11
C THR D 68 7.05 0.19 -28.78
N ALA D 69 6.87 0.23 -30.10
CA ALA D 69 6.82 1.49 -30.84
C ALA D 69 5.55 2.25 -30.50
N GLN D 70 4.49 1.52 -30.19
CA GLN D 70 3.20 2.11 -29.83
C GLN D 70 2.98 2.25 -28.32
N GLU D 71 4.06 2.10 -27.55
CA GLU D 71 4.08 2.36 -26.12
C GLU D 71 3.53 3.75 -25.74
N TYR D 72 4.03 4.77 -26.40
CA TYR D 72 3.65 6.14 -26.09
C TYR D 72 2.66 6.68 -27.11
N SER D 73 1.65 7.40 -26.65
CA SER D 73 0.73 8.07 -27.56
C SER D 73 1.52 9.11 -28.39
N GLY D 74 0.99 9.44 -29.57
CA GLY D 74 1.68 10.28 -30.54
C GLY D 74 1.16 11.70 -30.63
N ALA D 75 1.64 12.42 -31.64
CA ALA D 75 1.39 13.86 -31.74
C ALA D 75 -0.08 14.26 -31.91
N ARG D 76 -0.87 13.46 -32.64
CA ARG D 76 -2.31 13.77 -32.84
C ARG D 76 -3.23 12.87 -31.99
N GLU D 77 -2.72 12.39 -30.86
CA GLU D 77 -3.46 11.44 -30.02
C GLU D 77 -3.67 12.04 -28.61
N TYR D 78 -4.61 11.47 -27.86
CA TYR D 78 -4.93 11.96 -26.53
C TYR D 78 -3.72 11.78 -25.61
N ALA D 79 -3.70 12.51 -24.51
CA ALA D 79 -2.54 12.64 -23.63
C ALA D 79 -2.91 13.17 -22.26
N HIS D 80 -2.01 12.97 -21.31
CA HIS D 80 -2.19 13.47 -19.95
C HIS D 80 -2.08 15.01 -19.92
N PHE D 81 -1.06 15.53 -20.60
CA PHE D 81 -0.84 16.97 -20.80
C PHE D 81 -0.33 17.16 -22.23
N ASP D 82 -0.77 18.20 -22.89
CA ASP D 82 -0.25 18.58 -24.21
C ASP D 82 -0.68 20.02 -24.43
N ASP D 83 0.12 20.94 -23.91
CA ASP D 83 -0.30 22.30 -23.65
C ASP D 83 0.65 23.33 -24.24
N ASN D 84 0.08 24.39 -24.80
CA ASN D 84 0.84 25.59 -25.18
C ASN D 84 0.81 26.63 -24.05
N ALA D 85 1.43 27.79 -24.29
CA ALA D 85 1.43 28.93 -23.36
C ALA D 85 0.06 29.38 -22.90
N GLN D 86 -0.92 29.40 -23.80
CA GLN D 86 -2.26 29.89 -23.48
C GLN D 86 -2.97 28.93 -22.53
N MET D 87 -2.78 27.64 -22.76
CA MET D 87 -3.41 26.61 -21.96
C MET D 87 -2.82 26.57 -20.55
N MET D 88 -1.50 26.71 -20.47
CA MET D 88 -0.79 26.77 -19.18
C MET D 88 -1.11 28.05 -18.38
N ARG D 89 -1.43 29.12 -19.10
CA ARG D 89 -1.87 30.38 -18.49
C ARG D 89 -3.18 30.15 -17.73
N GLY D 90 -4.07 29.34 -18.31
CA GLY D 90 -5.33 28.99 -17.67
C GLY D 90 -5.18 28.15 -16.42
N ARG D 91 -4.18 27.26 -16.43
CA ARG D 91 -3.87 26.42 -15.26
C ARG D 91 -3.23 27.24 -14.12
N LEU D 92 -2.52 28.32 -14.46
CA LEU D 92 -1.94 29.25 -13.47
C LEU D 92 -3.06 30.07 -12.78
N ARG D 93 -4.06 30.49 -13.55
CA ARG D 93 -5.22 31.18 -13.00
C ARG D 93 -5.94 30.28 -12.02
N LYS D 94 -6.22 29.04 -12.44
CA LYS D 94 -6.91 28.06 -11.62
C LYS D 94 -6.15 27.78 -10.34
N ILE D 95 -4.88 27.42 -10.45
CA ILE D 95 -4.11 27.01 -9.26
C ILE D 95 -3.84 28.17 -8.28
N THR D 96 -4.07 29.40 -8.73
CA THR D 96 -4.06 30.58 -7.85
C THR D 96 -5.49 31.14 -7.68
N SER D 97 -6.38 30.25 -7.26
CA SER D 97 -7.75 30.57 -6.87
C SER D 97 -7.96 30.02 -5.48
N ASP D 98 -8.73 30.75 -4.66
CA ASP D 98 -9.10 30.25 -3.33
C ASP D 98 -10.31 29.30 -3.39
N VAL D 99 -10.69 28.93 -4.62
CA VAL D 99 -11.76 27.97 -4.92
C VAL D 99 -11.27 26.84 -5.88
N SER D 100 -9.94 26.70 -6.00
CA SER D 100 -9.30 25.61 -6.72
C SER D 100 -9.10 24.42 -5.75
N TRP D 101 -10.15 23.62 -5.59
CA TRP D 101 -10.27 22.68 -4.47
C TRP D 101 -9.22 21.55 -4.48
N SER D 102 -8.74 21.18 -5.68
CA SER D 102 -7.66 20.18 -5.79
C SER D 102 -6.36 20.66 -5.12
N GLU D 103 -6.14 21.98 -5.11
CA GLU D 103 -4.97 22.61 -4.44
C GLU D 103 -5.36 23.74 -3.46
N ASN D 104 -6.50 23.56 -2.79
CA ASN D 104 -6.89 24.38 -1.64
C ASN D 104 -7.81 23.58 -0.73
N PRO D 105 -7.28 22.91 0.28
CA PRO D 105 -5.87 23.02 0.71
C PRO D 105 -4.87 22.37 -0.25
N ALA D 106 -3.66 22.90 -0.24
CA ALA D 106 -2.66 22.51 -1.23
C ALA D 106 -1.98 21.19 -0.93
N SER D 107 -1.53 20.54 -2.01
CA SER D 107 -0.69 19.36 -1.94
C SER D 107 0.65 19.72 -1.37
N ARG D 108 1.35 18.69 -0.89
CA ARG D 108 2.74 18.79 -0.48
C ARG D 108 3.55 17.91 -1.42
N THR D 109 4.37 18.55 -2.25
CA THR D 109 5.13 17.86 -3.30
C THR D 109 6.61 17.96 -3.07
N ARG D 110 7.33 16.98 -3.62
CA ARG D 110 8.79 16.95 -3.66
C ARG D 110 9.31 16.41 -4.97
N HIS D 111 9.92 17.28 -5.78
CA HIS D 111 10.61 16.89 -7.00
C HIS D 111 12.08 16.58 -6.70
N VAL D 112 12.49 15.33 -6.88
CA VAL D 112 13.86 14.90 -6.67
C VAL D 112 14.46 14.62 -8.05
N ILE D 113 15.36 15.52 -8.48
CA ILE D 113 15.90 15.51 -9.83
C ILE D 113 17.31 14.93 -9.88
N SER D 114 17.55 14.02 -10.81
CA SER D 114 18.87 13.45 -11.02
C SER D 114 19.07 12.98 -12.48
N ASN D 115 20.23 12.39 -12.73
CA ASN D 115 20.60 11.90 -14.06
C ASN D 115 20.55 12.98 -15.16
N VAL D 116 20.91 14.21 -14.82
CA VAL D 116 20.93 15.30 -15.78
C VAL D 116 22.04 15.06 -16.81
N MET D 117 21.65 14.91 -18.07
CA MET D 117 22.56 14.73 -19.19
C MET D 117 22.24 15.79 -20.22
N ILE D 118 23.27 16.49 -20.69
CA ILE D 118 23.08 17.67 -21.54
C ILE D 118 23.70 17.49 -22.92
N VAL D 119 22.97 17.88 -23.95
CA VAL D 119 23.45 17.88 -25.34
C VAL D 119 23.17 19.26 -25.94
N ASP D 120 24.19 19.85 -26.58
CA ASP D 120 24.06 21.15 -27.26
C ASP D 120 22.92 21.12 -28.26
N GLY D 121 22.09 22.15 -28.24
CA GLY D 121 21.05 22.30 -29.23
C GLY D 121 21.59 22.78 -30.58
N GLU D 122 20.80 22.53 -31.62
CA GLU D 122 21.12 23.00 -32.98
C GLU D 122 21.10 24.55 -33.03
N LYS D 123 20.14 25.16 -32.35
CA LYS D 123 20.02 26.62 -32.26
C LYS D 123 20.88 27.08 -31.07
N PRO D 124 21.79 28.05 -31.24
CA PRO D 124 22.59 28.53 -30.11
C PRO D 124 21.73 29.10 -28.97
N GLY D 125 22.19 28.89 -27.73
CA GLY D 125 21.41 29.18 -26.55
C GLY D 125 20.58 27.99 -26.07
N GLU D 126 20.19 27.09 -26.99
CA GLU D 126 19.26 26.01 -26.66
C GLU D 126 19.98 24.72 -26.34
N TYR D 127 19.37 23.91 -25.49
CA TYR D 127 19.96 22.66 -24.98
C TYR D 127 18.90 21.58 -24.84
N HIS D 128 19.19 20.37 -25.29
CA HIS D 128 18.36 19.19 -24.96
C HIS D 128 18.89 18.52 -23.70
N VAL D 129 18.02 18.35 -22.70
CA VAL D 129 18.40 17.69 -21.45
C VAL D 129 17.47 16.49 -21.11
N SER D 130 18.08 15.37 -20.75
CA SER D 130 17.37 14.27 -20.14
C SER D 130 17.68 14.28 -18.66
N SER D 131 16.65 14.09 -17.85
CA SER D 131 16.79 13.97 -16.41
C SER D 131 15.70 13.04 -15.90
N VAL D 132 15.93 12.40 -14.75
CA VAL D 132 14.91 11.58 -14.12
C VAL D 132 14.35 12.27 -12.89
N PHE D 133 13.27 11.71 -12.36
CA PHE D 133 12.64 12.28 -11.20
C PHE D 133 11.90 11.24 -10.33
N ILE D 134 11.83 11.53 -9.05
CA ILE D 134 10.76 11.05 -8.22
C ILE D 134 9.96 12.26 -7.77
N VAL D 135 8.66 12.30 -8.09
CA VAL D 135 7.74 13.27 -7.52
C VAL D 135 6.96 12.59 -6.41
N TYR D 136 7.09 13.13 -5.21
CA TYR D 136 6.44 12.58 -4.04
C TYR D 136 5.35 13.56 -3.75
N ARG D 137 4.12 13.11 -3.78
CA ARG D 137 3.01 14.00 -3.49
C ARG D 137 2.15 13.43 -2.41
N ASN D 138 2.05 14.20 -1.33
CA ASN D 138 1.31 13.82 -0.14
C ASN D 138 0.23 14.86 0.11
N ARG D 139 -0.96 14.45 0.53
CA ARG D 139 -1.99 15.43 0.83
C ARG D 139 -3.08 15.01 1.78
N LEU D 140 -3.78 16.03 2.29
CA LEU D 140 -4.86 15.88 3.26
C LEU D 140 -4.27 15.15 4.47
N GLU D 141 -4.97 14.16 5.01
CA GLU D 141 -4.45 13.45 6.15
C GLU D 141 -3.35 12.48 5.78
N ARG D 142 -3.64 11.56 4.83
CA ARG D 142 -2.79 10.38 4.57
C ARG D 142 -2.58 9.98 3.10
N GLN D 143 -3.08 10.76 2.16
CA GLN D 143 -2.94 10.44 0.74
C GLN D 143 -1.48 10.51 0.35
N LEU D 144 -1.01 9.48 -0.36
CA LEU D 144 0.36 9.44 -0.86
C LEU D 144 0.47 8.82 -2.26
N ASP D 145 1.01 9.59 -3.18
CA ASP D 145 1.24 9.14 -4.55
C ASP D 145 2.72 9.35 -4.83
N ILE D 146 3.43 8.30 -5.23
CA ILE D 146 4.83 8.40 -5.65
C ILE D 146 4.93 8.12 -7.16
N PHE D 147 5.36 9.14 -7.91
CA PHE D 147 5.60 9.07 -9.35
C PHE D 147 7.10 9.01 -9.68
N ALA D 148 7.43 8.37 -10.81
CA ALA D 148 8.79 8.44 -11.37
C ALA D 148 8.76 8.49 -12.87
N GLY D 149 9.86 8.93 -13.46
CA GLY D 149 9.92 9.03 -14.92
C GLY D 149 11.09 9.82 -15.43
N GLU D 150 11.05 10.16 -16.73
CA GLU D 150 12.07 10.98 -17.37
C GLU D 150 11.48 12.33 -17.84
N ARG D 151 12.29 13.38 -17.80
CA ARG D 151 11.95 14.64 -18.41
C ARG D 151 12.96 14.97 -19.53
N LYS D 152 12.47 14.96 -20.77
CA LYS D 152 13.20 15.45 -21.93
C LYS D 152 12.82 16.90 -22.13
N ASP D 153 13.74 17.82 -21.84
CA ASP D 153 13.49 19.23 -22.07
C ASP D 153 14.35 19.84 -23.16
N ILE D 154 13.82 20.92 -23.73
CA ILE D 154 14.61 21.90 -24.45
C ILE D 154 14.62 23.14 -23.56
N LEU D 155 15.82 23.50 -23.08
CA LEU D 155 16.05 24.73 -22.32
C LEU D 155 16.60 25.82 -23.23
N ARG D 156 16.26 27.06 -22.92
CA ARG D 156 16.77 28.19 -23.69
C ARG D 156 17.38 29.21 -22.76
N ARG D 157 18.60 29.64 -23.07
CA ARG D 157 19.33 30.58 -22.22
C ARG D 157 18.62 31.93 -22.26
N THR D 158 18.57 32.59 -21.11
CA THR D 158 17.67 33.70 -20.85
C THR D 158 18.26 34.65 -19.82
N GLY D 159 17.83 35.91 -19.84
CA GLY D 159 18.42 36.95 -18.99
C GLY D 159 17.73 37.14 -17.65
N SER D 160 16.69 36.36 -17.38
CA SER D 160 16.06 36.31 -16.06
C SER D 160 16.99 35.65 -15.04
N GLU D 161 16.63 35.77 -13.76
CA GLU D 161 17.44 35.24 -12.67
C GLU D 161 17.58 33.73 -12.73
N ALA D 162 16.54 33.05 -13.20
CA ALA D 162 16.61 31.60 -13.43
C ALA D 162 17.70 31.29 -14.45
N GLY D 163 17.75 32.06 -15.54
CA GLY D 163 18.85 31.92 -16.49
C GLY D 163 18.57 31.05 -17.70
N PHE D 164 17.45 30.32 -17.67
CA PHE D 164 16.89 29.65 -18.85
C PHE D 164 15.38 29.72 -18.78
N GLU D 165 14.73 29.47 -19.92
CA GLU D 165 13.30 29.21 -19.94
C GLU D 165 13.08 27.80 -20.47
N LEU D 166 11.92 27.21 -20.14
CA LEU D 166 11.56 25.88 -20.61
C LEU D 166 10.81 26.05 -21.90
N ALA D 167 11.46 25.74 -23.02
CA ALA D 167 10.85 25.80 -24.35
C ALA D 167 10.01 24.58 -24.69
N LYS D 168 10.48 23.40 -24.30
CA LYS D 168 9.78 22.15 -24.55
C LYS D 168 9.98 21.19 -23.38
N ARG D 169 8.93 20.51 -22.93
CA ARG D 169 9.06 19.40 -21.96
C ARG D 169 8.19 18.18 -22.36
N THR D 170 8.83 17.00 -22.32
CA THR D 170 8.15 15.74 -22.51
C THR D 170 8.35 14.93 -21.23
N ILE D 171 7.24 14.65 -20.55
CA ILE D 171 7.25 13.84 -19.35
C ILE D 171 6.97 12.41 -19.76
N LEU D 172 7.95 11.54 -19.54
CA LEU D 172 7.79 10.13 -19.79
C LEU D 172 7.56 9.49 -18.42
N ILE D 173 6.29 9.16 -18.14
CA ILE D 173 5.87 8.63 -16.84
C ILE D 173 6.02 7.11 -16.79
N ASP D 174 6.51 6.59 -15.67
CA ASP D 174 6.65 5.14 -15.48
C ASP D 174 5.38 4.55 -14.89
N GLN D 175 4.27 4.78 -15.58
CA GLN D 175 2.97 4.21 -15.23
C GLN D 175 2.12 4.09 -16.48
N SER D 176 1.27 3.10 -16.53
CA SER D 176 0.29 2.96 -17.61
C SER D 176 -1.01 3.56 -17.12
N THR D 177 -1.71 2.83 -16.24
CA THR D 177 -2.81 3.39 -15.48
C THR D 177 -2.21 4.34 -14.42
N ILE D 178 -2.73 5.56 -14.36
CA ILE D 178 -2.28 6.55 -13.43
C ILE D 178 -2.74 6.20 -12.02
N LEU D 179 -1.79 6.04 -11.11
CA LEU D 179 -2.02 5.59 -9.73
C LEU D 179 -2.22 6.80 -8.83
N SER D 180 -3.31 7.52 -9.08
CA SER D 180 -3.58 8.78 -8.44
C SER D 180 -4.95 9.25 -8.87
N ASN D 181 -5.72 9.78 -7.95
CA ASN D 181 -7.06 10.31 -8.24
C ASN D 181 -7.10 11.51 -9.20
N ASN D 182 -5.96 12.17 -9.39
CA ASN D 182 -5.82 13.29 -10.34
C ASN D 182 -4.35 13.61 -10.62
N LEU D 183 -4.11 14.62 -11.45
CA LEU D 183 -2.77 15.17 -11.72
C LEU D 183 -2.86 16.68 -11.66
N SER D 184 -3.09 17.20 -10.46
CA SER D 184 -3.37 18.60 -10.25
C SER D 184 -2.11 19.44 -9.97
N PHE D 185 -0.94 18.86 -10.14
CA PHE D 185 0.32 19.58 -9.94
C PHE D 185 1.11 19.49 -11.25
N PHE D 186 2.36 19.93 -11.23
CA PHE D 186 3.21 19.92 -12.43
C PHE D 186 4.44 19.04 -12.28
N PHE D 187 4.80 18.37 -13.37
CA PHE D 187 6.04 17.62 -13.46
C PHE D 187 7.19 18.50 -13.93
N TRP E 17 -19.02 -21.95 5.67
CA TRP E 17 -18.95 -23.03 4.64
C TRP E 17 -19.22 -24.43 5.24
N ALA E 18 -20.36 -25.02 4.87
CA ALA E 18 -20.70 -26.39 5.29
C ALA E 18 -19.80 -27.39 4.58
N ASP E 19 -19.54 -28.51 5.24
CA ASP E 19 -18.63 -29.51 4.69
C ASP E 19 -19.09 -29.99 3.32
N ALA E 20 -20.38 -30.21 3.18
CA ALA E 20 -20.95 -30.61 1.90
C ALA E 20 -20.67 -29.61 0.77
N ASP E 21 -20.71 -28.30 1.08
CA ASP E 21 -20.43 -27.26 0.08
C ASP E 21 -18.99 -27.29 -0.38
N ILE E 22 -18.06 -27.55 0.55
CA ILE E 22 -16.64 -27.60 0.25
C ILE E 22 -16.30 -28.76 -0.68
N ALA E 23 -16.94 -29.91 -0.48
CA ALA E 23 -16.60 -31.11 -1.29
C ALA E 23 -16.98 -30.96 -2.76
N GLU E 24 -17.92 -30.07 -3.05
CA GLU E 24 -18.38 -29.82 -4.43
C GLU E 24 -17.42 -28.94 -5.18
N LEU E 25 -16.72 -28.08 -4.45
CA LEU E 25 -15.74 -27.18 -5.07
C LEU E 25 -14.66 -27.92 -5.87
N VAL E 26 -14.43 -29.21 -5.56
CA VAL E 26 -13.43 -30.03 -6.27
C VAL E 26 -13.97 -31.44 -6.58
N ASP E 27 -13.95 -31.80 -7.85
CA ASP E 27 -14.36 -33.12 -8.32
C ASP E 27 -13.22 -33.80 -9.07
N GLU E 28 -12.69 -34.88 -8.52
CA GLU E 28 -11.56 -35.56 -9.17
C GLU E 28 -11.96 -36.63 -10.21
N ARG E 29 -13.24 -36.98 -10.24
CA ARG E 29 -13.77 -37.97 -11.17
C ARG E 29 -14.07 -37.35 -12.56
N THR E 30 -14.63 -36.13 -12.58
CA THR E 30 -14.76 -35.36 -13.82
C THR E 30 -13.53 -34.47 -14.09
N GLY E 31 -12.88 -34.00 -13.03
CA GLY E 31 -11.74 -33.11 -13.16
C GLY E 31 -12.12 -31.64 -13.32
N ARG E 32 -12.88 -31.11 -12.37
CA ARG E 32 -13.21 -29.69 -12.27
C ARG E 32 -12.63 -29.08 -10.98
N LEU E 33 -12.29 -27.80 -11.03
CA LEU E 33 -11.85 -27.02 -9.86
C LEU E 33 -12.58 -25.68 -9.81
N ASP E 34 -13.36 -25.45 -8.77
CA ASP E 34 -14.06 -24.17 -8.58
C ASP E 34 -13.01 -23.13 -8.15
N PRO E 35 -12.86 -22.02 -8.89
CA PRO E 35 -11.74 -21.09 -8.61
C PRO E 35 -11.85 -20.32 -7.30
N ARG E 36 -12.98 -20.41 -6.61
CA ARG E 36 -13.11 -19.73 -5.32
C ARG E 36 -12.29 -20.40 -4.19
N ILE E 37 -11.74 -21.59 -4.46
CA ILE E 37 -10.82 -22.21 -3.51
C ILE E 37 -9.55 -21.36 -3.38
N TYR E 38 -9.32 -20.51 -4.39
CA TYR E 38 -8.17 -19.63 -4.44
C TYR E 38 -8.39 -18.23 -3.85
N THR E 39 -9.65 -17.84 -3.60
CA THR E 39 -10.00 -16.44 -3.32
C THR E 39 -10.80 -16.18 -2.07
N ASP E 40 -11.57 -17.17 -1.62
CA ASP E 40 -12.53 -16.97 -0.54
C ASP E 40 -11.85 -16.84 0.84
N GLU E 41 -12.17 -15.76 1.57
CA GLU E 41 -11.53 -15.51 2.87
C GLU E 41 -11.91 -16.55 3.91
N ALA E 42 -13.19 -16.94 3.96
CA ALA E 42 -13.66 -17.93 4.94
C ALA E 42 -12.97 -19.29 4.73
N LEU E 43 -12.84 -19.74 3.48
CA LEU E 43 -12.07 -20.93 3.16
C LEU E 43 -10.63 -20.83 3.66
N TYR E 44 -10.04 -19.65 3.53
CA TYR E 44 -8.64 -19.44 3.92
C TYR E 44 -8.48 -19.50 5.44
N GLU E 45 -9.38 -18.86 6.17
CA GLU E 45 -9.43 -19.01 7.64
C GLU E 45 -9.39 -20.50 7.96
N GLN E 46 -10.26 -21.26 7.32
CA GLN E 46 -10.41 -22.68 7.62
C GLN E 46 -9.17 -23.50 7.23
N GLU E 47 -8.47 -23.08 6.17
CA GLU E 47 -7.21 -23.69 5.79
C GLU E 47 -6.17 -23.57 6.92
N LEU E 48 -6.09 -22.41 7.57
CA LEU E 48 -5.12 -22.19 8.63
C LEU E 48 -5.38 -23.11 9.80
N GLU E 49 -6.65 -23.34 10.08
CA GLU E 49 -7.07 -24.20 11.17
C GLU E 49 -6.86 -25.65 10.84
N ARG E 50 -7.35 -26.05 9.67
CA ARG E 50 -7.55 -27.46 9.36
C ARG E 50 -6.47 -28.07 8.49
N ILE E 51 -5.68 -27.21 7.84
CA ILE E 51 -4.56 -27.67 7.03
C ILE E 51 -3.25 -27.32 7.70
N PHE E 52 -2.99 -26.02 7.85
CA PHE E 52 -1.70 -25.55 8.39
C PHE E 52 -1.58 -25.82 9.89
N GLY E 53 -2.69 -25.83 10.61
CA GLY E 53 -2.66 -26.11 12.04
C GLY E 53 -2.41 -27.56 12.38
N ARG E 54 -2.34 -28.45 11.38
CA ARG E 54 -2.12 -29.87 11.68
C ARG E 54 -1.42 -30.65 10.58
N SER E 55 -0.77 -29.95 9.67
CA SER E 55 0.05 -30.61 8.67
C SER E 55 1.50 -30.53 9.10
N TRP E 56 2.33 -31.38 8.50
CA TRP E 56 3.78 -31.30 8.68
C TRP E 56 4.33 -30.28 7.68
N LEU E 57 5.11 -29.34 8.17
CA LEU E 57 5.49 -28.16 7.42
C LEU E 57 7.00 -27.94 7.48
N LEU E 58 7.61 -27.73 6.32
CA LEU E 58 9.05 -27.59 6.23
C LEU E 58 9.61 -26.39 7.00
N MET E 59 10.56 -26.67 7.89
CA MET E 59 11.21 -25.67 8.73
C MET E 59 12.63 -25.35 8.28
N GLY E 60 13.23 -26.26 7.51
CA GLY E 60 14.60 -26.09 7.07
C GLY E 60 15.38 -27.40 6.94
N HIS E 61 16.69 -27.31 7.09
CA HIS E 61 17.62 -28.45 7.11
C HIS E 61 18.39 -28.44 8.45
N GLU E 62 18.75 -29.62 8.95
CA GLU E 62 19.47 -29.73 10.23
C GLU E 62 20.76 -28.91 10.22
N THR E 63 21.48 -28.92 9.09
CA THR E 63 22.78 -28.25 9.01
C THR E 63 22.70 -26.73 8.98
N GLN E 64 21.49 -26.17 8.95
CA GLN E 64 21.31 -24.71 9.05
C GLN E 64 21.55 -24.23 10.48
N ILE E 65 21.16 -25.06 11.44
CA ILE E 65 21.35 -24.76 12.86
C ILE E 65 22.14 -25.90 13.58
N PRO E 66 23.42 -26.04 13.25
CA PRO E 66 24.20 -27.19 13.75
C PRO E 66 24.59 -27.16 15.24
N LYS E 67 24.98 -25.99 15.76
CA LYS E 67 25.42 -25.87 17.15
C LYS E 67 24.25 -25.50 18.03
N ALA E 68 24.38 -25.78 19.32
CA ALA E 68 23.40 -25.41 20.33
C ALA E 68 23.30 -23.91 20.48
N GLY E 69 22.08 -23.39 20.50
CA GLY E 69 21.84 -21.95 20.48
C GLY E 69 21.40 -21.45 19.10
N ASP E 70 21.86 -22.11 18.03
CA ASP E 70 21.61 -21.66 16.67
C ASP E 70 20.11 -21.69 16.39
N PHE E 71 19.56 -20.56 15.92
CA PHE E 71 18.15 -20.49 15.63
C PHE E 71 17.89 -19.84 14.29
N MET E 72 16.73 -20.17 13.72
CA MET E 72 16.20 -19.48 12.55
C MET E 72 14.69 -19.35 12.67
N THR E 73 14.15 -18.23 12.24
CA THR E 73 12.71 -18.07 12.23
C THR E 73 12.18 -18.85 11.06
N ASN E 74 10.90 -19.23 11.17
CA ASN E 74 10.13 -19.75 10.05
C ASN E 74 8.64 -19.45 10.27
N TYR E 75 7.77 -20.03 9.46
CA TYR E 75 6.33 -19.85 9.63
C TYR E 75 5.59 -21.19 9.54
N MET E 76 4.47 -21.25 10.27
CA MET E 76 3.48 -22.29 10.11
C MET E 76 2.15 -21.62 9.81
N GLY E 77 1.80 -21.55 8.53
CA GLY E 77 0.76 -20.65 8.07
C GLY E 77 1.20 -19.21 8.27
N GLU E 78 0.37 -18.44 8.97
CA GLU E 78 0.76 -17.11 9.41
C GLU E 78 1.14 -17.04 10.90
N ASP E 79 1.45 -18.19 11.49
CA ASP E 79 2.01 -18.22 12.84
C ASP E 79 3.51 -18.18 12.70
N PRO E 80 4.18 -17.19 13.32
CA PRO E 80 5.64 -17.13 13.28
C PRO E 80 6.22 -18.07 14.31
N VAL E 81 7.29 -18.77 13.98
CA VAL E 81 7.90 -19.70 14.92
C VAL E 81 9.42 -19.63 14.97
N MET E 82 9.97 -20.00 16.12
CA MET E 82 11.40 -20.17 16.29
C MET E 82 11.78 -21.62 16.11
N VAL E 83 12.87 -21.85 15.39
CA VAL E 83 13.46 -23.17 15.25
C VAL E 83 14.86 -23.12 15.85
N VAL E 84 15.07 -23.86 16.93
CA VAL E 84 16.27 -23.71 17.75
C VAL E 84 16.89 -25.06 18.11
N ARG E 85 18.22 -25.14 18.02
CA ARG E 85 18.99 -26.30 18.45
C ARG E 85 19.22 -26.26 19.95
N GLN E 86 18.96 -27.38 20.61
CA GLN E 86 19.04 -27.48 22.05
C GLN E 86 20.42 -27.97 22.50
N LYS E 87 20.70 -27.84 23.80
CA LYS E 87 21.94 -28.32 24.41
C LYS E 87 22.22 -29.77 24.06
N ASN E 88 21.16 -30.58 24.02
CA ASN E 88 21.29 -32.02 23.82
C ASN E 88 21.21 -32.46 22.37
N GLY E 89 21.09 -31.51 21.45
CA GLY E 89 21.04 -31.84 20.02
C GLY E 89 19.65 -31.96 19.44
N GLU E 90 18.63 -31.89 20.27
CA GLU E 90 17.25 -31.86 19.79
C GLU E 90 16.89 -30.51 19.18
N ILE E 91 15.84 -30.47 18.36
CA ILE E 91 15.35 -29.19 17.84
C ILE E 91 13.94 -28.92 18.36
N ARG E 92 13.74 -27.74 18.94
CA ARG E 92 12.42 -27.30 19.35
C ARG E 92 11.86 -26.25 18.38
N VAL E 93 10.57 -26.34 18.08
CA VAL E 93 9.90 -25.31 17.32
C VAL E 93 8.74 -24.83 18.17
N PHE E 94 8.77 -23.54 18.54
CA PHE E 94 7.71 -22.94 19.33
C PHE E 94 7.28 -21.58 18.80
N LEU E 95 6.06 -21.19 19.14
CA LEU E 95 5.43 -19.96 18.64
C LEU E 95 6.23 -18.73 19.10
N ASN E 96 6.40 -17.79 18.19
CA ASN E 96 7.23 -16.63 18.43
C ASN E 96 6.32 -15.57 18.97
N GLN E 97 5.71 -15.87 20.11
CA GLN E 97 4.76 -15.00 20.78
C GLN E 97 4.85 -15.23 22.29
N CYS E 98 4.94 -14.12 23.02
CA CYS E 98 4.91 -14.12 24.47
C CYS E 98 3.44 -14.20 24.92
N ARG E 99 3.16 -15.05 25.89
CA ARG E 99 1.78 -15.28 26.32
C ARG E 99 1.28 -14.19 27.25
N HIS E 100 2.14 -13.25 27.64
CA HIS E 100 1.67 -12.15 28.47
C HIS E 100 0.77 -11.27 27.64
N ARG E 101 1.34 -10.60 26.65
CA ARG E 101 0.60 -9.64 25.84
C ARG E 101 1.00 -9.69 24.35
N GLY E 102 1.50 -10.85 23.93
CA GLY E 102 1.60 -11.16 22.52
C GLY E 102 2.80 -10.67 21.75
N MET E 103 3.77 -10.09 22.45
CA MET E 103 4.98 -9.59 21.77
C MET E 103 5.81 -10.73 21.17
N ARG E 104 6.32 -10.50 19.96
CA ARG E 104 7.29 -11.40 19.34
C ARG E 104 8.55 -11.45 20.19
N ILE E 105 8.93 -12.67 20.56
CA ILE E 105 10.04 -12.94 21.46
C ILE E 105 11.39 -12.61 20.84
N CYS E 106 11.50 -12.85 19.53
CA CYS E 106 12.71 -12.58 18.78
C CYS E 106 12.42 -11.95 17.42
N ARG E 107 13.02 -10.80 17.17
CA ARG E 107 12.81 -10.06 15.94
C ARG E 107 13.90 -10.29 14.87
N ALA E 108 14.94 -11.02 15.23
CA ALA E 108 16.02 -11.33 14.30
C ALA E 108 15.69 -12.60 13.51
N ASP E 109 16.20 -12.71 12.28
CA ASP E 109 15.94 -13.89 11.41
C ASP E 109 16.66 -15.16 11.85
N GLY E 110 17.77 -14.99 12.55
CA GLY E 110 18.58 -16.11 12.98
C GLY E 110 19.86 -15.64 13.60
N GLY E 111 20.67 -16.60 14.06
CA GLY E 111 21.88 -16.32 14.82
C GLY E 111 22.16 -17.44 15.81
N ASN E 112 22.87 -17.11 16.87
CA ASN E 112 23.08 -18.04 17.99
C ASN E 112 22.65 -17.28 19.23
N ALA E 113 21.65 -17.82 19.94
CA ALA E 113 21.08 -17.15 21.10
C ALA E 113 21.50 -17.85 22.39
N LYS E 114 21.92 -17.05 23.36
CA LYS E 114 22.15 -17.51 24.73
C LYS E 114 20.83 -17.66 25.47
N SER E 115 19.91 -16.77 25.17
CA SER E 115 18.54 -16.87 25.68
C SER E 115 17.66 -15.90 24.90
N PHE E 116 16.38 -15.82 25.28
CA PHE E 116 15.48 -14.82 24.72
C PHE E 116 14.78 -14.03 25.79
N THR E 117 14.62 -12.74 25.56
CA THR E 117 13.97 -11.85 26.49
C THR E 117 12.91 -11.03 25.75
N CYS E 118 11.67 -11.09 26.23
CA CYS E 118 10.60 -10.32 25.66
C CYS E 118 10.86 -8.83 25.93
N SER E 119 10.82 -8.03 24.86
CA SER E 119 11.18 -6.63 24.92
C SER E 119 10.09 -5.74 25.54
N TYR E 120 8.90 -6.29 25.78
CA TYR E 120 7.79 -5.48 26.29
C TYR E 120 7.79 -5.40 27.83
N HIS E 121 7.70 -6.54 28.54
CA HIS E 121 7.72 -6.56 30.01
C HIS E 121 8.77 -7.48 30.64
N GLY E 122 9.71 -7.98 29.83
CA GLY E 122 10.89 -8.69 30.32
C GLY E 122 10.72 -10.16 30.71
N TRP E 123 9.63 -10.79 30.30
CA TRP E 123 9.51 -12.24 30.49
C TRP E 123 10.66 -12.90 29.72
N ALA E 124 11.43 -13.74 30.42
CA ALA E 124 12.61 -14.34 29.84
C ALA E 124 12.39 -15.81 29.59
N TYR E 125 12.93 -16.28 28.47
CA TYR E 125 12.84 -17.65 28.02
C TYR E 125 14.24 -18.25 27.81
N ASP E 126 14.37 -19.55 28.00
CA ASP E 126 15.61 -20.24 27.61
C ASP E 126 15.52 -20.61 26.13
N THR E 127 16.50 -21.32 25.60
CA THR E 127 16.55 -21.66 24.18
C THR E 127 15.57 -22.72 23.74
N GLY E 128 14.89 -23.33 24.70
CA GLY E 128 13.85 -24.30 24.43
C GLY E 128 12.46 -23.70 24.44
N GLY E 129 12.38 -22.39 24.64
CA GLY E 129 11.10 -21.69 24.69
C GLY E 129 10.38 -21.82 26.01
N ASN E 130 11.09 -22.30 27.03
CA ASN E 130 10.55 -22.33 28.38
C ASN E 130 10.58 -20.96 29.05
N LEU E 131 9.53 -20.60 29.77
CA LEU E 131 9.49 -19.36 30.52
C LEU E 131 10.21 -19.64 31.84
N VAL E 132 11.37 -19.04 32.03
CA VAL E 132 12.21 -19.31 33.19
C VAL E 132 12.26 -18.16 34.17
N SER E 133 11.74 -16.99 33.78
CA SER E 133 11.79 -15.83 34.66
C SER E 133 10.79 -14.75 34.27
N VAL E 134 10.26 -14.09 35.30
CA VAL E 134 9.23 -13.08 35.17
C VAL E 134 9.57 -11.96 36.17
N PRO E 135 9.80 -10.74 35.71
CA PRO E 135 10.11 -9.65 36.64
C PRO E 135 9.05 -9.42 37.71
N PHE E 136 9.50 -9.33 38.96
CA PHE E 136 8.65 -9.11 40.11
C PHE E 136 7.67 -10.26 40.36
N GLU E 137 8.15 -11.50 40.21
CA GLU E 137 7.29 -12.67 40.33
C GLU E 137 6.69 -12.79 41.72
N GLU E 138 7.53 -12.63 42.75
CA GLU E 138 7.11 -12.87 44.13
C GLU E 138 6.00 -11.91 44.61
N GLN E 139 5.97 -10.69 44.09
CA GLN E 139 4.94 -9.72 44.50
C GLN E 139 3.72 -9.71 43.55
N ALA E 140 3.99 -9.73 42.25
CA ALA E 140 2.99 -9.53 41.23
C ALA E 140 2.33 -10.80 40.65
N PHE E 141 3.06 -11.91 40.53
CA PHE E 141 2.47 -13.18 40.10
C PHE E 141 2.73 -14.33 41.08
N PRO E 142 2.13 -14.30 42.28
CA PRO E 142 2.38 -15.33 43.30
C PRO E 142 1.97 -16.77 42.89
N GLY E 143 0.77 -16.95 42.33
CA GLY E 143 0.32 -18.27 41.89
C GLY E 143 1.06 -18.85 40.69
N LEU E 144 1.67 -17.99 39.88
CA LEU E 144 2.04 -18.29 38.50
C LEU E 144 2.91 -19.53 38.34
N ARG E 145 2.54 -20.34 37.35
CA ARG E 145 3.30 -21.54 37.02
C ARG E 145 3.99 -21.35 35.67
N LYS E 146 5.27 -21.00 35.70
CA LYS E 146 5.97 -20.57 34.50
C LYS E 146 6.08 -21.71 33.46
N GLU E 147 6.16 -22.94 33.95
CA GLU E 147 6.18 -24.10 33.06
C GLU E 147 4.90 -24.25 32.21
N ASP E 148 3.80 -23.58 32.59
CA ASP E 148 2.55 -23.62 31.82
C ASP E 148 2.33 -22.36 30.98
N TRP E 149 3.23 -21.37 31.05
CA TRP E 149 3.00 -20.12 30.31
C TRP E 149 4.08 -19.84 29.26
N GLY E 150 4.65 -20.92 28.73
CA GLY E 150 5.54 -20.83 27.58
C GLY E 150 4.76 -20.85 26.29
N PRO E 151 5.34 -20.32 25.22
CA PRO E 151 4.67 -20.37 23.90
C PRO E 151 4.38 -21.80 23.45
N LEU E 152 3.34 -21.97 22.64
CA LEU E 152 2.92 -23.28 22.16
C LEU E 152 4.10 -23.94 21.48
N GLN E 153 4.35 -25.19 21.85
CA GLN E 153 5.40 -25.99 21.23
C GLN E 153 4.80 -26.84 20.14
N ALA E 154 5.53 -26.97 19.05
CA ALA E 154 5.19 -27.88 17.96
C ALA E 154 6.04 -29.14 18.07
N ARG E 155 5.49 -30.25 17.57
CA ARG E 155 6.24 -31.47 17.38
C ARG E 155 7.25 -31.22 16.29
N VAL E 156 8.46 -31.77 16.46
CA VAL E 156 9.53 -31.60 15.49
C VAL E 156 10.13 -32.95 15.17
N GLU E 157 10.07 -33.34 13.91
CA GLU E 157 10.75 -34.54 13.48
C GLU E 157 11.54 -34.23 12.22
N THR E 158 12.42 -35.15 11.84
CA THR E 158 13.29 -34.98 10.69
C THR E 158 13.23 -36.20 9.80
N TYR E 159 13.58 -35.99 8.55
CA TYR E 159 13.76 -37.08 7.62
C TYR E 159 14.94 -36.70 6.74
N LYS E 160 16.09 -37.35 6.96
CA LYS E 160 17.25 -37.23 6.10
C LYS E 160 17.69 -35.78 5.91
N GLY E 161 17.71 -35.05 7.02
CA GLY E 161 18.14 -33.66 7.02
C GLY E 161 17.03 -32.64 7.05
N LEU E 162 15.87 -32.91 6.42
CA LEU E 162 14.78 -31.93 6.39
C LEU E 162 14.07 -31.89 7.74
N ILE E 163 13.90 -30.68 8.29
CA ILE E 163 13.16 -30.46 9.53
C ILE E 163 11.74 -30.16 9.18
N PHE E 164 10.81 -30.92 9.74
CA PHE E 164 9.37 -30.61 9.63
C PHE E 164 8.80 -30.39 11.03
N ALA E 165 7.72 -29.65 11.12
CA ALA E 165 7.07 -29.41 12.39
C ALA E 165 5.57 -29.49 12.24
N ASN E 166 4.86 -29.80 13.33
CA ASN E 166 3.41 -30.01 13.29
C ASN E 166 2.82 -29.74 14.67
N TRP E 167 1.78 -28.91 14.77
CA TRP E 167 1.24 -28.58 16.07
C TRP E 167 0.53 -29.76 16.69
N ASP E 168 -0.10 -30.59 15.86
CA ASP E 168 -1.14 -31.54 16.29
C ASP E 168 -0.62 -32.89 16.81
N ALA E 169 -0.90 -33.20 18.06
CA ALA E 169 -0.45 -34.47 18.64
C ALA E 169 -1.13 -35.68 18.00
N ASP E 170 -2.38 -35.50 17.56
CA ASP E 170 -3.15 -36.56 16.86
C ASP E 170 -2.69 -36.86 15.43
N ALA E 171 -1.82 -36.04 14.88
CA ALA E 171 -1.26 -36.28 13.55
C ALA E 171 -0.36 -37.50 13.57
N PRO E 172 -0.27 -38.19 12.44
CA PRO E 172 0.72 -39.26 12.33
C PRO E 172 2.13 -38.69 12.37
N ASP E 173 3.10 -39.56 12.65
CA ASP E 173 4.49 -39.12 12.70
C ASP E 173 4.97 -38.78 11.29
N LEU E 174 6.04 -38.00 11.17
CA LEU E 174 6.56 -37.61 9.85
C LEU E 174 6.58 -38.76 8.89
N ASP E 175 7.31 -39.80 9.27
CA ASP E 175 7.55 -40.96 8.41
C ASP E 175 6.27 -41.56 7.81
N THR E 176 5.18 -41.56 8.57
CA THR E 176 3.91 -42.06 8.08
C THR E 176 3.25 -41.04 7.16
N TYR E 177 3.20 -39.79 7.64
CA TYR E 177 2.74 -38.67 6.83
C TYR E 177 3.39 -38.62 5.43
N LEU E 178 4.69 -38.86 5.36
CA LEU E 178 5.40 -38.87 4.08
C LEU E 178 5.03 -40.13 3.30
N GLY E 179 5.04 -41.25 4.00
CA GLY E 179 4.49 -42.50 3.48
C GLY E 179 5.30 -42.99 2.31
N GLU E 180 4.61 -43.46 1.28
CA GLU E 180 5.27 -43.93 0.04
C GLU E 180 6.03 -42.83 -0.67
N ALA E 181 5.76 -41.57 -0.35
CA ALA E 181 6.47 -40.45 -1.00
C ALA E 181 7.96 -40.37 -0.65
N LYS E 182 8.37 -41.01 0.46
CA LYS E 182 9.78 -41.15 0.83
C LYS E 182 10.63 -41.57 -0.37
N PHE E 183 10.12 -42.59 -1.07
CA PHE E 183 10.74 -43.12 -2.27
C PHE E 183 11.23 -42.02 -3.21
N TYR E 184 10.35 -41.06 -3.54
CA TYR E 184 10.66 -39.99 -4.50
C TYR E 184 11.49 -38.87 -3.90
N MET E 185 11.31 -38.60 -2.61
CA MET E 185 12.15 -37.66 -1.88
C MET E 185 13.59 -38.15 -1.86
N ASP E 186 13.76 -39.47 -1.70
CA ASP E 186 15.09 -40.08 -1.64
C ASP E 186 15.97 -39.84 -2.87
N HIS E 187 15.37 -39.55 -4.03
CA HIS E 187 16.16 -39.23 -5.22
C HIS E 187 17.07 -38.04 -4.98
N MET E 188 16.71 -37.17 -4.03
CA MET E 188 17.50 -36.00 -3.65
C MET E 188 18.23 -36.22 -2.33
N LEU E 189 17.52 -36.81 -1.36
CA LEU E 189 18.00 -36.86 0.02
C LEU E 189 18.90 -38.05 0.37
N ASP E 190 18.69 -39.19 -0.29
CA ASP E 190 19.36 -40.44 0.05
C ASP E 190 20.35 -40.94 -0.99
N ARG E 191 21.05 -40.03 -1.66
CA ARG E 191 22.02 -40.37 -2.71
C ARG E 191 23.40 -40.76 -2.19
N THR E 192 23.65 -40.53 -0.90
CA THR E 192 24.92 -40.91 -0.28
C THR E 192 24.80 -41.09 1.25
N GLU E 193 25.70 -41.91 1.80
CA GLU E 193 25.76 -42.15 3.24
C GLU E 193 26.05 -40.87 4.06
N ALA E 194 26.71 -39.90 3.45
CA ALA E 194 26.97 -38.61 4.07
C ALA E 194 25.69 -37.75 4.28
N GLY E 195 24.63 -38.04 3.51
CA GLY E 195 23.41 -37.24 3.51
C GLY E 195 23.64 -35.94 2.75
N THR E 196 22.73 -34.99 2.92
CA THR E 196 22.90 -33.66 2.33
C THR E 196 23.18 -32.61 3.38
N GLU E 197 23.53 -31.43 2.90
CA GLU E 197 23.67 -30.25 3.72
C GLU E 197 23.04 -29.07 2.98
N ALA E 198 22.66 -28.03 3.71
CA ALA E 198 22.17 -26.80 3.10
C ALA E 198 23.32 -25.86 2.81
N ILE E 199 23.31 -25.28 1.63
CA ILE E 199 24.15 -24.14 1.36
C ILE E 199 23.57 -23.03 2.24
N PRO E 200 24.38 -22.26 2.95
CA PRO E 200 23.80 -21.22 3.80
C PRO E 200 23.15 -20.13 2.94
N GLY E 201 22.06 -19.56 3.45
CA GLY E 201 21.41 -18.45 2.79
C GLY E 201 20.05 -18.92 2.33
N ILE E 202 19.00 -18.19 2.76
CA ILE E 202 17.61 -18.48 2.41
C ILE E 202 17.00 -17.25 1.77
N GLN E 203 16.55 -17.38 0.52
CA GLN E 203 15.94 -16.26 -0.18
C GLN E 203 14.44 -16.22 0.10
N LYS E 204 13.94 -15.03 0.38
CA LYS E 204 12.53 -14.81 0.66
C LYS E 204 12.01 -13.73 -0.28
N TRP E 205 10.83 -13.96 -0.84
CA TRP E 205 10.15 -12.94 -1.63
C TRP E 205 8.62 -13.10 -1.60
N VAL E 206 7.92 -12.06 -2.06
CA VAL E 206 6.46 -11.98 -1.99
C VAL E 206 5.83 -12.08 -3.37
N ILE E 207 5.05 -13.13 -3.61
CA ILE E 207 4.30 -13.29 -4.85
C ILE E 207 2.82 -13.22 -4.53
N PRO E 208 2.13 -12.17 -4.99
CA PRO E 208 0.66 -12.09 -4.85
C PRO E 208 -0.14 -13.14 -5.63
N CYS E 209 -0.18 -14.35 -5.10
CA CYS E 209 -1.00 -15.43 -5.60
C CYS E 209 -1.34 -16.39 -4.49
N ASN E 210 -2.33 -17.25 -4.73
CA ASN E 210 -2.72 -18.25 -3.75
C ASN E 210 -1.66 -19.33 -3.67
N TRP E 211 -1.47 -19.90 -2.49
CA TRP E 211 -0.47 -20.94 -2.28
C TRP E 211 -0.75 -22.22 -3.06
N LYS E 212 -2.02 -22.48 -3.40
CA LYS E 212 -2.35 -23.75 -4.06
C LYS E 212 -1.90 -23.79 -5.50
N PHE E 213 -1.67 -22.62 -6.11
CA PHE E 213 -1.06 -22.58 -7.43
C PHE E 213 0.40 -23.07 -7.42
N ALA E 214 1.16 -22.64 -6.43
CA ALA E 214 2.57 -23.00 -6.32
C ALA E 214 2.77 -24.46 -5.96
N ALA E 215 2.01 -24.89 -4.95
CA ALA E 215 2.09 -26.27 -4.49
C ALA E 215 1.72 -27.22 -5.62
N GLU E 216 0.60 -26.91 -6.28
CA GLU E 216 0.13 -27.68 -7.44
C GLU E 216 1.20 -27.78 -8.52
N GLN E 217 1.81 -26.66 -8.85
CA GLN E 217 2.78 -26.65 -9.94
C GLN E 217 3.92 -27.63 -9.67
N PHE E 218 4.47 -27.60 -8.46
CA PHE E 218 5.58 -28.47 -8.07
C PHE E 218 5.12 -29.91 -7.78
N CYS E 219 3.81 -30.09 -7.59
CA CYS E 219 3.22 -31.40 -7.36
C CYS E 219 3.03 -32.17 -8.66
N SER E 220 2.69 -31.47 -9.74
CA SER E 220 2.02 -32.11 -10.88
C SER E 220 2.27 -31.53 -12.27
N ASP E 221 2.95 -30.40 -12.37
CA ASP E 221 2.87 -29.56 -13.54
C ASP E 221 4.19 -29.56 -14.32
N MET E 222 4.54 -30.71 -14.86
CA MET E 222 5.64 -30.81 -15.82
C MET E 222 5.20 -30.21 -17.15
N TYR E 223 3.90 -30.29 -17.44
CA TYR E 223 3.27 -29.66 -18.61
C TYR E 223 3.61 -28.18 -18.79
N HIS E 224 3.77 -27.44 -17.68
CA HIS E 224 4.11 -26.00 -17.79
C HIS E 224 5.57 -25.81 -18.24
N ALA E 225 6.45 -26.67 -17.75
CA ALA E 225 7.84 -26.72 -18.21
C ALA E 225 7.95 -27.23 -19.64
N GLY E 226 7.11 -28.18 -20.01
CA GLY E 226 7.21 -28.85 -21.30
C GLY E 226 6.60 -28.07 -22.47
N THR E 227 6.11 -26.86 -22.18
CA THR E 227 5.48 -26.03 -23.18
C THR E 227 6.08 -24.61 -23.17
N THR E 228 5.26 -23.61 -22.87
CA THR E 228 5.63 -22.22 -23.15
C THR E 228 6.28 -21.47 -21.98
N SER E 229 5.94 -21.81 -20.73
CA SER E 229 6.38 -21.00 -19.59
C SER E 229 7.89 -20.65 -19.57
N HIS E 230 8.73 -21.65 -19.86
CA HIS E 230 10.18 -21.56 -19.66
C HIS E 230 11.00 -21.66 -20.95
N LEU E 231 10.39 -21.31 -22.07
CA LEU E 231 11.13 -21.23 -23.34
C LEU E 231 12.36 -20.32 -23.18
N SER E 232 12.15 -19.12 -22.65
CA SER E 232 13.23 -18.14 -22.56
C SER E 232 14.33 -18.58 -21.58
N GLY E 233 13.92 -19.23 -20.48
CA GLY E 233 14.85 -19.78 -19.51
C GLY E 233 15.77 -20.89 -20.02
N ILE E 234 15.23 -21.72 -20.91
CA ILE E 234 15.99 -22.79 -21.56
C ILE E 234 17.02 -22.20 -22.52
N LEU E 235 16.59 -21.17 -23.27
CA LEU E 235 17.47 -20.46 -24.22
C LEU E 235 18.67 -19.81 -23.53
N ALA E 236 18.50 -19.39 -22.28
CA ALA E 236 19.58 -18.76 -21.53
C ALA E 236 20.72 -19.73 -21.18
N GLY E 237 20.42 -21.03 -21.18
CA GLY E 237 21.39 -22.08 -20.94
C GLY E 237 22.07 -22.66 -22.16
N LEU E 238 21.91 -22.03 -23.33
CA LEU E 238 22.52 -22.50 -24.59
C LEU E 238 23.56 -21.50 -25.14
N PRO E 250 12.15 -33.44 -24.83
CA PRO E 250 11.89 -34.16 -23.56
C PRO E 250 10.65 -35.07 -23.66
N THR E 251 10.86 -36.37 -23.90
CA THR E 251 9.79 -37.28 -24.41
C THR E 251 9.16 -38.26 -23.39
N GLU E 252 9.97 -39.13 -22.79
CA GLU E 252 9.48 -40.13 -21.85
C GLU E 252 9.45 -39.56 -20.43
N GLY E 253 8.66 -40.18 -19.56
CA GLY E 253 8.63 -39.80 -18.16
C GLY E 253 7.41 -40.32 -17.45
N ILE E 254 7.43 -40.26 -16.12
CA ILE E 254 6.27 -40.66 -15.32
C ILE E 254 5.91 -39.62 -14.25
N GLN E 255 4.74 -39.82 -13.66
CA GLN E 255 4.24 -38.98 -12.58
C GLN E 255 3.65 -39.83 -11.49
N TYR E 256 4.25 -39.70 -10.31
CA TYR E 256 3.72 -40.24 -9.07
C TYR E 256 2.58 -39.40 -8.51
N ARG E 257 1.53 -40.06 -8.03
CA ARG E 257 0.48 -39.41 -7.25
C ARG E 257 0.17 -40.25 -6.03
N ALA E 258 0.45 -39.72 -4.84
CA ALA E 258 0.27 -40.47 -3.59
C ALA E 258 -1.10 -41.15 -3.51
N THR E 259 -1.08 -42.43 -3.15
CA THR E 259 -2.30 -43.19 -2.86
C THR E 259 -3.16 -42.35 -1.90
N TRP E 260 -2.51 -41.80 -0.87
CA TRP E 260 -3.19 -40.86 0.00
C TRP E 260 -2.23 -39.78 0.49
N GLY E 261 -2.75 -38.57 0.61
CA GLY E 261 -2.05 -37.54 1.33
C GLY E 261 -1.75 -36.29 0.55
N GLY E 262 -1.94 -36.35 -0.76
CA GLY E 262 -1.87 -35.17 -1.60
C GLY E 262 -0.47 -34.84 -2.12
N HIS E 263 0.50 -35.73 -1.90
CA HIS E 263 1.86 -35.54 -2.40
C HIS E 263 1.92 -35.92 -3.88
N GLY E 264 2.93 -35.43 -4.58
CA GLY E 264 3.11 -35.76 -5.98
C GLY E 264 4.50 -35.40 -6.49
N SER E 265 4.97 -36.16 -7.47
CA SER E 265 6.25 -35.90 -8.12
C SER E 265 6.22 -36.36 -9.57
N GLY E 266 6.91 -35.63 -10.44
CA GLY E 266 7.05 -36.01 -11.83
C GLY E 266 8.51 -35.88 -12.24
N PHE E 267 8.86 -36.53 -13.34
CA PHE E 267 10.25 -36.57 -13.84
C PHE E 267 10.38 -37.20 -15.21
N TYR E 268 11.24 -36.60 -16.02
CA TYR E 268 11.64 -37.16 -17.30
C TYR E 268 12.65 -38.31 -17.11
N ILE E 269 12.60 -39.30 -18.00
CA ILE E 269 13.52 -40.43 -17.98
C ILE E 269 14.31 -40.51 -19.28
N GLY E 270 15.60 -40.81 -19.18
CA GLY E 270 16.46 -41.06 -20.32
C GLY E 270 17.29 -39.87 -20.79
N ASP E 271 16.61 -38.78 -21.15
CA ASP E 271 17.17 -37.69 -21.96
C ASP E 271 17.80 -36.54 -21.12
N PRO E 272 19.14 -36.40 -21.13
CA PRO E 272 19.82 -35.35 -20.33
C PRO E 272 19.65 -33.93 -20.87
N ASN E 273 19.27 -33.84 -22.14
CA ASN E 273 18.71 -32.63 -22.73
C ASN E 273 18.36 -31.54 -21.73
N LEU E 274 17.24 -31.72 -21.02
CA LEU E 274 16.61 -30.61 -20.31
C LEU E 274 17.43 -30.15 -19.12
N LEU E 275 18.06 -31.11 -18.44
CA LEU E 275 18.91 -30.79 -17.29
C LEU E 275 20.14 -29.97 -17.72
N LEU E 276 20.70 -30.26 -18.88
CA LEU E 276 21.87 -29.54 -19.38
C LEU E 276 21.57 -28.06 -19.61
N ALA E 277 20.36 -27.76 -20.07
CA ALA E 277 19.95 -26.38 -20.35
C ALA E 277 19.57 -25.61 -19.08
N ILE E 278 19.25 -26.34 -18.01
CA ILE E 278 18.93 -25.72 -16.73
C ILE E 278 20.20 -25.56 -15.89
N MET E 279 20.87 -26.65 -15.60
CA MET E 279 21.96 -26.66 -14.61
C MET E 279 23.38 -26.68 -15.18
N GLY E 280 23.51 -26.85 -16.49
CA GLY E 280 24.81 -26.87 -17.12
C GLY E 280 25.42 -28.27 -17.15
N PRO E 281 26.55 -28.40 -17.85
CA PRO E 281 27.18 -29.71 -18.06
C PRO E 281 27.86 -30.33 -16.83
N LYS E 282 28.36 -29.53 -15.89
CA LYS E 282 29.06 -30.08 -14.73
C LYS E 282 28.07 -30.83 -13.85
N VAL E 283 26.97 -30.16 -13.53
CA VAL E 283 25.92 -30.73 -12.68
C VAL E 283 25.28 -31.91 -13.37
N THR E 284 25.00 -31.76 -14.65
CA THR E 284 24.37 -32.84 -15.42
C THR E 284 25.24 -34.10 -15.40
N GLU E 285 26.54 -33.93 -15.59
CA GLU E 285 27.48 -35.05 -15.48
C GLU E 285 27.46 -35.65 -14.10
N TYR E 286 27.58 -34.80 -13.08
CA TYR E 286 27.53 -35.24 -11.69
C TYR E 286 26.26 -36.06 -11.36
N TRP E 287 25.14 -35.72 -12.00
CA TRP E 287 23.83 -36.35 -11.72
C TRP E 287 23.66 -37.70 -12.43
N THR E 288 24.45 -37.94 -13.49
CA THR E 288 24.24 -39.09 -14.38
C THR E 288 25.48 -39.99 -14.65
N GLN E 289 26.65 -39.58 -14.17
CA GLN E 289 27.93 -40.17 -14.58
C GLN E 289 28.97 -40.10 -13.45
N GLY E 290 29.83 -41.13 -13.37
CA GLY E 290 30.97 -41.12 -12.46
C GLY E 290 30.64 -41.66 -11.09
N PRO E 291 31.62 -41.72 -10.18
CA PRO E 291 31.46 -42.35 -8.85
C PRO E 291 30.16 -42.01 -8.11
N ALA E 292 29.90 -40.72 -7.91
CA ALA E 292 28.79 -40.22 -7.10
C ALA E 292 27.42 -40.64 -7.60
N ALA E 293 27.24 -40.65 -8.92
CA ALA E 293 25.99 -41.06 -9.55
C ALA E 293 25.75 -42.58 -9.48
N GLU E 294 26.82 -43.37 -9.57
CA GLU E 294 26.70 -44.84 -9.49
C GLU E 294 26.40 -45.21 -8.05
N LYS E 295 26.90 -44.40 -7.12
CA LYS E 295 26.61 -44.60 -5.72
C LYS E 295 25.12 -44.47 -5.48
N ALA E 296 24.48 -43.50 -6.12
CA ALA E 296 23.05 -43.24 -5.92
C ALA E 296 22.19 -44.34 -6.52
N SER E 297 22.57 -44.84 -7.69
CA SER E 297 21.90 -46.01 -8.26
C SER E 297 21.95 -47.23 -7.32
N GLU E 298 23.08 -47.44 -6.64
CA GLU E 298 23.23 -48.56 -5.69
C GLU E 298 22.30 -48.46 -4.48
N ARG E 299 22.31 -47.30 -3.82
CA ARG E 299 21.52 -47.10 -2.60
C ARG E 299 20.04 -47.09 -2.89
N LEU E 300 19.69 -46.69 -4.11
CA LEU E 300 18.31 -46.69 -4.60
C LEU E 300 17.95 -47.98 -5.35
N GLY E 301 18.92 -48.89 -5.51
CA GLY E 301 18.70 -50.19 -6.14
C GLY E 301 18.22 -50.19 -7.59
N SER E 302 18.62 -49.18 -8.36
CA SER E 302 18.09 -48.99 -9.70
C SER E 302 18.91 -47.94 -10.45
N THR E 303 19.47 -48.36 -11.58
CA THR E 303 20.21 -47.49 -12.48
C THR E 303 19.31 -46.36 -13.00
N GLU E 304 18.02 -46.66 -13.20
CA GLU E 304 17.07 -45.69 -13.71
C GLU E 304 16.87 -44.53 -12.72
N ARG E 305 16.56 -44.86 -11.46
CA ARG E 305 16.37 -43.88 -10.39
C ARG E 305 17.57 -42.98 -10.17
N GLY E 306 18.77 -43.57 -10.14
CA GLY E 306 19.97 -42.87 -9.77
C GLY E 306 20.59 -42.05 -10.86
N GLN E 307 20.42 -42.45 -12.12
CA GLN E 307 21.18 -41.91 -13.23
C GLN E 307 20.36 -41.49 -14.47
N GLN E 308 19.13 -41.93 -14.56
CA GLN E 308 18.32 -41.62 -15.74
C GLN E 308 17.16 -40.69 -15.42
N LEU E 309 17.10 -40.19 -14.19
CA LEU E 309 16.04 -39.28 -13.78
C LEU E 309 16.48 -37.82 -14.05
N MET E 310 15.62 -37.06 -14.72
CA MET E 310 15.93 -35.69 -15.19
C MET E 310 14.84 -34.69 -14.81
N ALA E 311 15.21 -33.61 -14.12
CA ALA E 311 14.27 -32.51 -13.83
C ALA E 311 13.02 -32.92 -13.04
N GLN E 312 13.25 -33.58 -11.91
CA GLN E 312 12.15 -33.98 -11.04
C GLN E 312 11.56 -32.78 -10.27
N HIS E 313 10.24 -32.73 -10.19
CA HIS E 313 9.54 -31.77 -9.34
C HIS E 313 8.77 -32.55 -8.30
N MET E 314 8.57 -31.98 -7.12
CA MET E 314 7.81 -32.64 -6.06
C MET E 314 7.15 -31.68 -5.07
N THR E 315 6.03 -32.11 -4.49
CA THR E 315 5.40 -31.44 -3.38
C THR E 315 5.08 -32.43 -2.27
N ILE E 316 5.51 -32.11 -1.05
CA ILE E 316 4.96 -32.72 0.14
C ILE E 316 3.85 -31.82 0.60
N PHE E 317 2.64 -32.32 0.49
CA PHE E 317 1.45 -31.59 0.92
C PHE E 317 1.61 -31.10 2.34
N PRO E 318 1.19 -29.87 2.63
CA PRO E 318 0.73 -28.88 1.64
C PRO E 318 1.81 -28.04 0.94
N THR E 319 2.82 -27.58 1.65
CA THR E 319 3.60 -26.46 1.15
C THR E 319 5.09 -26.65 1.16
N CYS E 320 5.54 -27.89 1.15
CA CYS E 320 6.97 -28.16 0.96
C CYS E 320 7.20 -28.62 -0.47
N SER E 321 8.11 -28.00 -1.19
CA SER E 321 8.35 -28.34 -2.61
C SER E 321 9.83 -28.24 -2.99
N PHE E 322 10.25 -29.06 -3.94
CA PHE E 322 11.65 -29.18 -4.30
C PHE E 322 11.81 -29.89 -5.63
N LEU E 323 12.99 -29.73 -6.24
CA LEU E 323 13.27 -30.20 -7.59
C LEU E 323 14.52 -31.04 -7.58
N PRO E 324 14.42 -32.32 -7.21
CA PRO E 324 15.60 -33.18 -7.16
C PRO E 324 16.39 -33.12 -8.46
N GLY E 325 17.70 -32.90 -8.36
CA GLY E 325 18.54 -32.65 -9.53
C GLY E 325 19.05 -31.22 -9.55
N ILE E 326 18.13 -30.29 -9.70
CA ILE E 326 18.39 -28.85 -9.52
C ILE E 326 18.69 -28.59 -8.04
N ASN E 327 17.95 -29.28 -7.18
CA ASN E 327 18.13 -29.21 -5.74
C ASN E 327 17.73 -27.89 -5.05
N THR E 328 16.83 -27.12 -5.67
CA THR E 328 16.13 -26.08 -4.91
C THR E 328 15.06 -26.77 -4.07
N ILE E 329 14.83 -26.23 -2.88
CA ILE E 329 13.76 -26.66 -2.00
C ILE E 329 13.21 -25.39 -1.35
N ARG E 330 11.95 -25.40 -0.98
CA ARG E 330 11.35 -24.21 -0.40
C ARG E 330 10.06 -24.52 0.30
N ALA E 331 9.68 -23.62 1.20
CA ALA E 331 8.37 -23.64 1.78
C ALA E 331 7.58 -22.47 1.22
N TRP E 332 6.29 -22.69 0.96
CA TRP E 332 5.40 -21.60 0.59
C TRP E 332 4.64 -21.20 1.86
N HIS E 333 4.62 -19.91 2.18
CA HIS E 333 3.90 -19.46 3.35
C HIS E 333 2.71 -18.65 2.94
N PRO E 334 1.51 -19.02 3.37
CA PRO E 334 0.32 -18.26 2.96
C PRO E 334 0.28 -16.90 3.62
N ARG E 335 -0.33 -15.93 2.95
CA ARG E 335 -0.43 -14.55 3.42
C ARG E 335 -1.81 -14.04 2.97
N GLY E 336 -2.83 -14.78 3.39
CA GLY E 336 -4.18 -14.60 2.91
C GLY E 336 -4.34 -15.41 1.65
N PRO E 337 -5.53 -15.41 1.07
CA PRO E 337 -5.77 -16.15 -0.17
C PRO E 337 -5.06 -15.56 -1.42
N ASN E 338 -4.67 -14.28 -1.36
CA ASN E 338 -4.17 -13.55 -2.53
C ASN E 338 -2.67 -13.33 -2.54
N GLU E 339 -1.96 -13.92 -1.59
CA GLU E 339 -0.53 -13.74 -1.48
C GLU E 339 0.16 -14.92 -0.80
N ILE E 340 1.40 -15.16 -1.18
CA ILE E 340 2.30 -16.06 -0.46
C ILE E 340 3.68 -15.44 -0.37
N GLU E 341 4.47 -15.97 0.56
CA GLU E 341 5.91 -15.81 0.56
C GLU E 341 6.53 -17.14 0.14
N VAL E 342 7.65 -17.03 -0.57
CA VAL E 342 8.46 -18.16 -0.94
C VAL E 342 9.76 -18.04 -0.16
N TRP E 343 10.09 -19.09 0.61
CA TRP E 343 11.36 -19.19 1.33
C TRP E 343 12.15 -20.36 0.77
N ALA E 344 13.14 -20.05 -0.08
CA ALA E 344 13.87 -21.09 -0.82
C ALA E 344 15.34 -21.17 -0.40
N PHE E 345 15.89 -22.37 -0.49
CA PHE E 345 17.33 -22.59 -0.37
C PHE E 345 17.77 -23.83 -1.15
N THR E 346 19.08 -24.07 -1.17
CA THR E 346 19.66 -25.15 -1.97
C THR E 346 20.36 -26.20 -1.09
N VAL E 347 20.07 -27.47 -1.35
CA VAL E 347 20.76 -28.58 -0.68
C VAL E 347 21.75 -29.26 -1.65
N VAL E 348 22.89 -29.67 -1.12
CA VAL E 348 23.87 -30.40 -1.91
C VAL E 348 24.30 -31.61 -1.15
N ASP E 349 24.76 -32.64 -1.87
CA ASP E 349 25.42 -33.77 -1.25
C ASP E 349 26.54 -33.28 -0.32
N ALA E 350 26.50 -33.69 0.95
CA ALA E 350 27.51 -33.27 1.92
C ALA E 350 28.94 -33.61 1.45
N ASP E 351 29.12 -34.78 0.83
CA ASP E 351 30.46 -35.23 0.36
C ASP E 351 30.86 -34.80 -1.06
N ALA E 352 29.99 -34.12 -1.80
CA ALA E 352 30.35 -33.61 -3.12
C ALA E 352 31.62 -32.75 -3.04
N PRO E 353 32.47 -32.78 -4.08
CA PRO E 353 33.64 -31.89 -4.11
C PRO E 353 33.25 -30.42 -3.91
N GLU E 354 34.14 -29.63 -3.32
CA GLU E 354 33.84 -28.21 -3.10
C GLU E 354 33.44 -27.45 -4.39
N GLU E 355 33.94 -27.89 -5.55
CA GLU E 355 33.69 -27.20 -6.83
C GLU E 355 32.29 -27.50 -7.36
N MET E 356 31.71 -28.61 -6.92
CA MET E 356 30.37 -28.99 -7.33
C MET E 356 29.35 -28.26 -6.48
N LYS E 357 29.62 -28.14 -5.18
CA LYS E 357 28.78 -27.36 -4.28
C LYS E 357 28.65 -25.92 -4.78
N GLU E 358 29.77 -25.37 -5.22
CA GLU E 358 29.83 -24.02 -5.77
C GLU E 358 29.04 -23.91 -7.06
N GLU E 359 29.08 -24.96 -7.88
CA GLU E 359 28.29 -24.96 -9.12
C GLU E 359 26.78 -25.05 -8.85
N TYR E 360 26.39 -25.84 -7.86
CA TYR E 360 24.98 -25.94 -7.47
C TYR E 360 24.46 -24.58 -6.99
N ARG E 361 25.28 -23.89 -6.19
CA ARG E 361 24.96 -22.56 -5.65
C ARG E 361 24.65 -21.55 -6.76
N GLN E 362 25.54 -21.45 -7.75
CA GLN E 362 25.42 -20.47 -8.83
C GLN E 362 24.27 -20.81 -9.76
N GLN E 363 24.21 -22.06 -10.22
CA GLN E 363 23.23 -22.47 -11.22
C GLN E 363 21.82 -22.43 -10.67
N THR E 364 21.72 -22.73 -9.39
CA THR E 364 20.43 -22.77 -8.71
C THR E 364 19.87 -21.34 -8.51
N LEU E 365 20.73 -20.36 -8.27
CA LEU E 365 20.32 -18.95 -8.08
C LEU E 365 20.16 -18.23 -9.43
N ARG E 366 20.77 -18.82 -10.43
CA ARG E 366 20.64 -18.35 -11.78
C ARG E 366 19.27 -18.73 -12.33
N THR E 367 18.68 -19.80 -11.80
CA THR E 367 17.47 -20.38 -12.37
C THR E 367 16.22 -20.30 -11.47
N PHE E 368 16.26 -20.93 -10.31
CA PHE E 368 15.09 -21.03 -9.46
C PHE E 368 15.25 -20.15 -8.22
N SER E 369 15.23 -18.85 -8.48
CA SER E 369 15.11 -17.82 -7.46
C SER E 369 14.32 -16.65 -8.07
N ALA E 370 14.11 -15.58 -7.30
CA ALA E 370 13.30 -14.43 -7.74
C ALA E 370 13.82 -13.78 -9.02
N GLY E 371 15.14 -13.68 -9.13
CA GLY E 371 15.79 -13.16 -10.32
C GLY E 371 16.17 -14.25 -11.32
N GLY E 372 16.02 -15.50 -10.92
CA GLY E 372 16.36 -16.64 -11.76
C GLY E 372 15.68 -16.61 -13.12
N VAL E 373 16.34 -17.18 -14.15
CA VAL E 373 15.83 -17.14 -15.53
C VAL E 373 14.60 -18.04 -15.78
N PHE E 374 14.35 -18.98 -14.89
CA PHE E 374 13.10 -19.74 -14.94
C PHE E 374 12.05 -19.06 -14.03
N GLU E 375 12.36 -18.93 -12.74
CA GLU E 375 11.32 -18.61 -11.73
C GLU E 375 10.76 -17.18 -11.79
N GLN E 376 11.59 -16.20 -12.16
CA GLN E 376 11.14 -14.90 -12.72
C GLN E 376 9.74 -14.97 -13.30
N ASP E 377 9.57 -15.95 -14.21
CA ASP E 377 8.40 -16.09 -15.07
C ASP E 377 7.20 -16.76 -14.39
N ASP E 378 7.45 -17.66 -13.43
CA ASP E 378 6.37 -18.22 -12.62
C ASP E 378 5.69 -17.13 -11.78
N GLY E 379 6.49 -16.30 -11.12
CA GLY E 379 5.96 -15.20 -10.34
C GLY E 379 5.11 -14.24 -11.15
N GLU E 380 5.43 -14.09 -12.43
CA GLU E 380 4.66 -13.22 -13.34
C GLU E 380 3.33 -13.86 -13.69
N ASN E 381 3.33 -15.16 -13.96
CA ASN E 381 2.10 -15.88 -14.35
C ASN E 381 1.08 -15.95 -13.21
N TRP E 382 1.52 -16.51 -12.08
CA TRP E 382 0.67 -16.73 -10.92
C TRP E 382 -0.01 -15.44 -10.43
N VAL E 383 0.69 -14.32 -10.58
CA VAL E 383 0.21 -13.00 -10.17
C VAL E 383 -0.95 -12.52 -11.04
N GLU E 384 -0.85 -12.81 -12.33
CA GLU E 384 -1.93 -12.49 -13.23
C GLU E 384 -3.18 -13.34 -13.05
N ILE E 385 -3.01 -14.64 -12.73
CA ILE E 385 -4.15 -15.53 -12.46
C ILE E 385 -4.96 -14.98 -11.31
N GLN E 386 -4.29 -14.65 -10.22
CA GLN E 386 -4.97 -14.15 -9.01
C GLN E 386 -5.70 -12.83 -9.23
N GLN E 387 -5.07 -11.89 -9.93
CA GLN E 387 -5.65 -10.59 -10.23
C GLN E 387 -6.94 -10.69 -11.06
N VAL E 388 -6.97 -11.62 -12.02
CA VAL E 388 -8.16 -11.92 -12.84
C VAL E 388 -9.33 -12.41 -11.98
N LEU E 389 -9.04 -13.17 -10.92
CA LEU E 389 -10.09 -13.76 -10.07
C LEU E 389 -10.77 -12.76 -9.12
N ARG E 390 -10.46 -11.47 -9.23
CA ARG E 390 -11.27 -10.46 -8.57
C ARG E 390 -12.65 -10.42 -9.23
N GLY E 391 -12.70 -10.85 -10.48
CA GLY E 391 -13.92 -10.84 -11.29
C GLY E 391 -14.93 -11.92 -10.94
N HIS E 392 -16.20 -11.51 -10.90
CA HIS E 392 -17.29 -12.39 -10.56
C HIS E 392 -17.41 -13.54 -11.57
N LYS E 393 -17.38 -13.21 -12.85
CA LYS E 393 -17.52 -14.22 -13.92
C LYS E 393 -16.31 -15.15 -13.96
N ALA E 394 -15.14 -14.60 -13.66
CA ALA E 394 -13.91 -15.39 -13.57
C ALA E 394 -13.91 -16.46 -12.45
N ARG E 395 -14.74 -16.27 -11.44
CA ARG E 395 -14.91 -17.26 -10.35
C ARG E 395 -16.17 -18.12 -10.50
N SER E 396 -16.85 -18.02 -11.65
CA SER E 396 -18.20 -18.58 -11.81
C SER E 396 -18.26 -19.90 -12.58
N ARG E 397 -17.16 -20.26 -13.25
CA ARG E 397 -17.07 -21.54 -13.96
C ARG E 397 -15.78 -22.23 -13.56
N PRO E 398 -15.78 -23.56 -13.57
CA PRO E 398 -14.61 -24.33 -13.12
C PRO E 398 -13.38 -24.27 -14.05
N PHE E 399 -12.23 -24.64 -13.48
CA PHE E 399 -11.01 -24.80 -14.25
C PHE E 399 -10.94 -26.24 -14.70
N ASN E 400 -10.23 -26.45 -15.81
CA ASN E 400 -10.11 -27.75 -16.40
C ASN E 400 -8.99 -28.57 -15.77
N ALA E 401 -9.35 -29.43 -14.85
CA ALA E 401 -8.42 -30.33 -14.20
C ALA E 401 -8.57 -31.77 -14.71
N GLU E 402 -8.66 -31.93 -16.03
CA GLU E 402 -9.03 -33.23 -16.59
C GLU E 402 -7.89 -33.95 -17.31
N MET E 403 -6.73 -33.32 -17.38
CA MET E 403 -5.57 -33.87 -18.09
C MET E 403 -5.22 -35.28 -17.61
N GLY E 404 -5.30 -36.26 -18.51
CA GLY E 404 -4.85 -37.60 -18.23
C GLY E 404 -5.81 -38.38 -17.35
N LEU E 405 -7.06 -37.95 -17.26
CA LEU E 405 -8.09 -38.69 -16.51
C LEU E 405 -8.18 -40.14 -16.97
N GLY E 406 -8.18 -41.06 -16.01
CA GLY E 406 -8.30 -42.48 -16.30
C GLY E 406 -7.01 -43.18 -16.67
N GLN E 407 -6.03 -42.44 -17.20
CA GLN E 407 -4.78 -43.01 -17.69
C GLN E 407 -3.76 -43.24 -16.58
N THR E 408 -4.16 -44.01 -15.57
CA THR E 408 -3.33 -44.29 -14.40
C THR E 408 -2.93 -45.76 -14.37
N ASP E 409 -2.17 -46.13 -13.35
CA ASP E 409 -1.72 -47.50 -13.16
C ASP E 409 -1.19 -47.57 -11.74
N SER E 410 -1.99 -48.15 -10.83
CA SER E 410 -1.62 -48.19 -9.41
C SER E 410 -0.86 -49.49 -9.05
N ASP E 411 -0.46 -50.25 -10.07
CA ASP E 411 0.14 -51.57 -9.93
C ASP E 411 1.54 -51.62 -10.61
N ASN E 412 2.22 -50.46 -10.68
CA ASN E 412 3.49 -50.32 -11.37
C ASN E 412 4.63 -50.94 -10.56
N PRO E 413 5.33 -51.91 -11.15
CA PRO E 413 6.27 -52.75 -10.39
C PRO E 413 7.49 -52.01 -9.82
N ASP E 414 8.00 -51.01 -10.54
CA ASP E 414 9.20 -50.26 -10.12
C ASP E 414 8.95 -48.95 -9.38
N TYR E 415 7.72 -48.45 -9.41
CA TYR E 415 7.42 -47.12 -8.85
C TYR E 415 6.09 -47.17 -8.10
N PRO E 416 6.12 -46.95 -6.78
CA PRO E 416 4.91 -47.08 -5.97
C PRO E 416 3.92 -45.95 -6.18
N GLY E 417 2.66 -46.22 -5.86
CA GLY E 417 1.60 -45.23 -5.93
C GLY E 417 0.89 -45.25 -7.26
N THR E 418 0.13 -44.19 -7.51
CA THR E 418 -0.67 -44.02 -8.73
C THR E 418 0.15 -43.31 -9.85
N ILE E 419 0.61 -44.09 -10.82
CA ILE E 419 1.52 -43.61 -11.86
C ILE E 419 0.81 -43.27 -13.16
N SER E 420 1.16 -42.11 -13.73
CA SER E 420 0.62 -41.64 -15.00
C SER E 420 1.78 -41.24 -15.92
N TYR E 421 1.47 -40.82 -17.14
CA TYR E 421 2.46 -40.16 -17.99
C TYR E 421 2.89 -38.86 -17.31
N VAL E 422 4.11 -38.41 -17.61
CA VAL E 422 4.65 -37.21 -16.96
C VAL E 422 3.85 -35.94 -17.24
N TYR E 423 3.10 -35.91 -18.35
CA TYR E 423 2.13 -34.85 -18.61
C TYR E 423 0.72 -35.30 -18.21
N SER E 424 0.41 -35.08 -16.93
CA SER E 424 -0.87 -35.42 -16.34
C SER E 424 -1.16 -34.45 -15.19
N GLU E 425 -2.42 -34.23 -14.89
CA GLU E 425 -2.82 -33.54 -13.67
C GLU E 425 -3.47 -34.47 -12.63
N GLU E 426 -3.00 -35.72 -12.57
CA GLU E 426 -3.49 -36.74 -11.63
C GLU E 426 -3.02 -36.44 -10.20
N ALA E 427 -1.74 -36.09 -10.06
CA ALA E 427 -1.20 -35.64 -8.78
C ALA E 427 -1.89 -34.37 -8.29
N ALA E 428 -2.24 -33.48 -9.21
CA ALA E 428 -2.93 -32.24 -8.87
C ALA E 428 -4.32 -32.55 -8.40
N ARG E 429 -4.98 -33.52 -9.02
CA ARG E 429 -6.31 -33.92 -8.59
C ARG E 429 -6.27 -34.47 -7.15
N GLY E 430 -5.21 -35.20 -6.83
CA GLY E 430 -5.02 -35.77 -5.52
C GLY E 430 -4.62 -34.75 -4.47
N LEU E 431 -3.93 -33.69 -4.90
CA LEU E 431 -3.59 -32.59 -4.02
C LEU E 431 -4.85 -31.87 -3.61
N TYR E 432 -5.69 -31.56 -4.59
CA TYR E 432 -6.96 -30.87 -4.31
C TYR E 432 -7.99 -31.78 -3.61
N THR E 433 -7.94 -33.07 -3.85
CA THR E 433 -8.77 -34.00 -3.09
C THR E 433 -8.34 -34.06 -1.61
N GLN E 434 -7.04 -34.04 -1.37
CA GLN E 434 -6.51 -34.02 -0.01
C GLN E 434 -6.92 -32.73 0.68
N TRP E 435 -6.92 -31.64 -0.08
CA TRP E 435 -7.32 -30.33 0.40
C TRP E 435 -8.76 -30.44 0.90
N VAL E 436 -9.61 -31.14 0.14
CA VAL E 436 -11.00 -31.33 0.52
C VAL E 436 -11.12 -32.14 1.81
N ARG E 437 -10.34 -33.21 1.88
CA ARG E 437 -10.39 -34.12 3.03
C ARG E 437 -9.97 -33.44 4.32
N MET E 438 -8.90 -32.65 4.25
CA MET E 438 -8.42 -31.87 5.40
C MET E 438 -9.44 -30.79 5.76
N MET E 439 -9.90 -30.05 4.76
CA MET E 439 -10.88 -28.97 4.95
C MET E 439 -12.24 -29.44 5.46
N THR E 440 -12.54 -30.73 5.29
CA THR E 440 -13.82 -31.29 5.74
C THR E 440 -13.70 -32.22 6.96
N SER E 441 -12.50 -32.33 7.55
CA SER E 441 -12.25 -33.17 8.73
C SER E 441 -12.07 -32.32 9.99
N PRO E 442 -12.92 -32.47 11.00
CA PRO E 442 -12.75 -31.72 12.26
C PRO E 442 -11.44 -32.03 13.01
N ASP E 443 -10.92 -33.23 12.81
CA ASP E 443 -9.69 -33.63 13.48
C ASP E 443 -9.01 -34.74 12.68
N TRP E 444 -7.85 -35.19 13.15
CA TRP E 444 -7.10 -36.19 12.43
C TRP E 444 -7.79 -37.54 12.42
N ALA E 445 -8.69 -37.81 13.38
CA ALA E 445 -9.47 -39.05 13.39
C ALA E 445 -10.35 -39.12 12.15
N ALA E 446 -11.09 -38.04 11.92
CA ALA E 446 -12.00 -37.96 10.77
C ALA E 446 -11.26 -38.06 9.44
N LEU E 447 -10.10 -37.42 9.38
CA LEU E 447 -9.26 -37.40 8.17
C LEU E 447 -8.65 -38.76 7.90
N ASP E 448 -8.08 -39.36 8.93
CA ASP E 448 -7.62 -40.75 8.87
C ASP E 448 -8.73 -41.70 8.36
N ALA E 449 -10.00 -41.38 8.66
CA ALA E 449 -11.11 -42.22 8.20
C ALA E 449 -11.44 -42.09 6.69
N THR E 450 -10.81 -41.13 6.01
CA THR E 450 -10.95 -40.97 4.55
C THR E 450 -9.97 -41.80 3.71
N ARG E 451 -9.03 -42.51 4.33
CA ARG E 451 -8.08 -43.32 3.55
C ARG E 451 -8.72 -44.64 3.06
N PRO E 452 -8.12 -45.28 2.06
CA PRO E 452 -8.67 -46.55 1.52
C PRO E 452 -8.50 -47.74 2.51
N PHE F 11 36.06 2.73 1.18
CA PHE F 11 35.27 3.77 1.92
C PHE F 11 35.24 3.55 3.42
N ARG F 12 36.30 2.99 3.98
CA ARG F 12 36.45 2.88 5.43
C ARG F 12 36.58 4.28 6.09
N THR F 13 37.19 5.23 5.37
CA THR F 13 37.24 6.66 5.78
C THR F 13 36.78 7.56 4.64
N LYS F 14 36.55 8.84 4.96
CA LYS F 14 36.01 9.76 3.96
C LYS F 14 36.96 9.87 2.76
N PRO F 15 36.44 9.73 1.55
CA PRO F 15 37.28 9.80 0.36
C PRO F 15 37.97 11.14 0.17
N ALA F 16 39.28 11.05 -0.09
CA ALA F 16 40.06 12.18 -0.56
C ALA F 16 39.32 12.86 -1.71
N PRO F 17 39.26 14.19 -1.73
CA PRO F 17 38.56 14.90 -2.80
C PRO F 17 39.13 14.53 -4.15
N VAL F 18 38.27 14.46 -5.16
CA VAL F 18 38.70 14.22 -6.54
C VAL F 18 38.45 15.45 -7.40
N ASP F 19 39.05 15.47 -8.58
CA ASP F 19 38.79 16.57 -9.49
C ASP F 19 37.33 16.51 -9.92
N PRO F 20 36.65 17.64 -9.92
CA PRO F 20 35.25 17.67 -10.36
C PRO F 20 35.02 17.16 -11.79
N SER F 21 36.04 17.12 -12.65
CA SER F 21 35.84 16.57 -13.99
C SER F 21 35.78 15.03 -14.00
N LEU F 22 36.39 14.41 -13.00
CA LEU F 22 36.32 12.97 -12.83
C LEU F 22 34.96 12.56 -12.27
N GLN F 23 34.52 13.30 -11.25
CA GLN F 23 33.16 13.20 -10.70
C GLN F 23 32.16 13.27 -11.82
N HIS F 24 32.27 14.28 -12.66
CA HIS F 24 31.29 14.53 -13.68
C HIS F 24 31.34 13.42 -14.77
N GLU F 25 32.52 12.92 -15.06
CA GLU F 25 32.70 11.87 -16.07
C GLU F 25 32.03 10.57 -15.59
N ILE F 26 32.19 10.25 -14.30
CA ILE F 26 31.66 8.99 -13.75
C ILE F 26 30.13 9.08 -13.55
N GLU F 27 29.66 10.24 -13.12
CA GLU F 27 28.23 10.48 -12.96
C GLU F 27 27.50 10.28 -14.28
N GLN F 28 27.97 10.96 -15.32
CA GLN F 28 27.47 10.81 -16.68
C GLN F 28 27.53 9.36 -17.18
N PHE F 29 28.51 8.59 -16.71
CA PHE F 29 28.57 7.19 -17.07
C PHE F 29 27.40 6.46 -16.41
N TYR F 30 27.08 6.81 -15.16
CA TYR F 30 25.97 6.15 -14.45
C TYR F 30 24.62 6.63 -14.95
N TYR F 31 24.54 7.91 -15.33
CA TYR F 31 23.31 8.49 -15.83
C TYR F 31 22.97 7.90 -17.20
N TRP F 32 24.01 7.63 -17.99
CA TRP F 32 23.85 6.98 -19.28
C TRP F 32 23.53 5.48 -19.09
N GLU F 33 24.21 4.84 -18.15
CA GLU F 33 23.82 3.50 -17.72
C GLU F 33 22.34 3.41 -17.40
N ALA F 34 21.84 4.36 -16.61
CA ALA F 34 20.45 4.33 -16.17
C ALA F 34 19.49 4.39 -17.38
N LYS F 35 19.82 5.25 -18.34
CA LYS F 35 19.02 5.41 -19.51
C LYS F 35 18.95 4.09 -20.27
N LEU F 36 20.10 3.43 -20.40
CA LEU F 36 20.19 2.17 -21.14
C LEU F 36 19.22 1.18 -20.54
N LEU F 37 19.22 1.07 -19.22
CA LEU F 37 18.36 0.09 -18.55
C LEU F 37 16.89 0.48 -18.63
N ASN F 38 16.59 1.77 -18.47
CA ASN F 38 15.20 2.25 -18.38
C ASN F 38 14.52 2.31 -19.75
N ASP F 39 15.34 2.41 -20.80
CA ASP F 39 14.89 2.47 -22.19
C ASP F 39 15.00 1.12 -22.89
N ARG F 40 15.48 0.13 -22.14
CA ARG F 40 15.49 -1.28 -22.55
C ARG F 40 16.50 -1.58 -23.63
N ARG F 41 17.57 -0.79 -23.62
CA ARG F 41 18.70 -0.95 -24.51
C ARG F 41 19.68 -1.93 -23.86
N PHE F 42 19.24 -3.18 -23.76
CA PHE F 42 19.96 -4.18 -22.99
C PHE F 42 21.18 -4.70 -23.72
N GLN F 43 21.17 -4.67 -25.03
CA GLN F 43 22.35 -5.08 -25.77
C GLN F 43 23.50 -4.14 -25.44
N GLU F 44 23.23 -2.84 -25.36
CA GLU F 44 24.28 -1.86 -25.05
C GLU F 44 24.70 -1.90 -23.59
N TRP F 45 23.75 -2.23 -22.69
CA TRP F 45 24.05 -2.27 -21.27
C TRP F 45 25.02 -3.39 -20.96
N PHE F 46 24.69 -4.60 -21.40
CA PHE F 46 25.58 -5.76 -21.22
C PHE F 46 26.96 -5.51 -21.82
N ASP F 47 27.05 -4.68 -22.86
CA ASP F 47 28.33 -4.30 -23.46
C ASP F 47 29.24 -3.51 -22.51
N LEU F 48 28.66 -2.92 -21.47
CA LEU F 48 29.43 -2.32 -20.39
C LEU F 48 30.15 -3.31 -19.47
N LEU F 49 29.65 -4.54 -19.37
CA LEU F 49 30.25 -5.51 -18.44
C LEU F 49 31.62 -6.00 -18.96
N ALA F 50 32.67 -5.85 -18.15
CA ALA F 50 33.98 -6.44 -18.44
C ALA F 50 33.87 -7.98 -18.46
N GLU F 51 34.79 -8.67 -19.12
CA GLU F 51 34.72 -10.13 -19.16
C GLU F 51 35.04 -10.79 -17.79
N ASP F 52 35.68 -10.03 -16.88
CA ASP F 52 35.82 -10.47 -15.47
C ASP F 52 34.69 -9.98 -14.54
N ILE F 53 33.55 -9.60 -15.12
CA ILE F 53 32.43 -9.05 -14.35
C ILE F 53 31.97 -9.98 -13.23
N HIS F 54 31.91 -9.44 -12.01
CA HIS F 54 31.27 -10.07 -10.85
C HIS F 54 30.04 -9.20 -10.43
N TYR F 55 28.85 -9.62 -10.86
CA TYR F 55 27.60 -8.92 -10.57
C TYR F 55 26.92 -9.63 -9.41
N PHE F 56 27.13 -9.10 -8.20
CA PHE F 56 26.76 -9.73 -6.95
C PHE F 56 25.67 -8.93 -6.22
N MET F 57 24.67 -9.62 -5.66
CA MET F 57 23.63 -9.00 -4.82
C MET F 57 23.30 -9.93 -3.65
N PRO F 58 23.94 -9.73 -2.49
CA PRO F 58 23.79 -10.65 -1.37
C PRO F 58 22.43 -10.61 -0.72
N ILE F 59 22.07 -11.70 -0.04
CA ILE F 59 20.85 -11.75 0.72
C ILE F 59 21.06 -11.04 2.03
N ARG F 60 20.10 -10.20 2.40
CA ARG F 60 20.20 -9.40 3.61
C ARG F 60 19.23 -9.93 4.68
N THR F 61 19.70 -9.97 5.91
CA THR F 61 18.90 -10.44 7.02
C THR F 61 18.76 -9.40 8.14
N THR F 62 17.81 -9.65 9.02
CA THR F 62 17.56 -8.81 10.18
C THR F 62 18.34 -9.46 11.35
N ARG F 63 19.24 -8.70 11.94
CA ARG F 63 20.12 -9.19 12.99
C ARG F 63 20.09 -8.30 14.21
N ILE F 64 20.25 -8.90 15.38
CA ILE F 64 20.50 -8.09 16.57
C ILE F 64 21.85 -7.40 16.39
N MET F 65 22.07 -6.32 17.14
CA MET F 65 23.23 -5.44 16.95
C MET F 65 24.54 -6.26 17.07
N ARG F 66 24.62 -7.21 18.00
CA ARG F 66 25.88 -7.94 18.22
C ARG F 66 26.23 -8.97 17.14
N GLU F 67 25.29 -9.23 16.23
CA GLU F 67 25.54 -10.16 15.12
C GLU F 67 25.37 -9.53 13.72
N THR F 68 25.45 -8.20 13.60
CA THR F 68 25.29 -7.54 12.28
C THR F 68 26.39 -7.88 11.28
N ALA F 69 27.43 -8.58 11.74
CA ALA F 69 28.46 -9.10 10.86
C ALA F 69 27.87 -10.10 9.89
N GLN F 70 26.87 -10.86 10.33
CA GLN F 70 26.19 -11.82 9.44
C GLN F 70 25.01 -11.24 8.67
N GLU F 71 24.88 -9.91 8.68
CA GLU F 71 23.79 -9.22 8.00
C GLU F 71 23.70 -9.52 6.50
N TYR F 72 24.85 -9.70 5.84
CA TYR F 72 24.90 -10.01 4.43
C TYR F 72 25.46 -11.41 4.23
N SER F 73 24.94 -12.12 3.23
CA SER F 73 25.46 -13.41 2.85
C SER F 73 26.86 -13.18 2.28
N GLY F 74 27.78 -14.10 2.54
CA GLY F 74 29.15 -13.98 2.06
C GLY F 74 29.44 -14.74 0.76
N ALA F 75 30.72 -14.95 0.49
CA ALA F 75 31.21 -15.54 -0.76
C ALA F 75 30.57 -16.88 -1.17
N ARG F 76 30.68 -17.92 -0.33
CA ARG F 76 30.20 -19.25 -0.71
C ARG F 76 28.76 -19.48 -0.25
N GLU F 77 27.97 -18.40 -0.13
CA GLU F 77 26.59 -18.48 0.33
C GLU F 77 25.58 -18.05 -0.76
N TYR F 78 24.32 -18.40 -0.53
CA TYR F 78 23.22 -18.08 -1.45
C TYR F 78 23.01 -16.57 -1.60
N ALA F 79 22.49 -16.16 -2.75
CA ALA F 79 22.43 -14.76 -3.12
C ALA F 79 21.32 -14.53 -4.14
N HIS F 80 20.90 -13.27 -4.29
CA HIS F 80 19.90 -12.92 -5.28
C HIS F 80 20.52 -12.95 -6.66
N PHE F 81 21.72 -12.38 -6.73
CA PHE F 81 22.58 -12.44 -7.91
C PHE F 81 24.03 -12.75 -7.49
N ASP F 82 24.72 -13.52 -8.32
CA ASP F 82 26.14 -13.81 -8.12
C ASP F 82 26.69 -14.36 -9.42
N ASP F 83 26.83 -13.46 -10.39
CA ASP F 83 27.01 -13.85 -11.77
C ASP F 83 28.36 -13.47 -12.33
N ASN F 84 28.82 -14.26 -13.30
CA ASN F 84 30.03 -13.98 -14.07
C ASN F 84 29.60 -13.63 -15.49
N ALA F 85 30.55 -13.32 -16.37
CA ALA F 85 30.24 -12.95 -17.76
C ALA F 85 29.40 -13.99 -18.49
N GLN F 86 29.67 -15.27 -18.27
CA GLN F 86 28.92 -16.32 -18.96
C GLN F 86 27.44 -16.32 -18.53
N MET F 87 27.20 -16.17 -17.24
CA MET F 87 25.86 -16.18 -16.69
C MET F 87 25.05 -14.96 -17.16
N MET F 88 25.67 -13.77 -17.15
CA MET F 88 24.99 -12.58 -17.60
C MET F 88 24.68 -12.66 -19.10
N ARG F 89 25.53 -13.30 -19.87
CA ARG F 89 25.26 -13.41 -21.31
C ARG F 89 23.99 -14.21 -21.52
N GLY F 90 23.79 -15.23 -20.69
CA GLY F 90 22.59 -16.04 -20.71
C GLY F 90 21.36 -15.21 -20.39
N ARG F 91 21.48 -14.31 -19.41
CA ARG F 91 20.38 -13.42 -19.04
C ARG F 91 20.05 -12.39 -20.13
N LEU F 92 21.04 -12.00 -20.92
CA LEU F 92 20.82 -11.10 -22.07
C LEU F 92 20.06 -11.86 -23.16
N ARG F 93 20.47 -13.11 -23.39
CA ARG F 93 19.87 -13.93 -24.42
C ARG F 93 18.40 -14.20 -24.07
N LYS F 94 18.10 -14.26 -22.76
CA LYS F 94 16.73 -14.49 -22.29
C LYS F 94 15.89 -13.27 -22.48
N ILE F 95 16.40 -12.13 -22.02
CA ILE F 95 15.64 -10.88 -22.00
C ILE F 95 15.44 -10.26 -23.39
N THR F 96 16.16 -10.73 -24.42
CA THR F 96 15.96 -10.26 -25.80
C THR F 96 15.29 -11.36 -26.61
N SER F 97 14.22 -11.92 -26.03
CA SER F 97 13.45 -12.94 -26.70
C SER F 97 11.96 -12.63 -26.49
N ASP F 98 11.16 -12.94 -27.52
CA ASP F 98 9.71 -12.69 -27.52
C ASP F 98 8.89 -13.71 -26.71
N VAL F 99 9.59 -14.57 -25.96
CA VAL F 99 8.97 -15.56 -25.09
C VAL F 99 9.46 -15.42 -23.61
N SER F 100 10.11 -14.30 -23.28
CA SER F 100 10.53 -14.00 -21.91
C SER F 100 9.41 -13.19 -21.25
N TRP F 101 8.54 -13.88 -20.52
CA TRP F 101 7.23 -13.35 -20.15
C TRP F 101 7.26 -12.29 -19.03
N SER F 102 8.24 -12.40 -18.12
CA SER F 102 8.46 -11.37 -17.08
C SER F 102 8.86 -9.98 -17.65
N GLU F 103 9.41 -9.97 -18.87
CA GLU F 103 9.80 -8.73 -19.58
C GLU F 103 9.28 -8.66 -21.05
N ASN F 104 8.09 -9.21 -21.26
CA ASN F 104 7.33 -9.12 -22.51
C ASN F 104 5.88 -9.51 -22.17
N PRO F 105 5.04 -8.52 -21.83
CA PRO F 105 5.36 -7.09 -21.92
C PRO F 105 6.41 -6.63 -20.95
N ALA F 106 7.13 -5.58 -21.32
CA ALA F 106 8.26 -5.12 -20.54
C ALA F 106 7.80 -4.21 -19.42
N SER F 107 8.43 -4.32 -18.25
CA SER F 107 8.21 -3.39 -17.18
C SER F 107 8.81 -2.04 -17.54
N ARG F 108 8.35 -1.01 -16.83
CA ARG F 108 8.91 0.31 -16.93
C ARG F 108 9.68 0.57 -15.66
N THR F 109 10.98 0.85 -15.80
CA THR F 109 11.86 1.10 -14.66
C THR F 109 12.44 2.50 -14.67
N ARG F 110 12.85 2.97 -13.48
CA ARG F 110 13.58 4.22 -13.36
C ARG F 110 14.65 4.04 -12.34
N HIS F 111 15.90 4.25 -12.75
CA HIS F 111 17.03 4.20 -11.85
C HIS F 111 17.44 5.64 -11.54
N VAL F 112 17.03 6.11 -10.37
CA VAL F 112 17.39 7.45 -9.89
C VAL F 112 18.65 7.29 -9.08
N ILE F 113 19.77 7.63 -9.68
CA ILE F 113 21.09 7.48 -9.07
C ILE F 113 21.53 8.78 -8.38
N SER F 114 22.18 8.66 -7.23
CA SER F 114 22.81 9.83 -6.57
C SER F 114 23.92 9.43 -5.58
N ASN F 115 24.46 10.42 -4.85
CA ASN F 115 25.45 10.18 -3.80
C ASN F 115 26.71 9.50 -4.30
N VAL F 116 27.11 9.85 -5.53
CA VAL F 116 28.29 9.26 -6.17
C VAL F 116 29.59 9.79 -5.50
N MET F 117 30.32 8.88 -4.87
CA MET F 117 31.63 9.14 -4.25
C MET F 117 32.65 8.21 -4.90
N ILE F 118 33.81 8.76 -5.27
CA ILE F 118 34.83 8.05 -6.04
C ILE F 118 36.19 8.01 -5.34
N VAL F 119 36.72 6.80 -5.22
CA VAL F 119 38.04 6.54 -4.65
C VAL F 119 38.88 5.82 -5.71
N ASP F 120 40.18 6.13 -5.74
CA ASP F 120 41.08 5.54 -6.76
C ASP F 120 41.37 4.09 -6.43
N GLY F 121 41.30 3.24 -7.45
CA GLY F 121 41.55 1.82 -7.32
C GLY F 121 43.02 1.46 -7.16
N GLU F 122 43.25 0.17 -6.97
CA GLU F 122 44.59 -0.36 -6.77
C GLU F 122 45.41 -0.19 -8.06
N LYS F 123 44.95 -0.83 -9.13
CA LYS F 123 45.55 -0.64 -10.46
C LYS F 123 45.07 0.71 -11.02
N PRO F 124 45.89 1.44 -11.77
CA PRO F 124 45.43 2.70 -12.38
C PRO F 124 44.46 2.45 -13.54
N GLY F 125 43.57 3.40 -13.78
CA GLY F 125 42.45 3.18 -14.69
C GLY F 125 41.22 2.55 -14.02
N GLU F 126 41.40 2.05 -12.79
CA GLU F 126 40.32 1.47 -12.01
C GLU F 126 39.89 2.42 -10.89
N TYR F 127 38.65 2.28 -10.44
CA TYR F 127 38.00 3.27 -9.55
C TYR F 127 36.93 2.63 -8.65
N HIS F 128 37.12 2.69 -7.34
CA HIS F 128 36.06 2.29 -6.43
C HIS F 128 34.97 3.36 -6.36
N VAL F 129 33.72 2.98 -6.65
CA VAL F 129 32.60 3.91 -6.61
C VAL F 129 31.46 3.46 -5.66
N SER F 130 30.97 4.37 -4.83
CA SER F 130 29.75 4.15 -4.06
C SER F 130 28.64 5.07 -4.51
N SER F 131 27.45 4.53 -4.75
CA SER F 131 26.29 5.38 -5.02
C SER F 131 25.01 4.73 -4.49
N VAL F 132 23.98 5.54 -4.37
CA VAL F 132 22.71 5.07 -3.90
C VAL F 132 21.75 5.12 -5.07
N PHE F 133 20.61 4.47 -4.91
CA PHE F 133 19.63 4.46 -5.98
C PHE F 133 18.23 4.32 -5.40
N ILE F 134 17.25 4.84 -6.12
CA ILE F 134 15.92 4.30 -6.03
C ILE F 134 15.62 3.66 -7.37
N VAL F 135 15.11 2.42 -7.32
CA VAL F 135 14.57 1.80 -8.50
C VAL F 135 13.06 1.66 -8.33
N TYR F 136 12.36 2.32 -9.24
CA TYR F 136 10.93 2.42 -9.32
C TYR F 136 10.55 1.55 -10.50
N ARG F 137 9.73 0.56 -10.26
CA ARG F 137 9.40 -0.41 -11.27
C ARG F 137 7.92 -0.62 -11.27
N ASN F 138 7.32 -0.39 -12.43
CA ASN F 138 5.89 -0.43 -12.63
C ASN F 138 5.61 -1.39 -13.77
N ARG F 139 4.70 -2.33 -13.57
CA ARG F 139 4.31 -3.18 -14.68
C ARG F 139 2.83 -3.52 -14.77
N LEU F 140 2.45 -4.03 -15.94
CA LEU F 140 1.07 -4.36 -16.26
C LEU F 140 0.16 -3.14 -16.00
N GLU F 141 -0.98 -3.35 -15.38
CA GLU F 141 -1.92 -2.27 -15.13
C GLU F 141 -1.50 -1.40 -13.94
N ARG F 142 -1.20 -2.03 -12.80
CA ARG F 142 -1.02 -1.26 -11.55
C ARG F 142 0.06 -1.75 -10.59
N GLN F 143 0.96 -2.60 -11.06
CA GLN F 143 1.99 -3.13 -10.18
C GLN F 143 3.02 -2.02 -9.94
N LEU F 144 3.43 -1.87 -8.69
CA LEU F 144 4.42 -0.89 -8.29
C LEU F 144 5.36 -1.45 -7.23
N ASP F 145 6.61 -1.68 -7.61
CA ASP F 145 7.67 -2.11 -6.70
C ASP F 145 8.68 -0.99 -6.55
N ILE F 146 8.94 -0.51 -5.33
CA ILE F 146 9.98 0.52 -5.11
C ILE F 146 11.12 0.00 -4.23
N PHE F 147 12.33 0.13 -4.78
CA PHE F 147 13.54 -0.41 -4.19
C PHE F 147 14.49 0.73 -3.85
N ALA F 148 15.39 0.47 -2.94
CA ALA F 148 16.53 1.34 -2.75
C ALA F 148 17.74 0.55 -2.27
N GLY F 149 18.90 1.18 -2.35
CA GLY F 149 20.13 0.56 -1.90
C GLY F 149 21.40 1.32 -2.25
N GLU F 150 22.51 0.60 -2.13
CA GLU F 150 23.82 1.06 -2.54
C GLU F 150 24.36 0.16 -3.64
N ARG F 151 25.14 0.72 -4.56
CA ARG F 151 25.94 -0.10 -5.48
C ARG F 151 27.42 0.26 -5.28
N LYS F 152 28.22 -0.71 -4.81
CA LYS F 152 29.66 -0.58 -4.68
C LYS F 152 30.29 -1.22 -5.91
N ASP F 153 30.82 -0.37 -6.79
CA ASP F 153 31.38 -0.78 -8.08
C ASP F 153 32.90 -0.65 -8.14
N ILE F 154 33.48 -1.39 -9.07
CA ILE F 154 34.81 -1.11 -9.56
C ILE F 154 34.60 -0.85 -11.04
N LEU F 155 34.84 0.38 -11.47
CA LEU F 155 34.77 0.75 -12.87
C LEU F 155 36.20 0.78 -13.44
N ARG F 156 36.35 0.33 -14.69
CA ARG F 156 37.65 0.27 -15.36
C ARG F 156 37.68 1.02 -16.69
N ARG F 157 38.71 1.84 -16.84
CA ARG F 157 38.90 2.69 -18.01
C ARG F 157 39.00 1.84 -19.27
N THR F 158 38.57 2.43 -20.39
CA THR F 158 38.36 1.69 -21.63
C THR F 158 38.27 2.68 -22.80
N GLY F 159 38.58 2.21 -24.01
CA GLY F 159 38.64 3.07 -25.18
C GLY F 159 37.30 3.34 -25.86
N SER F 160 36.23 2.69 -25.41
CA SER F 160 34.90 2.86 -25.99
C SER F 160 34.30 4.23 -25.74
N GLU F 161 33.21 4.51 -26.47
CA GLU F 161 32.44 5.73 -26.30
C GLU F 161 31.94 5.86 -24.86
N ALA F 162 31.49 4.77 -24.27
CA ALA F 162 31.09 4.76 -22.86
C ALA F 162 32.18 5.23 -21.88
N GLY F 163 33.44 4.87 -22.12
CA GLY F 163 34.54 5.35 -21.29
C GLY F 163 35.00 4.39 -20.20
N PHE F 164 34.12 3.51 -19.75
CA PHE F 164 34.41 2.54 -18.71
C PHE F 164 33.73 1.21 -18.98
N GLU F 165 34.22 0.18 -18.29
CA GLU F 165 33.48 -1.09 -18.19
C GLU F 165 33.27 -1.44 -16.72
N LEU F 166 32.09 -1.95 -16.39
CA LEU F 166 31.81 -2.40 -15.04
C LEU F 166 32.55 -3.71 -14.80
N ALA F 167 33.62 -3.64 -14.02
CA ALA F 167 34.37 -4.83 -13.60
C ALA F 167 33.71 -5.58 -12.43
N LYS F 168 33.18 -4.85 -11.45
CA LYS F 168 32.53 -5.48 -10.30
C LYS F 168 31.37 -4.63 -9.81
N ARG F 169 30.38 -5.27 -9.21
CA ARG F 169 29.22 -4.56 -8.62
C ARG F 169 28.57 -5.37 -7.53
N THR F 170 28.44 -4.76 -6.36
CA THR F 170 27.79 -5.37 -5.22
C THR F 170 26.60 -4.46 -4.92
N ILE F 171 25.39 -4.99 -5.07
CA ILE F 171 24.16 -4.26 -4.81
C ILE F 171 23.71 -4.63 -3.41
N LEU F 172 23.73 -3.67 -2.51
CA LEU F 172 23.25 -3.86 -1.16
C LEU F 172 21.83 -3.31 -1.13
N ILE F 173 20.85 -4.21 -1.04
CA ILE F 173 19.44 -3.82 -1.14
C ILE F 173 18.88 -3.60 0.24
N ASP F 174 18.13 -2.53 0.42
CA ASP F 174 17.49 -2.23 1.71
C ASP F 174 16.19 -2.98 1.84
N GLN F 175 16.27 -4.30 1.73
CA GLN F 175 15.16 -5.17 2.03
C GLN F 175 15.72 -6.49 2.57
N SER F 176 14.98 -7.07 3.52
CA SER F 176 15.22 -8.43 3.96
C SER F 176 14.47 -9.35 3.01
N THR F 177 13.23 -9.67 3.35
CA THR F 177 12.31 -10.29 2.43
C THR F 177 12.17 -9.31 1.27
N ILE F 178 12.38 -9.82 0.05
CA ILE F 178 12.20 -9.04 -1.16
C ILE F 178 10.72 -8.78 -1.44
N LEU F 179 10.36 -7.50 -1.58
CA LEU F 179 8.97 -7.07 -1.77
C LEU F 179 8.62 -6.97 -3.26
N SER F 180 8.73 -8.09 -3.95
CA SER F 180 8.49 -8.17 -5.37
C SER F 180 8.32 -9.62 -5.75
N ASN F 181 7.47 -9.87 -6.73
CA ASN F 181 7.21 -11.21 -7.20
C ASN F 181 8.42 -11.84 -7.90
N ASN F 182 9.32 -10.98 -8.37
CA ASN F 182 10.58 -11.41 -9.00
C ASN F 182 11.62 -10.26 -8.99
N LEU F 183 12.76 -10.51 -9.64
CA LEU F 183 13.84 -9.55 -9.85
C LEU F 183 14.29 -9.75 -11.32
N SER F 184 13.39 -9.40 -12.22
CA SER F 184 13.56 -9.66 -13.64
C SER F 184 14.21 -8.53 -14.44
N PHE F 185 14.67 -7.48 -13.75
CA PHE F 185 15.39 -6.37 -14.34
C PHE F 185 16.79 -6.33 -13.70
N PHE F 186 17.59 -5.32 -14.03
CA PHE F 186 18.93 -5.18 -13.47
C PHE F 186 19.12 -3.90 -12.65
N PHE F 187 19.78 -4.03 -11.51
CA PHE F 187 20.20 -2.89 -10.70
C PHE F 187 21.55 -2.35 -11.20
FE FE2 G . 5.99 2.81 27.02
FE1 FES H . -22.37 19.21 0.23
FE2 FES H . -23.73 18.31 -2.03
S1 FES H . -23.70 20.31 -1.14
S2 FES H . -22.34 17.20 -0.68
C1 BNL I . 6.85 4.92 30.68
C2 BNL I . 5.79 5.17 31.55
C3 BNL I . 6.02 5.76 32.78
C4 BNL I . 7.31 6.11 33.16
C5 BNL I . 8.38 5.86 32.29
C6 BNL I . 8.15 5.27 31.05
C12 BNL I . 2.52 3.49 31.51
C13 BNL I . 1.98 3.97 30.33
C14 BNL I . 2.72 4.87 29.56
C15 BNL I . 3.99 5.27 29.97
C16 BNL I . 4.52 4.79 31.16
C17 BNL I . 3.80 3.88 31.93
FE FE2 J . -17.62 17.90 -12.32
FE1 FES K . -3.63 -21.24 -19.82
FE2 FES K . -2.75 -23.47 -18.48
S1 FES K . -2.72 -23.09 -20.65
S2 FES K . -3.58 -21.61 -17.63
C1 BNL L . -22.15 18.40 -15.37
C2 BNL L . -20.78 18.49 -15.54
C3 BNL L . -19.95 17.39 -15.28
C4 BNL L . -20.52 16.20 -14.85
C5 BNL L . -21.89 16.12 -14.67
C6 BNL L . -22.72 17.21 -14.94
C12 BNL L . -18.61 21.46 -15.55
C13 BNL L . -19.06 22.11 -16.70
C14 BNL L . -20.08 21.55 -17.47
C15 BNL L . -20.67 20.34 -17.10
C16 BNL L . -20.21 19.69 -15.95
C17 BNL L . -19.19 20.25 -15.17
FE FE2 M . 7.93 -22.86 -13.51
FE1 FES N . 6.04 -10.39 26.77
FE2 FES N . 4.56 -8.68 28.35
S1 FES N . 6.33 -9.85 28.85
S2 FES N . 4.30 -9.17 26.20
C1 BNL O . 11.11 -28.51 -14.36
C2 BNL O . 10.38 -27.38 -14.01
C3 BNL O . 10.64 -26.16 -14.68
C4 BNL O . 11.62 -26.10 -15.68
C5 BNL O . 12.35 -27.24 -16.03
C6 BNL O . 12.08 -28.45 -15.36
C12 BNL O . 8.36 -26.55 -11.04
C13 BNL O . 7.35 -27.50 -11.13
C14 BNL O . 7.34 -28.42 -12.19
C15 BNL O . 8.35 -28.37 -13.14
C16 BNL O . 9.38 -27.42 -13.04
C17 BNL O . 9.37 -26.51 -11.99
#